data_3GM7
# 
_entry.id   3GM7 
# 
_audit_conform.dict_name       mmcif_pdbx.dic 
_audit_conform.dict_version    5.387 
_audit_conform.dict_location   http://mmcif.pdb.org/dictionaries/ascii/mmcif_pdbx.dic 
# 
loop_
_database_2.database_id 
_database_2.database_code 
_database_2.pdbx_database_accession 
_database_2.pdbx_DOI 
PDB   3GM7         pdb_00003gm7 10.2210/pdb3gm7/pdb 
NDB   AR0104       ?            ?                   
RCSB  RCSB052034   ?            ?                   
WWPDB D_1000052034 ?            ?                   
# 
loop_
_pdbx_audit_revision_history.ordinal 
_pdbx_audit_revision_history.data_content_type 
_pdbx_audit_revision_history.major_revision 
_pdbx_audit_revision_history.minor_revision 
_pdbx_audit_revision_history.revision_date 
1 'Structure model' 1 0 2009-05-26 
2 'Structure model' 1 1 2011-07-13 
3 'Structure model' 1 2 2011-10-05 
4 'Structure model' 1 3 2024-02-21 
# 
_pdbx_audit_revision_details.ordinal             1 
_pdbx_audit_revision_details.revision_ordinal    1 
_pdbx_audit_revision_details.data_content_type   'Structure model' 
_pdbx_audit_revision_details.provider            repository 
_pdbx_audit_revision_details.type                'Initial release' 
_pdbx_audit_revision_details.description         ? 
_pdbx_audit_revision_details.details             ? 
# 
loop_
_pdbx_audit_revision_group.ordinal 
_pdbx_audit_revision_group.revision_ordinal 
_pdbx_audit_revision_group.data_content_type 
_pdbx_audit_revision_group.group 
1 2 'Structure model' 'Version format compliance' 
2 3 'Structure model' Other                       
3 4 'Structure model' 'Data collection'           
4 4 'Structure model' 'Database references'       
# 
loop_
_pdbx_audit_revision_category.ordinal 
_pdbx_audit_revision_category.revision_ordinal 
_pdbx_audit_revision_category.data_content_type 
_pdbx_audit_revision_category.category 
1 4 'Structure model' chem_comp_atom 
2 4 'Structure model' chem_comp_bond 
3 4 'Structure model' database_2     
# 
loop_
_pdbx_audit_revision_item.ordinal 
_pdbx_audit_revision_item.revision_ordinal 
_pdbx_audit_revision_item.data_content_type 
_pdbx_audit_revision_item.item 
1 4 'Structure model' '_database_2.pdbx_DOI'                
2 4 'Structure model' '_database_2.pdbx_database_accession' 
# 
_pdbx_database_status.status_code                     REL 
_pdbx_database_status.entry_id                        3GM7 
_pdbx_database_status.recvd_initial_deposition_date   2009-03-13 
_pdbx_database_status.deposit_site                    RCSB 
_pdbx_database_status.process_site                    RCSB 
_pdbx_database_status.status_code_sf                  REL 
_pdbx_database_status.status_code_mr                  ? 
_pdbx_database_status.SG_entry                        ? 
_pdbx_database_status.status_code_cs                  ? 
_pdbx_database_status.pdb_format_compatible           Y 
_pdbx_database_status.status_code_nmr_data            ? 
_pdbx_database_status.methods_development_category    ? 
# 
loop_
_pdbx_database_related.db_name 
_pdbx_database_related.db_id 
_pdbx_database_related.details 
_pdbx_database_related.content_type 
PDB 1ZEV 'The refined model is based on a detwinned X-ray data deposited by Mooers et al. (PNAS 102, 16626-16631, 2005)' 
re-refinement 
PDB 3GLP '1.23 A resolution X-ray structure of (GCUGCUGC)2 (a shorter oligomer containing CUG repeats)'                  
unspecified   
# 
loop_
_audit_author.name 
_audit_author.pdbx_ordinal 
'Kiliszek, A.'     1 
'Kierzek, R.'      2 
'Krzyzosiak, W.J.' 3 
'Rypniewski, W.'   4 
# 
loop_
_citation.id 
_citation.title 
_citation.journal_abbrev 
_citation.journal_volume 
_citation.page_first 
_citation.page_last 
_citation.year 
_citation.journal_id_ASTM 
_citation.country 
_citation.journal_id_ISSN 
_citation.journal_id_CSD 
_citation.book_publisher 
_citation.pdbx_database_id_PubMed 
_citation.pdbx_database_id_DOI 
primary         
;Structural insights into CUG repeats containing the 'stretched U-U wobble': implications for myotonic dystrophy.
;
'Nucleic Acids Res.'   37  4149  4156  2009 NARHAD UK 0305-1048 0389 ? 19433512 10.1093/nar/gkp350      
original_data_1 'The structural basis of myotonic dystrophy from the crystal structure of CUG repeats.'                            
Proc.Natl.Acad.Sci.USA 102 16626 16631 2005 PNASA6 US 0027-8424 0040 ? 16269545 10.1073/pnas.0505873102 
# 
loop_
_citation_author.citation_id 
_citation_author.name 
_citation_author.ordinal 
_citation_author.identifier_ORCID 
primary         'Kiliszek, A.'     1 ? 
primary         'Kierzek, R.'      2 ? 
primary         'Krzyzosiak, W.J.' 3 ? 
primary         'Rypniewski, W.'   4 ? 
original_data_1 'Mooers, B.H.'     5 ? 
original_data_1 'Logue, J.S.'      6 ? 
original_data_1 'Berglund, J.A.'   7 ? 
# 
loop_
_entity.id 
_entity.type 
_entity.src_method 
_entity.pdbx_description 
_entity.formula_weight 
_entity.pdbx_number_of_molecules 
_entity.pdbx_ec 
_entity.pdbx_mutation 
_entity.pdbx_fragment 
_entity.details 
1 polymer syn "5'-R(*CP*UP*GP*CP*UP*GP*CP*UP*GP*CP*UP*GP*CP*UP*GP*CP*UP*G)-3'" 5694.363 2  ? ? ? '(CUG)6 RNA duplex' 
2 water   nat water                                                            18.015   52 ? ? ? ?                   
# 
_entity_poly.entity_id                      1 
_entity_poly.type                           polyribonucleotide 
_entity_poly.nstd_linkage                   no 
_entity_poly.nstd_monomer                   no 
_entity_poly.pdbx_seq_one_letter_code       CUGCUGCUGCUGCUGCUG 
_entity_poly.pdbx_seq_one_letter_code_can   CUGCUGCUGCUGCUGCUG 
_entity_poly.pdbx_strand_id                 G,H 
_entity_poly.pdbx_target_identifier         ? 
# 
_pdbx_entity_nonpoly.entity_id   2 
_pdbx_entity_nonpoly.name        water 
_pdbx_entity_nonpoly.comp_id     HOH 
# 
loop_
_entity_poly_seq.entity_id 
_entity_poly_seq.num 
_entity_poly_seq.mon_id 
_entity_poly_seq.hetero 
1 1  C n 
1 2  U n 
1 3  G n 
1 4  C n 
1 5  U n 
1 6  G n 
1 7  C n 
1 8  U n 
1 9  G n 
1 10 C n 
1 11 U n 
1 12 G n 
1 13 C n 
1 14 U n 
1 15 G n 
1 16 C n 
1 17 U n 
1 18 G n 
# 
_pdbx_entity_src_syn.entity_id              1 
_pdbx_entity_src_syn.pdbx_src_id            1 
_pdbx_entity_src_syn.pdbx_alt_source_flag   sample 
_pdbx_entity_src_syn.pdbx_beg_seq_num       ? 
_pdbx_entity_src_syn.pdbx_end_seq_num       ? 
_pdbx_entity_src_syn.organism_scientific    ? 
_pdbx_entity_src_syn.organism_common_name   ? 
_pdbx_entity_src_syn.ncbi_taxonomy_id       ? 
_pdbx_entity_src_syn.details                'Synthetic mRNA with the sequence of the part of human mRNA' 
# 
loop_
_chem_comp.id 
_chem_comp.type 
_chem_comp.mon_nstd_flag 
_chem_comp.name 
_chem_comp.pdbx_synonyms 
_chem_comp.formula 
_chem_comp.formula_weight 
C   'RNA linking' y "CYTIDINE-5'-MONOPHOSPHATE"  ? 'C9 H14 N3 O8 P'  323.197 
G   'RNA linking' y "GUANOSINE-5'-MONOPHOSPHATE" ? 'C10 H14 N5 O8 P' 363.221 
HOH non-polymer   . WATER                        ? 'H2 O'            18.015  
U   'RNA linking' y "URIDINE-5'-MONOPHOSPHATE"   ? 'C9 H13 N2 O9 P'  324.181 
# 
loop_
_pdbx_poly_seq_scheme.asym_id 
_pdbx_poly_seq_scheme.entity_id 
_pdbx_poly_seq_scheme.seq_id 
_pdbx_poly_seq_scheme.mon_id 
_pdbx_poly_seq_scheme.ndb_seq_num 
_pdbx_poly_seq_scheme.pdb_seq_num 
_pdbx_poly_seq_scheme.auth_seq_num 
_pdbx_poly_seq_scheme.pdb_mon_id 
_pdbx_poly_seq_scheme.auth_mon_id 
_pdbx_poly_seq_scheme.pdb_strand_id 
_pdbx_poly_seq_scheme.pdb_ins_code 
_pdbx_poly_seq_scheme.hetero 
A 1 1  C 1  1  1  C C G . n 
A 1 2  U 2  2  2  U U G . n 
A 1 3  G 3  3  3  G G G . n 
A 1 4  C 4  4  4  C C G . n 
A 1 5  U 5  5  5  U U G . n 
A 1 6  G 6  6  6  G G G . n 
A 1 7  C 7  7  7  C C G . n 
A 1 8  U 8  8  8  U U G . n 
A 1 9  G 9  9  9  G G G . n 
A 1 10 C 10 10 10 C C G . n 
A 1 11 U 11 11 11 U U G . n 
A 1 12 G 12 12 12 G G G . n 
A 1 13 C 13 13 13 C C G . n 
A 1 14 U 14 14 14 U U G . n 
A 1 15 G 15 15 15 G G G . n 
A 1 16 C 16 16 16 C C G . n 
A 1 17 U 17 17 17 U U G . n 
A 1 18 G 18 18 18 G G G . n 
B 1 1  C 1  1  1  C C H . n 
B 1 2  U 2  2  2  U U H . n 
B 1 3  G 3  3  3  G G H . n 
B 1 4  C 4  4  4  C C H . n 
B 1 5  U 5  5  5  U U H . n 
B 1 6  G 6  6  6  G G H . n 
B 1 7  C 7  7  7  C C H . n 
B 1 8  U 8  8  8  U U H . n 
B 1 9  G 9  9  9  G G H . n 
B 1 10 C 10 10 10 C C H . n 
B 1 11 U 11 11 11 U U H . n 
B 1 12 G 12 12 12 G G H . n 
B 1 13 C 13 13 13 C C H . n 
B 1 14 U 14 14 14 U U H . n 
B 1 15 G 15 15 15 G G H . n 
B 1 16 C 16 16 16 C C H . n 
B 1 17 U 17 17 17 U U H . n 
B 1 18 G 18 18 18 G G H . n 
# 
loop_
_pdbx_nonpoly_scheme.asym_id 
_pdbx_nonpoly_scheme.entity_id 
_pdbx_nonpoly_scheme.mon_id 
_pdbx_nonpoly_scheme.ndb_seq_num 
_pdbx_nonpoly_scheme.pdb_seq_num 
_pdbx_nonpoly_scheme.auth_seq_num 
_pdbx_nonpoly_scheme.pdb_mon_id 
_pdbx_nonpoly_scheme.auth_mon_id 
_pdbx_nonpoly_scheme.pdb_strand_id 
_pdbx_nonpoly_scheme.pdb_ins_code 
C 2 HOH 1  19 1  HOH HOH G . 
C 2 HOH 2  20 20 HOH HOH G . 
C 2 HOH 3  21 21 HOH HOH G . 
C 2 HOH 4  22 2  HOH HOH G . 
C 2 HOH 5  23 23 HOH HOH G . 
C 2 HOH 6  24 24 HOH HOH G . 
C 2 HOH 7  25 25 HOH HOH G . 
C 2 HOH 8  26 26 HOH HOH G . 
C 2 HOH 9  27 27 HOH HOH G . 
C 2 HOH 10 28 28 HOH HOH G . 
C 2 HOH 11 29 29 HOH HOH G . 
C 2 HOH 12 30 3  HOH HOH G . 
C 2 HOH 13 31 31 HOH HOH G . 
C 2 HOH 14 32 4  HOH HOH G . 
C 2 HOH 15 33 6  HOH HOH G . 
C 2 HOH 16 34 7  HOH HOH G . 
C 2 HOH 17 35 12 HOH HOH G . 
C 2 HOH 18 36 36 HOH HOH G . 
C 2 HOH 19 37 37 HOH HOH G . 
C 2 HOH 20 38 14 HOH HOH G . 
C 2 HOH 21 39 39 HOH HOH G . 
C 2 HOH 22 40 15 HOH HOH G . 
C 2 HOH 23 49 49 HOH HOH G . 
D 2 HOH 1  19 19 HOH HOH H . 
D 2 HOH 2  20 5  HOH HOH H . 
D 2 HOH 3  21 9  HOH HOH H . 
D 2 HOH 4  22 22 HOH HOH H . 
D 2 HOH 5  23 10 HOH HOH H . 
D 2 HOH 6  24 11 HOH HOH H . 
D 2 HOH 7  25 13 HOH HOH H . 
D 2 HOH 8  26 16 HOH HOH H . 
D 2 HOH 9  27 17 HOH HOH H . 
D 2 HOH 10 28 18 HOH HOH H . 
D 2 HOH 11 30 30 HOH HOH H . 
D 2 HOH 12 32 32 HOH HOH H . 
D 2 HOH 13 33 33 HOH HOH H . 
D 2 HOH 14 34 34 HOH HOH H . 
D 2 HOH 15 35 35 HOH HOH H . 
D 2 HOH 16 38 38 HOH HOH H . 
D 2 HOH 17 40 40 HOH HOH H . 
D 2 HOH 18 41 41 HOH HOH H . 
D 2 HOH 19 42 42 HOH HOH H . 
D 2 HOH 20 43 43 HOH HOH H . 
D 2 HOH 21 44 44 HOH HOH H . 
D 2 HOH 22 45 45 HOH HOH H . 
D 2 HOH 23 46 46 HOH HOH H . 
D 2 HOH 24 47 47 HOH HOH H . 
D 2 HOH 25 48 48 HOH HOH H . 
D 2 HOH 26 50 50 HOH HOH H . 
D 2 HOH 27 51 51 HOH HOH H . 
D 2 HOH 28 52 52 HOH HOH H . 
D 2 HOH 29 53 53 HOH HOH H . 
# 
_software.name             SHELXL-97 
_software.classification   refinement 
_software.version          . 
_software.citation_id      ? 
_software.pdbx_ordinal     1 
# 
_cell.entry_id           3GM7 
_cell.length_a           39.102 
_cell.length_b           39.102 
_cell.length_c           141.277 
_cell.angle_alpha        90.00 
_cell.angle_beta         90.00 
_cell.angle_gamma        120.00 
_cell.Z_PDB              18 
_cell.pdbx_unique_axis   ? 
_cell.length_a_esd       ? 
_cell.length_b_esd       ? 
_cell.length_c_esd       ? 
_cell.angle_alpha_esd    ? 
_cell.angle_beta_esd     ? 
_cell.angle_gamma_esd    ? 
# 
_symmetry.entry_id                         3GM7 
_symmetry.space_group_name_H-M             'H 3' 
_symmetry.pdbx_full_space_group_name_H-M   ? 
_symmetry.cell_setting                     ? 
_symmetry.Int_Tables_number                146 
_symmetry.space_group_name_Hall            ? 
# 
_exptl.entry_id          3GM7 
_exptl.method            'X-RAY DIFFRACTION' 
_exptl.crystals_number   1 
# 
_exptl_crystal.id                    1 
_exptl_crystal.density_meas          ? 
_exptl_crystal.density_Matthews      1.83 
_exptl_crystal.density_percent_sol   32.61 
_exptl_crystal.description           ? 
_exptl_crystal.F_000                 ? 
_exptl_crystal.preparation           ? 
# 
_exptl_crystal_grow.crystal_id      1 
_exptl_crystal_grow.method          'VAPOR DIFFUSION, HANGING DROP' 
_exptl_crystal_grow.temp            277 
_exptl_crystal_grow.temp_details    ? 
_exptl_crystal_grow.pH              7.0 
_exptl_crystal_grow.pdbx_details    'MOPS, NaCl, MgCl2, MPD, pH 7.0, VAPOR DIFFUSION, HANGING DROP, temperature 277K' 
_exptl_crystal_grow.pdbx_pH_range   ? 
# 
loop_
_exptl_crystal_grow_comp.crystal_id 
_exptl_crystal_grow_comp.id 
_exptl_crystal_grow_comp.sol_id 
_exptl_crystal_grow_comp.name 
_exptl_crystal_grow_comp.volume 
_exptl_crystal_grow_comp.conc 
_exptl_crystal_grow_comp.details 
1 1 1 MOPS                 ? ? ? 
1 2 1 'Sodium chloride'    ? ? ? 
1 3 1 'Magnesium chloride' ? ? ? 
1 4 1 MPD                  ? ? ? 
1 5 2 MOPS                 ? ? ? 
1 6 2 'Sodium chloride'    ? ? ? 
1 7 2 'Magnesium chloride' ? ? ? 
1 8 2 MPD                  ? ? ? 
# 
_diffrn.id                     1 
_diffrn.ambient_temp           ? 
_diffrn.ambient_temp_details   ? 
_diffrn.crystal_id             1 
# 
_diffrn_radiation.diffrn_id                        1 
_diffrn_radiation.wavelength_id                    1 
_diffrn_radiation.pdbx_monochromatic_or_laue_m_l   ? 
_diffrn_radiation.monochromator                    ? 
_diffrn_radiation.pdbx_diffrn_protocol             ? 
_diffrn_radiation.pdbx_scattering_type             x-ray 
# 
_diffrn_radiation_wavelength.id           1 
_diffrn_radiation_wavelength.wavelength   . 
_diffrn_radiation_wavelength.wt           1.0 
# 
_refine.entry_id                                 3GM7 
_refine.ls_d_res_high                            1.58 
_refine.ls_d_res_low                             19.6 
_refine.pdbx_ls_sigma_F                          ? 
_refine.pdbx_ls_sigma_I                          ? 
_refine.ls_number_reflns_all                     11009 
_refine.ls_number_reflns_obs                     9925 
_refine.ls_number_reflns_R_free                  1084 
_refine.ls_percent_reflns_obs                    99.6 
_refine.ls_R_factor_all                          ? 
_refine.ls_R_factor_obs                          0.227 
_refine.ls_R_factor_R_work                       0.219 
_refine.ls_R_factor_R_free                       0.262 
_refine.ls_redundancy_reflns_obs                 ? 
_refine.pdbx_data_cutoff_high_absF               ? 
_refine.pdbx_data_cutoff_low_absF                ? 
_refine.ls_number_parameters                     ? 
_refine.ls_number_restraints                     ? 
_refine.ls_percent_reflns_R_free                 ? 
_refine.ls_R_factor_R_free_error                 ? 
_refine.ls_R_factor_R_free_error_details         ? 
_refine.pdbx_method_to_determine_struct          'PDB entry 1ZEV' 
_refine.pdbx_starting_model                      ? 
_refine.pdbx_ls_cross_valid_method               THROUGHOUT 
_refine.pdbx_R_Free_selection_details            ? 
_refine.pdbx_stereochem_target_val_spec_case     ? 
_refine.pdbx_stereochemistry_target_values       ? 
_refine.solvent_model_details                    ? 
_refine.solvent_model_param_bsol                 ? 
_refine.solvent_model_param_ksol                 ? 
_refine.occupancy_max                            ? 
_refine.occupancy_min                            ? 
_refine.pdbx_isotropic_thermal_model             ? 
_refine.B_iso_mean                               33.8 
_refine.aniso_B[1][1]                            ? 
_refine.aniso_B[1][2]                            ? 
_refine.aniso_B[1][3]                            ? 
_refine.aniso_B[2][2]                            ? 
_refine.aniso_B[2][3]                            ? 
_refine.aniso_B[3][3]                            ? 
_refine.details                                  
'AUTHORS STATE THAT ALL THE ATOMS THAT ARE LISTED IN REMARK 500 FIT WELL THE ELECTRON DENSITY.' 
_refine.B_iso_min                                ? 
_refine.B_iso_max                                ? 
_refine.correlation_coeff_Fo_to_Fc               ? 
_refine.correlation_coeff_Fo_to_Fc_free          ? 
_refine.pdbx_solvent_vdw_probe_radii             ? 
_refine.pdbx_solvent_ion_probe_radii             ? 
_refine.pdbx_solvent_shrinkage_radii             ? 
_refine.overall_SU_R_Cruickshank_DPI             ? 
_refine.overall_SU_R_free                        ? 
_refine.overall_SU_ML                            ? 
_refine.overall_SU_B                             ? 
_refine.pdbx_overall_ESU_R_Free                  ? 
_refine.pdbx_data_cutoff_high_rms_absF           ? 
_refine.pdbx_overall_ESU_R                       ? 
_refine.ls_wR_factor_R_free                      ? 
_refine.ls_wR_factor_R_work                      ? 
_refine.overall_FOM_free_R_set                   ? 
_refine.overall_FOM_work_R_set                   ? 
_refine.pdbx_overall_phase_error                 ? 
_refine.pdbx_refine_id                           'X-RAY DIFFRACTION' 
_refine.pdbx_diffrn_id                           1 
_refine.pdbx_TLS_residual_ADP_flag               ? 
_refine.pdbx_overall_SU_R_free_Cruickshank_DPI   ? 
_refine.pdbx_overall_SU_R_Blow_DPI               ? 
_refine.pdbx_overall_SU_R_free_Blow_DPI          ? 
# 
_refine_hist.pdbx_refine_id                   'X-RAY DIFFRACTION' 
_refine_hist.cycle_id                         LAST 
_refine_hist.pdbx_number_atoms_protein        0 
_refine_hist.pdbx_number_atoms_nucleic_acid   750 
_refine_hist.pdbx_number_atoms_ligand         0 
_refine_hist.number_atoms_solvent             52 
_refine_hist.number_atoms_total               802 
_refine_hist.d_res_high                       1.58 
_refine_hist.d_res_low                        19.6 
# 
loop_
_refine_ls_restr.type 
_refine_ls_restr.dev_ideal 
_refine_ls_restr.dev_ideal_target 
_refine_ls_restr.weight 
_refine_ls_restr.number 
_refine_ls_restr.pdbx_refine_id 
_refine_ls_restr.pdbx_restraint_function 
s_bond_d              0.01  ? ? ? 'X-RAY DIFFRACTION' ? 
s_angle_d             0.028 ? ? ? 'X-RAY DIFFRACTION' ? 
s_anti_bump_dis_restr 0.34  ? ? ? 'X-RAY DIFFRACTION' ? 
s_similar_dist        0.00  ? ? ? 'X-RAY DIFFRACTION' ? 
s_non_zero_chiral_vol 0.00  ? ? ? 'X-RAY DIFFRACTION' ? 
s_from_restr_planes   0.019 ? ? ? 'X-RAY DIFFRACTION' ? 
s_approx_iso_adps     0.074 ? ? ? 'X-RAY DIFFRACTION' ? 
# 
_refine_ls_shell.pdbx_total_number_of_bins_used   ? 
_refine_ls_shell.d_res_high                       1.58 
_refine_ls_shell.d_res_low                        1.64 
_refine_ls_shell.number_reflns_R_work             ? 
_refine_ls_shell.R_factor_R_work                  0.267 
_refine_ls_shell.percent_reflns_obs               90.6 
_refine_ls_shell.R_factor_R_free                  ? 
_refine_ls_shell.R_factor_R_free_error            ? 
_refine_ls_shell.percent_reflns_R_free            ? 
_refine_ls_shell.number_reflns_R_free             103 
_refine_ls_shell.number_reflns_all                ? 
_refine_ls_shell.R_factor_all                     ? 
_refine_ls_shell.number_reflns_obs                1169 
_refine_ls_shell.redundancy_reflns_obs            ? 
_refine_ls_shell.pdbx_refine_id                   'X-RAY DIFFRACTION' 
# 
_struct.entry_id                  3GM7 
_struct.title                     '1.58 A resolution X-ray structure of (CUG)6' 
_struct.pdbx_model_details        ? 
_struct.pdbx_CASP_flag            ? 
_struct.pdbx_model_type_details   ? 
# 
_struct_keywords.entry_id        3GM7 
_struct_keywords.pdbx_keywords   RNA 
_struct_keywords.text            'stretched U-U wobble, RNA, myotonic dystrophy, CUG repeats' 
# 
loop_
_struct_asym.id 
_struct_asym.pdbx_blank_PDB_chainid_flag 
_struct_asym.pdbx_modified 
_struct_asym.entity_id 
_struct_asym.details 
A N N 1 ? 
B N N 1 ? 
C N N 2 ? 
D N N 2 ? 
# 
_struct_ref.id                         1 
_struct_ref.db_name                    PDB 
_struct_ref.db_code                    3GM7 
_struct_ref.pdbx_db_accession          3GM7 
_struct_ref.entity_id                  1 
_struct_ref.pdbx_seq_one_letter_code   CUGCUGCUGCUGCUGCUG 
_struct_ref.pdbx_align_begin           1 
_struct_ref.pdbx_db_isoform            ? 
# 
loop_
_struct_ref_seq.align_id 
_struct_ref_seq.ref_id 
_struct_ref_seq.pdbx_PDB_id_code 
_struct_ref_seq.pdbx_strand_id 
_struct_ref_seq.seq_align_beg 
_struct_ref_seq.pdbx_seq_align_beg_ins_code 
_struct_ref_seq.seq_align_end 
_struct_ref_seq.pdbx_seq_align_end_ins_code 
_struct_ref_seq.pdbx_db_accession 
_struct_ref_seq.db_align_beg 
_struct_ref_seq.pdbx_db_align_beg_ins_code 
_struct_ref_seq.db_align_end 
_struct_ref_seq.pdbx_db_align_end_ins_code 
_struct_ref_seq.pdbx_auth_seq_align_beg 
_struct_ref_seq.pdbx_auth_seq_align_end 
1 1 3GM7 G 1 ? 18 ? 3GM7 1 ? 18 ? 1 18 
2 1 3GM7 H 1 ? 18 ? 3GM7 1 ? 18 ? 1 18 
# 
_pdbx_struct_assembly.id                   1 
_pdbx_struct_assembly.details              author_and_software_defined_assembly 
_pdbx_struct_assembly.method_details       PISA 
_pdbx_struct_assembly.oligomeric_details   dimeric 
_pdbx_struct_assembly.oligomeric_count     2 
# 
loop_
_pdbx_struct_assembly_prop.biol_id 
_pdbx_struct_assembly_prop.type 
_pdbx_struct_assembly_prop.value 
_pdbx_struct_assembly_prop.details 
1 'ABSA (A^2)' 1760  ? 
1 MORE         -15.2 ? 
1 'SSA (A^2)'  6590  ? 
# 
_pdbx_struct_assembly_gen.assembly_id       1 
_pdbx_struct_assembly_gen.oper_expression   1 
_pdbx_struct_assembly_gen.asym_id_list      A,B,C,D 
# 
_pdbx_struct_oper_list.id                   1 
_pdbx_struct_oper_list.type                 'identity operation' 
_pdbx_struct_oper_list.name                 1_555 
_pdbx_struct_oper_list.symmetry_operation   x,y,z 
_pdbx_struct_oper_list.matrix[1][1]         1.0000000000 
_pdbx_struct_oper_list.matrix[1][2]         0.0000000000 
_pdbx_struct_oper_list.matrix[1][3]         0.0000000000 
_pdbx_struct_oper_list.vector[1]            0.0000000000 
_pdbx_struct_oper_list.matrix[2][1]         0.0000000000 
_pdbx_struct_oper_list.matrix[2][2]         1.0000000000 
_pdbx_struct_oper_list.matrix[2][3]         0.0000000000 
_pdbx_struct_oper_list.vector[2]            0.0000000000 
_pdbx_struct_oper_list.matrix[3][1]         0.0000000000 
_pdbx_struct_oper_list.matrix[3][2]         0.0000000000 
_pdbx_struct_oper_list.matrix[3][3]         1.0000000000 
_pdbx_struct_oper_list.vector[3]            0.0000000000 
# 
_struct_biol.id        1 
_struct_biol.details   ? 
# 
loop_
_struct_conn.id 
_struct_conn.conn_type_id 
_struct_conn.pdbx_leaving_atom_flag 
_struct_conn.pdbx_PDB_id 
_struct_conn.ptnr1_label_asym_id 
_struct_conn.ptnr1_label_comp_id 
_struct_conn.ptnr1_label_seq_id 
_struct_conn.ptnr1_label_atom_id 
_struct_conn.pdbx_ptnr1_label_alt_id 
_struct_conn.pdbx_ptnr1_PDB_ins_code 
_struct_conn.pdbx_ptnr1_standard_comp_id 
_struct_conn.ptnr1_symmetry 
_struct_conn.ptnr2_label_asym_id 
_struct_conn.ptnr2_label_comp_id 
_struct_conn.ptnr2_label_seq_id 
_struct_conn.ptnr2_label_atom_id 
_struct_conn.pdbx_ptnr2_label_alt_id 
_struct_conn.pdbx_ptnr2_PDB_ins_code 
_struct_conn.ptnr1_auth_asym_id 
_struct_conn.ptnr1_auth_comp_id 
_struct_conn.ptnr1_auth_seq_id 
_struct_conn.ptnr2_auth_asym_id 
_struct_conn.ptnr2_auth_comp_id 
_struct_conn.ptnr2_auth_seq_id 
_struct_conn.ptnr2_symmetry 
_struct_conn.pdbx_ptnr3_label_atom_id 
_struct_conn.pdbx_ptnr3_label_seq_id 
_struct_conn.pdbx_ptnr3_label_comp_id 
_struct_conn.pdbx_ptnr3_label_asym_id 
_struct_conn.pdbx_ptnr3_label_alt_id 
_struct_conn.pdbx_ptnr3_PDB_ins_code 
_struct_conn.details 
_struct_conn.pdbx_dist_value 
_struct_conn.pdbx_value_order 
_struct_conn.pdbx_role 
hydrog1  hydrog ? ? A C 1  N3 ? ? ? 1_555 B G 18 N1 ? ? G C 1  H G 18 1_555 ? ? ? ? ? ? WATSON-CRICK  ? ? ? 
hydrog2  hydrog ? ? A C 1  N4 ? ? ? 1_555 B G 18 O6 ? ? G C 1  H G 18 1_555 ? ? ? ? ? ? WATSON-CRICK  ? ? ? 
hydrog3  hydrog ? ? A C 1  O2 ? ? ? 1_555 B G 18 N2 ? ? G C 1  H G 18 1_555 ? ? ? ? ? ? WATSON-CRICK  ? ? ? 
hydrog4  hydrog ? ? A U 2  O4 ? ? ? 1_555 B U 17 N3 ? ? G U 2  H U 17 1_555 ? ? ? ? ? ? 'U-U MISPAIR' ? ? ? 
hydrog5  hydrog ? ? A G 3  N1 ? ? ? 1_555 B C 16 N3 ? ? G G 3  H C 16 1_555 ? ? ? ? ? ? WATSON-CRICK  ? ? ? 
hydrog6  hydrog ? ? A G 3  N2 ? ? ? 1_555 B C 16 O2 ? ? G G 3  H C 16 1_555 ? ? ? ? ? ? WATSON-CRICK  ? ? ? 
hydrog7  hydrog ? ? A G 3  O6 ? ? ? 1_555 B C 16 N4 ? ? G G 3  H C 16 1_555 ? ? ? ? ? ? WATSON-CRICK  ? ? ? 
hydrog8  hydrog ? ? A C 4  N3 ? ? ? 1_555 B G 15 N1 ? ? G C 4  H G 15 1_555 ? ? ? ? ? ? WATSON-CRICK  ? ? ? 
hydrog9  hydrog ? ? A C 4  N4 ? ? ? 1_555 B G 15 O6 ? ? G C 4  H G 15 1_555 ? ? ? ? ? ? WATSON-CRICK  ? ? ? 
hydrog10 hydrog ? ? A C 4  O2 ? ? ? 1_555 B G 15 N2 ? ? G C 4  H G 15 1_555 ? ? ? ? ? ? WATSON-CRICK  ? ? ? 
hydrog11 hydrog ? ? A U 5  N3 ? ? ? 1_555 B U 14 O4 ? ? G U 5  H U 14 1_555 ? ? ? ? ? ? 'U-U MISPAIR' ? ? ? 
hydrog12 hydrog ? ? A G 6  N1 ? ? ? 1_555 B C 13 N3 ? ? G G 6  H C 13 1_555 ? ? ? ? ? ? WATSON-CRICK  ? ? ? 
hydrog13 hydrog ? ? A G 6  N2 ? ? ? 1_555 B C 13 O2 ? ? G G 6  H C 13 1_555 ? ? ? ? ? ? WATSON-CRICK  ? ? ? 
hydrog14 hydrog ? ? A G 6  O6 ? ? ? 1_555 B C 13 N4 ? ? G G 6  H C 13 1_555 ? ? ? ? ? ? WATSON-CRICK  ? ? ? 
hydrog15 hydrog ? ? A C 7  N3 ? ? ? 1_555 B G 12 N1 ? ? G C 7  H G 12 1_555 ? ? ? ? ? ? WATSON-CRICK  ? ? ? 
hydrog16 hydrog ? ? A C 7  N4 ? ? ? 1_555 B G 12 O6 ? ? G C 7  H G 12 1_555 ? ? ? ? ? ? WATSON-CRICK  ? ? ? 
hydrog17 hydrog ? ? A C 7  O2 ? ? ? 1_555 B G 12 N2 ? ? G C 7  H G 12 1_555 ? ? ? ? ? ? WATSON-CRICK  ? ? ? 
hydrog18 hydrog ? ? A U 8  O4 ? ? ? 1_555 B U 11 N3 ? ? G U 8  H U 11 1_555 ? ? ? ? ? ? 'U-U MISPAIR' ? ? ? 
hydrog19 hydrog ? ? A G 9  N1 ? ? ? 1_555 B C 10 N3 ? ? G G 9  H C 10 1_555 ? ? ? ? ? ? WATSON-CRICK  ? ? ? 
hydrog20 hydrog ? ? A G 9  N2 ? ? ? 1_555 B C 10 O2 ? ? G G 9  H C 10 1_555 ? ? ? ? ? ? WATSON-CRICK  ? ? ? 
hydrog21 hydrog ? ? A G 9  O6 ? ? ? 1_555 B C 10 N4 ? ? G G 9  H C 10 1_555 ? ? ? ? ? ? WATSON-CRICK  ? ? ? 
hydrog22 hydrog ? ? A C 10 N3 ? ? ? 1_555 B G 9  N1 ? ? G C 10 H G 9  1_555 ? ? ? ? ? ? WATSON-CRICK  ? ? ? 
hydrog23 hydrog ? ? A C 10 N4 ? ? ? 1_555 B G 9  O6 ? ? G C 10 H G 9  1_555 ? ? ? ? ? ? WATSON-CRICK  ? ? ? 
hydrog24 hydrog ? ? A C 10 O2 ? ? ? 1_555 B G 9  N2 ? ? G C 10 H G 9  1_555 ? ? ? ? ? ? WATSON-CRICK  ? ? ? 
hydrog25 hydrog ? ? A U 11 N3 ? ? ? 1_555 B U 8  O4 ? ? G U 11 H U 8  1_555 ? ? ? ? ? ? 'U-U MISPAIR' ? ? ? 
hydrog26 hydrog ? ? A G 12 N1 ? ? ? 1_555 B C 7  N3 ? ? G G 12 H C 7  1_555 ? ? ? ? ? ? WATSON-CRICK  ? ? ? 
hydrog27 hydrog ? ? A G 12 N2 ? ? ? 1_555 B C 7  O2 ? ? G G 12 H C 7  1_555 ? ? ? ? ? ? WATSON-CRICK  ? ? ? 
hydrog28 hydrog ? ? A G 12 O6 ? ? ? 1_555 B C 7  N4 ? ? G G 12 H C 7  1_555 ? ? ? ? ? ? WATSON-CRICK  ? ? ? 
hydrog29 hydrog ? ? A C 13 N3 ? ? ? 1_555 B G 6  N1 ? ? G C 13 H G 6  1_555 ? ? ? ? ? ? WATSON-CRICK  ? ? ? 
hydrog30 hydrog ? ? A C 13 N4 ? ? ? 1_555 B G 6  O6 ? ? G C 13 H G 6  1_555 ? ? ? ? ? ? WATSON-CRICK  ? ? ? 
hydrog31 hydrog ? ? A C 13 O2 ? ? ? 1_555 B G 6  N2 ? ? G C 13 H G 6  1_555 ? ? ? ? ? ? WATSON-CRICK  ? ? ? 
hydrog32 hydrog ? ? A U 14 N3 ? ? ? 1_555 B U 5  O4 ? ? G U 14 H U 5  1_555 ? ? ? ? ? ? 'U-U MISPAIR' ? ? ? 
hydrog33 hydrog ? ? A G 15 N1 ? ? ? 1_555 B C 4  N3 ? ? G G 15 H C 4  1_555 ? ? ? ? ? ? WATSON-CRICK  ? ? ? 
hydrog34 hydrog ? ? A G 15 N2 ? ? ? 1_555 B C 4  O2 ? ? G G 15 H C 4  1_555 ? ? ? ? ? ? WATSON-CRICK  ? ? ? 
hydrog35 hydrog ? ? A G 15 O6 ? ? ? 1_555 B C 4  N4 ? ? G G 15 H C 4  1_555 ? ? ? ? ? ? WATSON-CRICK  ? ? ? 
hydrog36 hydrog ? ? A C 16 N3 ? ? ? 1_555 B G 3  N1 ? ? G C 16 H G 3  1_555 ? ? ? ? ? ? WATSON-CRICK  ? ? ? 
hydrog37 hydrog ? ? A C 16 N4 ? ? ? 1_555 B G 3  O6 ? ? G C 16 H G 3  1_555 ? ? ? ? ? ? WATSON-CRICK  ? ? ? 
hydrog38 hydrog ? ? A C 16 O2 ? ? ? 1_555 B G 3  N2 ? ? G C 16 H G 3  1_555 ? ? ? ? ? ? WATSON-CRICK  ? ? ? 
hydrog39 hydrog ? ? A U 17 N3 ? ? ? 1_555 B U 2  O4 ? ? G U 17 H U 2  1_555 ? ? ? ? ? ? 'U-U MISPAIR' ? ? ? 
hydrog40 hydrog ? ? A G 18 N1 ? ? ? 1_555 B C 1  N3 ? ? G G 18 H C 1  1_555 ? ? ? ? ? ? WATSON-CRICK  ? ? ? 
hydrog41 hydrog ? ? A G 18 N2 ? ? ? 1_555 B C 1  O2 ? ? G G 18 H C 1  1_555 ? ? ? ? ? ? WATSON-CRICK  ? ? ? 
hydrog42 hydrog ? ? A G 18 O6 ? ? ? 1_555 B C 1  N4 ? ? G G 18 H C 1  1_555 ? ? ? ? ? ? WATSON-CRICK  ? ? ? 
# 
_struct_conn_type.id          hydrog 
_struct_conn_type.criteria    ? 
_struct_conn_type.reference   ? 
# 
loop_
_pdbx_validate_rmsd_angle.id 
_pdbx_validate_rmsd_angle.PDB_model_num 
_pdbx_validate_rmsd_angle.auth_atom_id_1 
_pdbx_validate_rmsd_angle.auth_asym_id_1 
_pdbx_validate_rmsd_angle.auth_comp_id_1 
_pdbx_validate_rmsd_angle.auth_seq_id_1 
_pdbx_validate_rmsd_angle.PDB_ins_code_1 
_pdbx_validate_rmsd_angle.label_alt_id_1 
_pdbx_validate_rmsd_angle.auth_atom_id_2 
_pdbx_validate_rmsd_angle.auth_asym_id_2 
_pdbx_validate_rmsd_angle.auth_comp_id_2 
_pdbx_validate_rmsd_angle.auth_seq_id_2 
_pdbx_validate_rmsd_angle.PDB_ins_code_2 
_pdbx_validate_rmsd_angle.label_alt_id_2 
_pdbx_validate_rmsd_angle.auth_atom_id_3 
_pdbx_validate_rmsd_angle.auth_asym_id_3 
_pdbx_validate_rmsd_angle.auth_comp_id_3 
_pdbx_validate_rmsd_angle.auth_seq_id_3 
_pdbx_validate_rmsd_angle.PDB_ins_code_3 
_pdbx_validate_rmsd_angle.label_alt_id_3 
_pdbx_validate_rmsd_angle.angle_value 
_pdbx_validate_rmsd_angle.angle_target_value 
_pdbx_validate_rmsd_angle.angle_deviation 
_pdbx_validate_rmsd_angle.angle_standard_deviation 
_pdbx_validate_rmsd_angle.linker_flag 
1  1 "O3'" G C 1  ? ? P     G U 2  ? ? OP1   G U 2  ? ? 91.63  105.20 -13.57 2.20 Y 
2  1 "O5'" G U 2  ? ? P     G U 2  ? ? OP1   G U 2  ? ? 123.55 110.70 12.85  1.20 N 
3  1 N3    G U 2  ? ? C4    G U 2  ? ? O4    G U 2  ? ? 114.86 119.40 -4.54  0.70 N 
4  1 C5    G U 2  ? ? C4    G U 2  ? ? O4    G U 2  ? ? 129.93 125.90 4.03   0.60 N 
5  1 N1    G G 3  ? ? C6    G G 3  ? ? O6    G G 3  ? ? 123.76 119.90 3.86   0.60 N 
6  1 "C3'" G G 3  ? ? "O3'" G G 3  ? ? P     G C 4  ? ? 127.00 119.70 7.30   1.20 Y 
7  1 "O5'" G U 5  ? ? P     G U 5  ? ? OP2   G U 5  ? ? 91.30  105.70 -14.40 0.90 N 
8  1 C2    G U 5  ? ? N3    G U 5  ? ? C4    G U 5  ? ? 131.29 127.00 4.29   0.60 N 
9  1 C5    G U 5  ? ? C6    G U 5  ? ? N1    G U 5  ? ? 127.09 122.70 4.39   0.50 N 
10 1 "O5'" G G 6  ? ? P     G G 6  ? ? OP2   G G 6  ? ? 97.25  105.70 -8.45  0.90 N 
11 1 N3    G G 6  ? ? C4    G G 6  ? ? C5    G G 6  ? ? 132.54 128.60 3.94   0.50 N 
12 1 N3    G C 7  ? ? C4    G C 7  ? ? C5    G C 7  ? ? 118.34 121.90 -3.56  0.40 N 
13 1 "C3'" G C 7  ? ? "O3'" G C 7  ? ? P     G U 8  ? ? 110.90 119.70 -8.80  1.20 Y 
14 1 "O3'" G C 7  ? ? P     G U 8  ? ? OP1   G U 8  ? ? 125.34 110.50 14.84  1.10 Y 
15 1 "O5'" G U 8  ? ? P     G U 8  ? ? OP1   G U 8  ? ? 96.74  105.70 -8.96  0.90 N 
16 1 N3    G U 8  ? ? C2    G U 8  ? ? O2    G U 8  ? ? 126.44 122.20 4.24   0.70 N 
17 1 "O5'" G G 9  ? ? P     G G 9  ? ? OP1   G G 9  ? ? 94.95  105.70 -10.75 0.90 N 
18 1 C6    G G 9  ? ? N1    G G 9  ? ? C2    G G 9  ? ? 129.09 125.10 3.99   0.60 N 
19 1 N3    G G 9  ? ? C4    G G 9  ? ? C5    G G 9  ? ? 132.74 128.60 4.14   0.50 N 
20 1 N3    G G 9  ? ? C4    G G 9  ? ? N9    G G 9  ? ? 122.23 126.00 -3.77  0.60 N 
21 1 N1    G U 11 ? ? C2    G U 11 ? ? O2    G U 11 ? ? 116.89 122.80 -5.91  0.70 N 
22 1 N3    G U 11 ? ? C2    G U 11 ? ? O2    G U 11 ? ? 127.16 122.20 4.96   0.70 N 
23 1 N3    G U 11 ? ? C4    G U 11 ? ? O4    G U 11 ? ? 125.81 119.40 6.41   0.70 N 
24 1 C5    G U 11 ? ? C4    G U 11 ? ? O4    G U 11 ? ? 117.05 125.90 -8.85  0.60 N 
25 1 "O3'" G U 11 ? ? P     G G 12 ? ? OP2   G G 12 ? ? 117.34 110.50 6.84   1.10 Y 
26 1 "O5'" G G 12 ? ? P     G G 12 ? ? OP2   G G 12 ? ? 96.25  105.70 -9.45  0.90 N 
27 1 N1    G G 12 ? ? C6    G G 12 ? ? O6    G G 12 ? ? 124.08 119.90 4.18   0.60 N 
28 1 C5    G G 12 ? ? C6    G G 12 ? ? O6    G G 12 ? ? 123.32 128.60 -5.28  0.60 N 
29 1 "O3'" G G 12 ? ? P     G C 13 ? ? OP2   G C 13 ? ? 124.20 110.50 13.70  1.10 Y 
30 1 "O5'" G C 13 ? ? P     G C 13 ? ? OP2   G C 13 ? ? 86.70  105.70 -19.00 0.90 N 
31 1 C6    G G 15 ? ? N1    G G 15 ? ? C2    G G 15 ? ? 130.54 125.10 5.44   0.60 N 
32 1 N3    G G 15 ? ? C4    G G 15 ? ? C5    G G 15 ? ? 132.97 128.60 4.37   0.50 N 
33 1 C4    G G 15 ? ? C5    G G 15 ? ? N7    G G 15 ? ? 113.91 110.80 3.11   0.40 N 
34 1 N9    G G 15 ? ? C4    G G 15 ? ? C5    G G 15 ? ? 102.87 105.40 -2.53  0.40 N 
35 1 N1    G G 15 ? ? C6    G G 15 ? ? O6    G G 15 ? ? 126.71 119.90 6.81   0.60 N 
36 1 C5    G G 15 ? ? C6    G G 15 ? ? O6    G G 15 ? ? 124.46 128.60 -4.14  0.60 N 
37 1 "O5'" G C 16 ? ? P     G C 16 ? ? OP2   G C 16 ? ? 92.71  105.70 -12.99 0.90 N 
38 1 "O5'" G U 17 ? ? P     G U 17 ? ? OP2   G U 17 ? ? 98.70  105.70 -7.00  0.90 N 
39 1 N1    G U 17 ? ? C2    G U 17 ? ? N3    G U 17 ? ? 118.75 114.90 3.85   0.60 N 
40 1 C2    G U 17 ? ? N3    G U 17 ? ? C4    G U 17 ? ? 121.42 127.00 -5.58  0.60 N 
41 1 C5    G U 17 ? ? C4    G U 17 ? ? O4    G U 17 ? ? 120.15 125.90 -5.75  0.60 N 
42 1 "O5'" H U 2  ? ? P     H U 2  ? ? OP2   H U 2  ? ? 88.93  105.70 -16.77 0.90 N 
43 1 N3    H C 4  ? ? C4    H C 4  ? ? C5    H C 4  ? ? 119.23 121.90 -2.67  0.40 N 
44 1 C5    H C 4  ? ? C4    H C 4  ? ? N4    H C 4  ? ? 125.58 120.20 5.38   0.70 N 
45 1 "C5'" H U 5  ? ? "C4'" H U 5  ? ? "O4'" H U 5  ? ? 115.79 109.80 5.99   0.90 N 
46 1 "O4'" H U 5  ? ? "C1'" H U 5  ? ? N1    H U 5  ? ? 115.53 108.50 7.03   0.70 N 
47 1 C5    H U 5  ? ? C4    H U 5  ? ? O4    H U 5  ? ? 130.11 125.90 4.21   0.60 N 
48 1 C8    H G 6  ? ? N9    H G 6  ? ? C4    H G 6  ? ? 109.17 106.40 2.77   0.40 N 
49 1 N1    H G 6  ? ? C6    H G 6  ? ? O6    H G 6  ? ? 123.81 119.90 3.91   0.60 N 
50 1 C5    H G 6  ? ? C6    H G 6  ? ? O6    H G 6  ? ? 124.66 128.60 -3.94  0.60 N 
51 1 N3    H U 8  ? ? C4    H U 8  ? ? O4    H U 8  ? ? 112.80 119.40 -6.60  0.70 N 
52 1 C5    H U 8  ? ? C4    H U 8  ? ? O4    H U 8  ? ? 130.78 125.90 4.88   0.60 N 
53 1 "O5'" H C 10 ? ? P     H C 10 ? ? OP2   H C 10 ? ? 119.18 110.70 8.48   1.20 N 
54 1 "O3'" H G 12 ? ? P     H C 13 ? ? OP2   H C 13 ? ? 80.71  105.20 -24.49 2.20 Y 
55 1 "O5'" H C 13 ? ? P     H C 13 ? ? OP2   H C 13 ? ? 123.16 110.70 12.46  1.20 N 
56 1 "O3'" H C 13 ? ? P     H U 14 ? ? OP2   H U 14 ? ? 122.36 110.50 11.86  1.10 Y 
57 1 "O5'" H U 14 ? ? P     H U 14 ? ? OP2   H U 14 ? ? 97.73  105.70 -7.97  0.90 N 
58 1 "O5'" H C 16 ? ? P     H C 16 ? ? OP1   H C 16 ? ? 119.65 110.70 8.95   1.20 N 
59 1 N3    H U 17 ? ? C4    H U 17 ? ? O4    H U 17 ? ? 123.65 119.40 4.25   0.70 N 
60 1 C5    H U 17 ? ? C4    H U 17 ? ? O4    H U 17 ? ? 120.28 125.90 -5.62  0.60 N 
61 1 "O5'" H G 18 ? ? P     H G 18 ? ? OP2   H G 18 ? ? 99.77  105.70 -5.93  0.90 N 
# 
loop_
_pdbx_struct_special_symmetry.id 
_pdbx_struct_special_symmetry.PDB_model_num 
_pdbx_struct_special_symmetry.auth_asym_id 
_pdbx_struct_special_symmetry.auth_comp_id 
_pdbx_struct_special_symmetry.auth_seq_id 
_pdbx_struct_special_symmetry.PDB_ins_code 
_pdbx_struct_special_symmetry.label_asym_id 
_pdbx_struct_special_symmetry.label_comp_id 
_pdbx_struct_special_symmetry.label_seq_id 
1 1 G HOH 20 ? C HOH . 
2 1 G HOH 21 ? C HOH . 
3 1 G HOH 38 ? C HOH . 
4 1 G HOH 39 ? C HOH . 
5 1 G HOH 40 ? C HOH . 
6 1 H HOH 20 ? D HOH . 
7 1 H HOH 28 ? D HOH . 
# 
_pdbx_database_remark.id     0 
_pdbx_database_remark.text   
;THIS ENTRY (3GM7) REFLECTS AN ALTERNATIVE MODELING OF THE
ORIGINAL STRUCTURE (PDB ID 1ZEV) DETERMINED BY THE AUTHORS:
B.H. MOOERS, J.S. LOGUE, J.A. BERGLUND
;
# 
loop_
_chem_comp_atom.comp_id 
_chem_comp_atom.atom_id 
_chem_comp_atom.type_symbol 
_chem_comp_atom.pdbx_aromatic_flag 
_chem_comp_atom.pdbx_stereo_config 
_chem_comp_atom.pdbx_ordinal 
C   OP3    O N N 1   
C   P      P N N 2   
C   OP1    O N N 3   
C   OP2    O N N 4   
C   "O5'"  O N N 5   
C   "C5'"  C N N 6   
C   "C4'"  C N R 7   
C   "O4'"  O N N 8   
C   "C3'"  C N S 9   
C   "O3'"  O N N 10  
C   "C2'"  C N R 11  
C   "O2'"  O N N 12  
C   "C1'"  C N R 13  
C   N1     N N N 14  
C   C2     C N N 15  
C   O2     O N N 16  
C   N3     N N N 17  
C   C4     C N N 18  
C   N4     N N N 19  
C   C5     C N N 20  
C   C6     C N N 21  
C   HOP3   H N N 22  
C   HOP2   H N N 23  
C   "H5'"  H N N 24  
C   "H5''" H N N 25  
C   "H4'"  H N N 26  
C   "H3'"  H N N 27  
C   "HO3'" H N N 28  
C   "H2'"  H N N 29  
C   "HO2'" H N N 30  
C   "H1'"  H N N 31  
C   H41    H N N 32  
C   H42    H N N 33  
C   H5     H N N 34  
C   H6     H N N 35  
G   OP3    O N N 36  
G   P      P N N 37  
G   OP1    O N N 38  
G   OP2    O N N 39  
G   "O5'"  O N N 40  
G   "C5'"  C N N 41  
G   "C4'"  C N R 42  
G   "O4'"  O N N 43  
G   "C3'"  C N S 44  
G   "O3'"  O N N 45  
G   "C2'"  C N R 46  
G   "O2'"  O N N 47  
G   "C1'"  C N R 48  
G   N9     N Y N 49  
G   C8     C Y N 50  
G   N7     N Y N 51  
G   C5     C Y N 52  
G   C6     C N N 53  
G   O6     O N N 54  
G   N1     N N N 55  
G   C2     C N N 56  
G   N2     N N N 57  
G   N3     N N N 58  
G   C4     C Y N 59  
G   HOP3   H N N 60  
G   HOP2   H N N 61  
G   "H5'"  H N N 62  
G   "H5''" H N N 63  
G   "H4'"  H N N 64  
G   "H3'"  H N N 65  
G   "HO3'" H N N 66  
G   "H2'"  H N N 67  
G   "HO2'" H N N 68  
G   "H1'"  H N N 69  
G   H8     H N N 70  
G   H1     H N N 71  
G   H21    H N N 72  
G   H22    H N N 73  
HOH O      O N N 74  
HOH H1     H N N 75  
HOH H2     H N N 76  
U   OP3    O N N 77  
U   P      P N N 78  
U   OP1    O N N 79  
U   OP2    O N N 80  
U   "O5'"  O N N 81  
U   "C5'"  C N N 82  
U   "C4'"  C N R 83  
U   "O4'"  O N N 84  
U   "C3'"  C N S 85  
U   "O3'"  O N N 86  
U   "C2'"  C N R 87  
U   "O2'"  O N N 88  
U   "C1'"  C N R 89  
U   N1     N N N 90  
U   C2     C N N 91  
U   O2     O N N 92  
U   N3     N N N 93  
U   C4     C N N 94  
U   O4     O N N 95  
U   C5     C N N 96  
U   C6     C N N 97  
U   HOP3   H N N 98  
U   HOP2   H N N 99  
U   "H5'"  H N N 100 
U   "H5''" H N N 101 
U   "H4'"  H N N 102 
U   "H3'"  H N N 103 
U   "HO3'" H N N 104 
U   "H2'"  H N N 105 
U   "HO2'" H N N 106 
U   "H1'"  H N N 107 
U   H3     H N N 108 
U   H5     H N N 109 
U   H6     H N N 110 
# 
loop_
_chem_comp_bond.comp_id 
_chem_comp_bond.atom_id_1 
_chem_comp_bond.atom_id_2 
_chem_comp_bond.value_order 
_chem_comp_bond.pdbx_aromatic_flag 
_chem_comp_bond.pdbx_stereo_config 
_chem_comp_bond.pdbx_ordinal 
C   OP3   P      sing N N 1   
C   OP3   HOP3   sing N N 2   
C   P     OP1    doub N N 3   
C   P     OP2    sing N N 4   
C   P     "O5'"  sing N N 5   
C   OP2   HOP2   sing N N 6   
C   "O5'" "C5'"  sing N N 7   
C   "C5'" "C4'"  sing N N 8   
C   "C5'" "H5'"  sing N N 9   
C   "C5'" "H5''" sing N N 10  
C   "C4'" "O4'"  sing N N 11  
C   "C4'" "C3'"  sing N N 12  
C   "C4'" "H4'"  sing N N 13  
C   "O4'" "C1'"  sing N N 14  
C   "C3'" "O3'"  sing N N 15  
C   "C3'" "C2'"  sing N N 16  
C   "C3'" "H3'"  sing N N 17  
C   "O3'" "HO3'" sing N N 18  
C   "C2'" "O2'"  sing N N 19  
C   "C2'" "C1'"  sing N N 20  
C   "C2'" "H2'"  sing N N 21  
C   "O2'" "HO2'" sing N N 22  
C   "C1'" N1     sing N N 23  
C   "C1'" "H1'"  sing N N 24  
C   N1    C2     sing N N 25  
C   N1    C6     sing N N 26  
C   C2    O2     doub N N 27  
C   C2    N3     sing N N 28  
C   N3    C4     doub N N 29  
C   C4    N4     sing N N 30  
C   C4    C5     sing N N 31  
C   N4    H41    sing N N 32  
C   N4    H42    sing N N 33  
C   C5    C6     doub N N 34  
C   C5    H5     sing N N 35  
C   C6    H6     sing N N 36  
G   OP3   P      sing N N 37  
G   OP3   HOP3   sing N N 38  
G   P     OP1    doub N N 39  
G   P     OP2    sing N N 40  
G   P     "O5'"  sing N N 41  
G   OP2   HOP2   sing N N 42  
G   "O5'" "C5'"  sing N N 43  
G   "C5'" "C4'"  sing N N 44  
G   "C5'" "H5'"  sing N N 45  
G   "C5'" "H5''" sing N N 46  
G   "C4'" "O4'"  sing N N 47  
G   "C4'" "C3'"  sing N N 48  
G   "C4'" "H4'"  sing N N 49  
G   "O4'" "C1'"  sing N N 50  
G   "C3'" "O3'"  sing N N 51  
G   "C3'" "C2'"  sing N N 52  
G   "C3'" "H3'"  sing N N 53  
G   "O3'" "HO3'" sing N N 54  
G   "C2'" "O2'"  sing N N 55  
G   "C2'" "C1'"  sing N N 56  
G   "C2'" "H2'"  sing N N 57  
G   "O2'" "HO2'" sing N N 58  
G   "C1'" N9     sing N N 59  
G   "C1'" "H1'"  sing N N 60  
G   N9    C8     sing Y N 61  
G   N9    C4     sing Y N 62  
G   C8    N7     doub Y N 63  
G   C8    H8     sing N N 64  
G   N7    C5     sing Y N 65  
G   C5    C6     sing N N 66  
G   C5    C4     doub Y N 67  
G   C6    O6     doub N N 68  
G   C6    N1     sing N N 69  
G   N1    C2     sing N N 70  
G   N1    H1     sing N N 71  
G   C2    N2     sing N N 72  
G   C2    N3     doub N N 73  
G   N2    H21    sing N N 74  
G   N2    H22    sing N N 75  
G   N3    C4     sing N N 76  
HOH O     H1     sing N N 77  
HOH O     H2     sing N N 78  
U   OP3   P      sing N N 79  
U   OP3   HOP3   sing N N 80  
U   P     OP1    doub N N 81  
U   P     OP2    sing N N 82  
U   P     "O5'"  sing N N 83  
U   OP2   HOP2   sing N N 84  
U   "O5'" "C5'"  sing N N 85  
U   "C5'" "C4'"  sing N N 86  
U   "C5'" "H5'"  sing N N 87  
U   "C5'" "H5''" sing N N 88  
U   "C4'" "O4'"  sing N N 89  
U   "C4'" "C3'"  sing N N 90  
U   "C4'" "H4'"  sing N N 91  
U   "O4'" "C1'"  sing N N 92  
U   "C3'" "O3'"  sing N N 93  
U   "C3'" "C2'"  sing N N 94  
U   "C3'" "H3'"  sing N N 95  
U   "O3'" "HO3'" sing N N 96  
U   "C2'" "O2'"  sing N N 97  
U   "C2'" "C1'"  sing N N 98  
U   "C2'" "H2'"  sing N N 99  
U   "O2'" "HO2'" sing N N 100 
U   "C1'" N1     sing N N 101 
U   "C1'" "H1'"  sing N N 102 
U   N1    C2     sing N N 103 
U   N1    C6     sing N N 104 
U   C2    O2     doub N N 105 
U   C2    N3     sing N N 106 
U   N3    C4     sing N N 107 
U   N3    H3     sing N N 108 
U   C4    O4     doub N N 109 
U   C4    C5     sing N N 110 
U   C5    C6     doub N N 111 
U   C5    H5     sing N N 112 
U   C6    H6     sing N N 113 
# 
loop_
_ndb_struct_conf_na.entry_id 
_ndb_struct_conf_na.feature 
3GM7 'double helix'         
3GM7 'a-form double helix'  
3GM7 'mismatched base pair' 
# 
loop_
_ndb_struct_na_base_pair.model_number 
_ndb_struct_na_base_pair.i_label_asym_id 
_ndb_struct_na_base_pair.i_label_comp_id 
_ndb_struct_na_base_pair.i_label_seq_id 
_ndb_struct_na_base_pair.i_symmetry 
_ndb_struct_na_base_pair.j_label_asym_id 
_ndb_struct_na_base_pair.j_label_comp_id 
_ndb_struct_na_base_pair.j_label_seq_id 
_ndb_struct_na_base_pair.j_symmetry 
_ndb_struct_na_base_pair.shear 
_ndb_struct_na_base_pair.stretch 
_ndb_struct_na_base_pair.stagger 
_ndb_struct_na_base_pair.buckle 
_ndb_struct_na_base_pair.propeller 
_ndb_struct_na_base_pair.opening 
_ndb_struct_na_base_pair.pair_number 
_ndb_struct_na_base_pair.pair_name 
_ndb_struct_na_base_pair.i_auth_asym_id 
_ndb_struct_na_base_pair.i_auth_seq_id 
_ndb_struct_na_base_pair.i_PDB_ins_code 
_ndb_struct_na_base_pair.j_auth_asym_id 
_ndb_struct_na_base_pair.j_auth_seq_id 
_ndb_struct_na_base_pair.j_PDB_ins_code 
_ndb_struct_na_base_pair.hbond_type_28 
_ndb_struct_na_base_pair.hbond_type_12 
1 A C 1  1_555 B G 18 1_555 -1.439 -0.203 -0.353 11.127 -19.158 -13.193 1  G_C1:G18_H G 1  ? H 18 ? 19 1 
1 A U 2  1_555 B U 17 1_555 -2.320 -1.376 -0.182 0.885  -9.984  -21.231 2  G_U2:U17_H G 2  ? H 17 ? ?  ? 
1 A G 3  1_555 B C 16 1_555 1.165  -0.446 0.223  -0.677 -7.192  -6.767  3  G_G3:C16_H G 3  ? H 16 ? 19 1 
1 A C 4  1_555 B G 15 1_555 0.216  -0.347 0.022  -0.942 -7.694  0.766   4  G_C4:G15_H G 4  ? H 15 ? 19 1 
1 A U 5  1_555 B U 14 1_555 2.268  -1.166 -0.357 -6.026 -15.032 -22.062 5  G_U5:U14_H G 5  ? H 14 ? ?  ? 
1 A G 6  1_555 B C 13 1_555 0.080  -0.353 0.358  -3.329 -10.685 -3.508  6  G_G6:C13_H G 6  ? H 13 ? 19 1 
1 A C 7  1_555 B G 12 1_555 0.139  -0.430 0.300  2.582  -9.009  -1.457  7  G_C7:G12_H G 7  ? H 12 ? 19 1 
1 A U 8  1_555 B U 11 1_555 -2.504 -1.479 0.452  2.362  -11.273 -21.024 8  G_U8:U11_H G 8  ? H 11 ? ?  ? 
1 A G 9  1_555 B C 10 1_555 -0.143 -0.429 0.241  1.622  -10.123 -0.716  9  G_G9:C10_H G 9  ? H 10 ? 19 1 
1 A C 10 1_555 B G 9  1_555 0.312  -0.377 0.167  -5.354 -14.661 1.645   10 G_C10:G9_H G 10 ? H 9  ? 19 1 
1 A U 11 1_555 B U 8  1_555 1.714  -1.287 -0.437 -1.859 -12.204 -11.930 11 G_U11:U8_H G 11 ? H 8  ? ?  ? 
1 A G 12 1_555 B C 7  1_555 -0.304 -0.437 -0.171 -7.688 -6.448  -5.127  12 G_G12:C7_H G 12 ? H 7  ? 19 1 
1 A C 13 1_555 B G 6  1_555 -0.223 -0.130 0.122  -2.445 -2.512  1.847   13 G_C13:G6_H G 13 ? H 6  ? 19 1 
1 A U 14 1_555 B U 5  1_555 2.647  -1.288 -0.233 6.921  -11.442 -28.007 14 G_U14:U5_H G 14 ? H 5  ? ?  ? 
1 A G 15 1_555 B C 4  1_555 -0.087 -0.467 0.188  2.549  -9.310  -2.206  15 G_G15:C4_H G 15 ? H 4  ? 19 1 
1 A C 16 1_555 B G 3  1_555 0.126  -0.034 0.160  2.257  -9.959  2.033   16 G_C16:G3_H G 16 ? H 3  ? 19 1 
1 A U 17 1_555 B U 2  1_555 2.044  -1.107 -0.152 -4.689 -14.810 -14.803 17 G_U17:U2_H G 17 ? H 2  ? ?  ? 
1 A G 18 1_555 B C 1  1_555 -0.204 -0.322 0.170  2.013  -7.029  1.252   18 G_G18:C1_H G 18 ? H 1  ? 19 1 
# 
loop_
_ndb_struct_na_base_pair_step.model_number 
_ndb_struct_na_base_pair_step.i_label_asym_id_1 
_ndb_struct_na_base_pair_step.i_label_comp_id_1 
_ndb_struct_na_base_pair_step.i_label_seq_id_1 
_ndb_struct_na_base_pair_step.i_symmetry_1 
_ndb_struct_na_base_pair_step.j_label_asym_id_1 
_ndb_struct_na_base_pair_step.j_label_comp_id_1 
_ndb_struct_na_base_pair_step.j_label_seq_id_1 
_ndb_struct_na_base_pair_step.j_symmetry_1 
_ndb_struct_na_base_pair_step.i_label_asym_id_2 
_ndb_struct_na_base_pair_step.i_label_comp_id_2 
_ndb_struct_na_base_pair_step.i_label_seq_id_2 
_ndb_struct_na_base_pair_step.i_symmetry_2 
_ndb_struct_na_base_pair_step.j_label_asym_id_2 
_ndb_struct_na_base_pair_step.j_label_comp_id_2 
_ndb_struct_na_base_pair_step.j_label_seq_id_2 
_ndb_struct_na_base_pair_step.j_symmetry_2 
_ndb_struct_na_base_pair_step.shift 
_ndb_struct_na_base_pair_step.slide 
_ndb_struct_na_base_pair_step.rise 
_ndb_struct_na_base_pair_step.tilt 
_ndb_struct_na_base_pair_step.roll 
_ndb_struct_na_base_pair_step.twist 
_ndb_struct_na_base_pair_step.x_displacement 
_ndb_struct_na_base_pair_step.y_displacement 
_ndb_struct_na_base_pair_step.helical_rise 
_ndb_struct_na_base_pair_step.inclination 
_ndb_struct_na_base_pair_step.tip 
_ndb_struct_na_base_pair_step.helical_twist 
_ndb_struct_na_base_pair_step.step_number 
_ndb_struct_na_base_pair_step.step_name 
_ndb_struct_na_base_pair_step.i_auth_asym_id_1 
_ndb_struct_na_base_pair_step.i_auth_seq_id_1 
_ndb_struct_na_base_pair_step.i_PDB_ins_code_1 
_ndb_struct_na_base_pair_step.j_auth_asym_id_1 
_ndb_struct_na_base_pair_step.j_auth_seq_id_1 
_ndb_struct_na_base_pair_step.j_PDB_ins_code_1 
_ndb_struct_na_base_pair_step.i_auth_asym_id_2 
_ndb_struct_na_base_pair_step.i_auth_seq_id_2 
_ndb_struct_na_base_pair_step.i_PDB_ins_code_2 
_ndb_struct_na_base_pair_step.j_auth_asym_id_2 
_ndb_struct_na_base_pair_step.j_auth_seq_id_2 
_ndb_struct_na_base_pair_step.j_PDB_ins_code_2 
1 A C 1  1_555 B G 18 1_555 A U 2  1_555 B U 17 1_555 -0.114 -2.329 3.562 -5.650 15.951 30.001 -6.255 -0.626 2.084 28.172 9.979  
34.348 1  GG_C1U2:U17G18_HH G 1  ? H 18 ? G 2  ? H 17 ? 
1 A U 2  1_555 B U 17 1_555 A G 3  1_555 B C 16 1_555 0.425  -1.600 3.402 -5.232 5.819  50.439 -2.267 -0.860 3.155 6.781  6.098  
51.003 2  GG_U2G3:C16U17_HH G 2  ? H 17 ? G 3  ? H 16 ? 
1 A G 3  1_555 B C 16 1_555 A C 4  1_555 B G 15 1_555 0.075  -2.141 3.173 3.883  8.876  27.217 -6.020 0.603  2.360 18.147 -7.940 
28.859 3  GG_G3C4:G15C16_HH G 3  ? H 16 ? G 4  ? H 15 ? 
1 A C 4  1_555 B G 15 1_555 A U 5  1_555 B U 14 1_555 -1.133 -1.706 3.424 3.625  14.797 42.434 -3.504 1.794  2.618 19.698 -4.826 
44.967 4  GG_C4U5:U14G15_HH G 4  ? H 15 ? G 5  ? H 14 ? 
1 A U 5  1_555 B U 14 1_555 A G 6  1_555 B C 13 1_555 0.831  -2.304 3.064 -1.781 10.870 21.056 -8.332 -2.467 1.617 27.456 4.499  
23.734 5  GG_U5G6:C13U14_HH G 5  ? H 14 ? G 6  ? H 13 ? 
1 A G 6  1_555 B C 13 1_555 A C 7  1_555 B G 12 1_555 0.303  -1.830 3.027 2.266  3.266  34.065 -3.566 -0.193 2.858 5.551  -3.852 
34.289 6  GG_G6C7:G12C13_HH G 6  ? H 13 ? G 7  ? H 12 ? 
1 A C 7  1_555 B G 12 1_555 A U 8  1_555 B U 11 1_555 -0.557 -1.804 3.099 -1.436 3.560  19.729 -6.657 0.995  2.766 10.265 4.141  
20.096 7  GG_C7U8:U11G12_HH G 7  ? H 12 ? G 8  ? H 11 ? 
1 A U 8  1_555 B U 11 1_555 A G 9  1_555 B C 10 1_555 1.344  -1.917 3.205 2.222  12.882 47.434 -3.197 -1.464 2.686 15.668 -2.702 
49.101 8  GG_U8G9:C10U11_HH G 8  ? H 11 ? G 9  ? H 10 ? 
1 A G 9  1_555 B C 10 1_555 A C 10 1_555 B G 9  1_555 -0.011 -1.636 3.411 -1.031 5.610  33.978 -3.639 -0.142 3.109 9.517  1.749  
34.440 9  GG_G9C10:G9C10_HH G 9  ? H 10 ? G 10 ? H 9  ? 
1 A C 10 1_555 B G 9  1_555 A U 11 1_555 B U 8  1_555 -1.131 -1.344 3.252 4.761  13.806 40.236 -3.113 1.990  2.535 19.317 -6.661 
42.701 10 GG_C10U11:U8G9_HH G 10 ? H 9  ? G 11 ? H 8  ? 
1 A U 11 1_555 B U 8  1_555 A G 12 1_555 B C 7  1_555 0.768  -2.116 3.458 0.901  10.440 20.617 -8.605 -1.632 2.174 27.032 -2.332 
23.101 11 GG_U11G12:C7U8_HH G 11 ? H 8  ? G 12 ? H 7  ? 
1 A G 12 1_555 B C 7  1_555 A C 13 1_555 B G 6  1_555 0.730  -2.360 3.082 0.090  6.388  27.375 -6.154 -1.486 2.480 13.270 -0.186 
28.097 12 GG_G12C13:G6C7_HH G 12 ? H 7  ? G 13 ? H 6  ? 
1 A C 13 1_555 B G 6  1_555 A U 14 1_555 B U 5  1_555 -1.995 -1.798 3.100 -0.438 -0.528 44.604 -2.323 2.590  3.138 -0.696 0.577  
44.609 13 GG_C13U14:U5G6_HH G 13 ? H 6  ? G 14 ? H 5  ? 
1 A U 14 1_555 B U 5  1_555 A G 15 1_555 B C 4  1_555 0.742  -2.429 3.347 0.345  15.426 17.736 -9.903 -1.736 0.964 41.298 -0.923 
23.468 14 GG_U14G15:C4U5_HH G 14 ? H 5  ? G 15 ? H 4  ? 
1 A G 15 1_555 B C 4  1_555 A C 16 1_555 B G 3  1_555 0.227  -1.625 3.205 0.037  7.963  32.576 -4.028 -0.388 2.743 13.938 -0.065 
33.510 15 GG_G15C16:G3C4_HH G 15 ? H 4  ? G 16 ? H 3  ? 
1 A C 16 1_555 B G 3  1_555 A U 17 1_555 B U 2  1_555 -0.817 -1.649 3.471 4.686  14.202 42.535 -3.405 1.480  2.714 18.892 -6.233 
44.973 16 GG_C16U17:U2G3_HH G 16 ? H 3  ? G 17 ? H 2  ? 
1 A U 17 1_555 B U 2  1_555 A G 18 1_555 B C 1  1_555 0.459  -1.768 2.882 -1.685 6.393  25.067 -5.378 -1.402 2.331 14.411 3.799  
25.910 17 GG_U17G18:C1U2_HH G 17 ? H 2  ? G 18 ? H 1  ? 
# 
_atom_sites.entry_id                    3GM7 
_atom_sites.fract_transf_matrix[1][1]   -0.02540330 
_atom_sites.fract_transf_matrix[1][2]   -0.01329978 
_atom_sites.fract_transf_matrix[1][3]   0.00705852 
_atom_sites.fract_transf_matrix[2][1]   -0.02573772 
_atom_sites.fract_transf_matrix[2][2]   0.01251158 
_atom_sites.fract_transf_matrix[2][3]   -0.00728360 
_atom_sites.fract_transf_matrix[3][1]   0.00008020 
_atom_sites.fract_transf_matrix[3][2]   -0.00343682 
_atom_sites.fract_transf_matrix[3][3]   -0.00618708 
_atom_sites.fract_transf_vector[1]      0.034248 
_atom_sites.fract_transf_vector[2]      0.385434 
_atom_sites.fract_transf_vector[3]      -0.062457 
# 
loop_
_atom_type.symbol 
C 
N 
O 
P 
# 
loop_
_atom_site.group_PDB 
_atom_site.id 
_atom_site.type_symbol 
_atom_site.label_atom_id 
_atom_site.label_alt_id 
_atom_site.label_comp_id 
_atom_site.label_asym_id 
_atom_site.label_entity_id 
_atom_site.label_seq_id 
_atom_site.pdbx_PDB_ins_code 
_atom_site.Cartn_x 
_atom_site.Cartn_y 
_atom_site.Cartn_z 
_atom_site.occupancy 
_atom_site.B_iso_or_equiv 
_atom_site.pdbx_formal_charge 
_atom_site.auth_seq_id 
_atom_site.auth_comp_id 
_atom_site.auth_asym_id 
_atom_site.auth_atom_id 
_atom_site.pdbx_PDB_model_num 
ATOM   1   O "O5'" . C   A 1 1  ? 9.036   -8.405  -16.148 1.00 61.33  ? 1  C   G "O5'" 1 
ATOM   2   C "C5'" . C   A 1 1  ? 8.634   -7.036  -16.062 1.00 64.62  ? 1  C   G "C5'" 1 
ATOM   3   C "C4'" . C   A 1 1  ? 8.850   -6.328  -17.383 1.00 67.90  ? 1  C   G "C4'" 1 
ATOM   4   O "O4'" . C   A 1 1  ? 8.725   -7.243  -18.498 1.00 65.57  ? 1  C   G "O4'" 1 
ATOM   5   C "C3'" . C   A 1 1  ? 7.818   -5.255  -17.673 1.00 67.97  ? 1  C   G "C3'" 1 
ATOM   6   O "O3'" . C   A 1 1  ? 8.145   -4.016  -17.058 1.00 64.63  ? 1  C   G "O3'" 1 
ATOM   7   C "C2'" . C   A 1 1  ? 7.753   -5.199  -19.177 1.00 68.04  ? 1  C   G "C2'" 1 
ATOM   8   O "O2'" . C   A 1 1  ? 8.784   -4.457  -19.789 1.00 65.69  ? 1  C   G "O2'" 1 
ATOM   9   C "C1'" . C   A 1 1  ? 7.890   -6.676  -19.508 1.00 66.01  ? 1  C   G "C1'" 1 
ATOM   10  N N1    . C   A 1 1  ? 6.602   -7.398  -19.458 1.00 68.23  ? 1  C   G N1    1 
ATOM   11  C C2    . C   A 1 1  ? 5.656   -7.191  -20.456 1.00 69.25  ? 1  C   G C2    1 
ATOM   12  O O2    . C   A 1 1  ? 5.894   -6.392  -21.374 1.00 71.12  ? 1  C   G O2    1 
ATOM   13  N N3    . C   A 1 1  ? 4.473   -7.856  -20.379 1.00 70.47  ? 1  C   G N3    1 
ATOM   14  C C4    . C   A 1 1  ? 4.256   -8.696  -19.365 1.00 72.35  ? 1  C   G C4    1 
ATOM   15  N N4    . C   A 1 1  ? 3.138   -9.423  -19.325 1.00 73.10  ? 1  C   G N4    1 
ATOM   16  C C5    . C   A 1 1  ? 5.212   -8.917  -18.327 1.00 72.42  ? 1  C   G C5    1 
ATOM   17  C C6    . C   A 1 1  ? 6.354   -8.231  -18.399 1.00 70.50  ? 1  C   G C6    1 
ATOM   18  P P     . U   A 1 2  ? 6.963   -3.350  -16.180 1.00 66.99  ? 2  U   G P     1 
ATOM   19  O OP1   . U   A 1 2  ? 7.872   -2.283  -15.688 1.00 77.85  ? 2  U   G OP1   1 
ATOM   20  O OP2   . U   A 1 2  ? 6.458   -4.391  -15.243 1.00 67.03  ? 2  U   G OP2   1 
ATOM   21  O "O5'" . U   A 1 2  ? 5.830   -3.105  -17.277 1.00 64.43  ? 2  U   G "O5'" 1 
ATOM   22  C "C5'" . U   A 1 2  ? 5.966   -1.999  -18.178 1.00 59.65  ? 2  U   G "C5'" 1 
ATOM   23  C "C4'" . U   A 1 2  ? 4.648   -1.779  -18.872 1.00 57.60  ? 2  U   G "C4'" 1 
ATOM   24  O "O4'" . U   A 1 2  ? 4.277   -3.019  -19.553 1.00 53.52  ? 2  U   G "O4'" 1 
ATOM   25  C "C3'" . U   A 1 2  ? 3.416   -1.569  -17.983 1.00 46.74  ? 2  U   G "C3'" 1 
ATOM   26  O "O3'" . U   A 1 2  ? 3.425   -0.271  -17.397 1.00 37.83  ? 2  U   G "O3'" 1 
ATOM   27  C "C2'" . U   A 1 2  ? 2.364   -1.685  -19.088 1.00 55.12  ? 2  U   G "C2'" 1 
ATOM   28  O "O2'" . U   A 1 2  ? 2.399   -0.580  -19.978 1.00 50.65  ? 2  U   G "O2'" 1 
ATOM   29  C "C1'" . U   A 1 2  ? 2.906   -2.923  -19.825 1.00 50.11  ? 2  U   G "C1'" 1 
ATOM   30  N N1    . U   A 1 2  ? 2.194   -4.139  -19.382 1.00 47.58  ? 2  U   G N1    1 
ATOM   31  C C2    . U   A 1 2  ? 0.890   -4.238  -19.849 1.00 49.42  ? 2  U   G C2    1 
ATOM   32  O O2    . U   A 1 2  ? 0.420   -3.364  -20.564 1.00 58.39  ? 2  U   G O2    1 
ATOM   33  N N3    . U   A 1 2  ? 0.231   -5.368  -19.484 1.00 47.99  ? 2  U   G N3    1 
ATOM   34  C C4    . U   A 1 2  ? 0.706   -6.372  -18.653 1.00 49.21  ? 2  U   G C4    1 
ATOM   35  O O4    . U   A 1 2  ? -0.107  -7.246  -18.386 1.00 47.13  ? 2  U   G O4    1 
ATOM   36  C C5    . U   A 1 2  ? 2.071   -6.205  -18.206 1.00 48.60  ? 2  U   G C5    1 
ATOM   37  C C6    . U   A 1 2  ? 2.747   -5.101  -18.580 1.00 48.09  ? 2  U   G C6    1 
ATOM   38  P P     . G   A 1 3  ? 2.604   0.053   -16.065 1.00 33.95  ? 3  G   G P     1 
ATOM   39  O OP1   . G   A 1 3  ? 2.777   1.505   -15.752 1.00 33.43  ? 3  G   G OP1   1 
ATOM   40  O OP2   . G   A 1 3  ? 3.024   -0.920  -15.024 1.00 35.35  ? 3  G   G OP2   1 
ATOM   41  O "O5'" . G   A 1 3  ? 1.077   -0.140  -16.507 1.00 30.69  ? 3  G   G "O5'" 1 
ATOM   42  C "C5'" . G   A 1 3  ? 0.468   0.745   -17.458 1.00 30.66  ? 3  G   G "C5'" 1 
ATOM   43  C "C4'" . G   A 1 3  ? -0.975  0.345   -17.676 1.00 29.57  ? 3  G   G "C4'" 1 
ATOM   44  O "O4'" . G   A 1 3  ? -1.024  -0.855  -18.488 1.00 32.80  ? 3  G   G "O4'" 1 
ATOM   45  C "C3'" . G   A 1 3  ? -1.803  -0.003  -16.454 1.00 21.16  ? 3  G   G "C3'" 1 
ATOM   46  O "O3'" . G   A 1 3  ? -2.312  1.152   -15.810 1.00 26.60  ? 3  G   G "O3'" 1 
ATOM   47  C "C2'" . G   A 1 3  ? -2.906  -0.823  -17.119 1.00 20.25  ? 3  G   G "C2'" 1 
ATOM   48  O "O2'" . G   A 1 3  ? -3.849  -0.103  -17.867 1.00 23.96  ? 3  G   G "O2'" 1 
ATOM   49  C "C1'" . G   A 1 3  ? -2.072  -1.702  -18.042 1.00 29.01  ? 3  G   G "C1'" 1 
ATOM   50  N N9    . G   A 1 3  ? -1.441  -2.821  -17.323 1.00 25.96  ? 3  G   G N9    1 
ATOM   51  C C8    . G   A 1 3  ? -0.153  -2.940  -16.903 1.00 26.54  ? 3  G   G C8    1 
ATOM   52  N N7    . G   A 1 3  ? 0.107   -4.055  -16.288 1.00 30.46  ? 3  G   G N7    1 
ATOM   53  C C5    . G   A 1 3  ? -1.130  -4.707  -16.297 1.00 30.26  ? 3  G   G C5    1 
ATOM   54  C C6    . G   A 1 3  ? -1.461  -5.975  -15.773 1.00 33.93  ? 3  G   G C6    1 
ATOM   55  O O6    . G   A 1 3  ? -0.681  -6.755  -15.177 1.00 33.56  ? 3  G   G O6    1 
ATOM   56  N N1    . G   A 1 3  ? -2.821  -6.245  -15.985 1.00 32.96  ? 3  G   G N1    1 
ATOM   57  C C2    . G   A 1 3  ? -3.725  -5.429  -16.628 1.00 29.75  ? 3  G   G C2    1 
ATOM   58  N N2    . G   A 1 3  ? -5.009  -5.848  -16.743 1.00 30.07  ? 3  G   G N2    1 
ATOM   59  N N3    . G   A 1 3  ? -3.392  -4.240  -17.133 1.00 24.04  ? 3  G   G N3    1 
ATOM   60  C C4    . G   A 1 3  ? -2.100  -3.969  -16.934 1.00 25.27  ? 3  G   G C4    1 
ATOM   61  P P     . C   A 1 4  ? -2.701  1.299   -14.274 1.00 29.38  ? 4  C   G P     1 
ATOM   62  O OP1   . C   A 1 4  ? -2.984  2.720   -13.980 1.00 28.79  ? 4  C   G OP1   1 
ATOM   63  O OP2   . C   A 1 4  ? -1.621  0.677   -13.455 1.00 26.63  ? 4  C   G OP2   1 
ATOM   64  O "O5'" . C   A 1 4  ? -3.980  0.352   -14.165 1.00 27.02  ? 4  C   G "O5'" 1 
ATOM   65  C "C5'" . C   A 1 4  ? -5.232  0.618   -14.793 1.00 24.80  ? 4  C   G "C5'" 1 
ATOM   66  C "C4'" . C   A 1 4  ? -6.244  -0.418  -14.354 1.00 22.87  ? 4  C   G "C4'" 1 
ATOM   67  O "O4'" . C   A 1 4  ? -5.910  -1.692  -14.971 1.00 23.66  ? 4  C   G "O4'" 1 
ATOM   68  C "C3'" . C   A 1 4  ? -6.245  -0.740  -12.859 1.00 21.65  ? 4  C   G "C3'" 1 
ATOM   69  O "O3'" . C   A 1 4  ? -7.054  0.175   -12.127 1.00 25.30  ? 4  C   G "O3'" 1 
ATOM   70  C "C2'" . C   A 1 4  ? -6.887  -2.120  -12.870 1.00 21.22  ? 4  C   G "C2'" 1 
ATOM   71  O "O2'" . C   A 1 4  ? -8.283  -2.065  -13.035 1.00 22.07  ? 4  C   G "O2'" 1 
ATOM   72  C "C1'" . C   A 1 4  ? -6.251  -2.754  -14.106 1.00 23.58  ? 4  C   G "C1'" 1 
ATOM   73  N N1    . C   A 1 4  ? -5.019  -3.491  -13.735 1.00 22.36  ? 4  C   G N1    1 
ATOM   74  C C2    . C   A 1 4  ? -5.142  -4.812  -13.326 1.00 19.87  ? 4  C   G C2    1 
ATOM   75  O O2    . C   A 1 4  ? -6.254  -5.357  -13.318 1.00 22.76  ? 4  C   G O2    1 
ATOM   76  N N3    . C   A 1 4  ? -4.034  -5.487  -12.976 1.00 19.62  ? 4  C   G N3    1 
ATOM   77  C C4    . C   A 1 4  ? -2.841  -4.909  -12.994 1.00 23.17  ? 4  C   G C4    1 
ATOM   78  N N4    . C   A 1 4  ? -1.839  -5.715  -12.671 1.00 28.35  ? 4  C   G N4    1 
ATOM   79  C C5    . C   A 1 4  ? -2.674  -3.569  -13.457 1.00 23.98  ? 4  C   G C5    1 
ATOM   80  C C6    . C   A 1 4  ? -3.781  -2.922  -13.840 1.00 23.57  ? 4  C   G C6    1 
ATOM   81  P P     . U   A 1 5  ? -6.762  0.390   -10.579 1.00 24.23  ? 5  U   G P     1 
ATOM   82  O OP1   . U   A 1 5  ? -7.574  1.460   -10.020 1.00 23.41  ? 5  U   G OP1   1 
ATOM   83  O OP2   . U   A 1 5  ? -5.315  0.188   -10.315 1.00 26.29  ? 5  U   G OP2   1 
ATOM   84  O "O5'" . U   A 1 5  ? -7.120  -0.965  -9.850  1.00 22.86  ? 5  U   G "O5'" 1 
ATOM   85  C "C5'" . U   A 1 5  ? -8.472  -1.296  -9.520  1.00 23.52  ? 5  U   G "C5'" 1 
ATOM   86  C "C4'" . U   A 1 5  ? -8.574  -2.727  -9.102  1.00 19.91  ? 5  U   G "C4'" 1 
ATOM   87  O "O4'" . U   A 1 5  ? -7.959  -3.645  -10.042 1.00 19.37  ? 5  U   G "O4'" 1 
ATOM   88  C "C3'" . U   A 1 5  ? -7.894  -3.109  -7.787  1.00 22.76  ? 5  U   G "C3'" 1 
ATOM   89  O "O3'" . U   A 1 5  ? -8.592  -2.557  -6.672  1.00 26.99  ? 5  U   G "O3'" 1 
ATOM   90  C "C2'" . U   A 1 5  ? -8.044  -4.625  -7.916  1.00 21.10  ? 5  U   G "C2'" 1 
ATOM   91  O "O2'" . U   A 1 5  ? -9.395  -5.010  -7.807  1.00 27.28  ? 5  U   G "O2'" 1 
ATOM   92  C "C1'" . U   A 1 5  ? -7.589  -4.860  -9.364  1.00 19.32  ? 5  U   G "C1'" 1 
ATOM   93  N N1    . U   A 1 5  ? -6.128  -5.025  -9.475  1.00 19.39  ? 5  U   G N1    1 
ATOM   94  C C2    . U   A 1 5  ? -5.521  -6.234  -9.166  1.00 21.31  ? 5  U   G C2    1 
ATOM   95  O O2    . U   A 1 5  ? -6.079  -7.242  -8.793  1.00 24.89  ? 5  U   G O2    1 
ATOM   96  N N3    . U   A 1 5  ? -4.158  -6.213  -9.303  1.00 22.21  ? 5  U   G N3    1 
ATOM   97  C C4    . U   A 1 5  ? -3.301  -5.204  -9.657  1.00 23.81  ? 5  U   G C4    1 
ATOM   98  O O4    . U   A 1 5  ? -2.093  -5.431  -9.819  1.00 34.28  ? 5  U   G O4    1 
ATOM   99  C C5    . U   A 1 5  ? -4.011  -4.014  -10.057 1.00 22.72  ? 5  U   G C5    1 
ATOM   100 C C6    . U   A 1 5  ? -5.349  -4.002  -9.890  1.00 21.20  ? 5  U   G C6    1 
ATOM   101 P P     . G   A 1 6  ? -7.834  -2.094  -5.340  1.00 24.23  ? 6  G   G P     1 
ATOM   102 O OP1   . G   A 1 6  ? -8.824  -1.515  -4.424  1.00 32.04  ? 6  G   G OP1   1 
ATOM   103 O OP2   . G   A 1 6  ? -6.502  -1.511  -5.556  1.00 29.77  ? 6  G   G OP2   1 
ATOM   104 O "O5'" . G   A 1 6  ? -7.344  -3.501  -4.735  1.00 23.03  ? 6  G   G "O5'" 1 
ATOM   105 C "C5'" . G   A 1 6  ? -8.326  -4.329  -4.091  1.00 21.03  ? 6  G   G "C5'" 1 
ATOM   106 C "C4'" . G   A 1 6  ? -7.762  -5.676  -3.740  1.00 21.32  ? 6  G   G "C4'" 1 
ATOM   107 O "O4'" . G   A 1 6  ? -7.233  -6.291  -4.936  1.00 23.87  ? 6  G   G "O4'" 1 
ATOM   108 C "C3'" . G   A 1 6  ? -6.562  -5.690  -2.801  1.00 20.44  ? 6  G   G "C3'" 1 
ATOM   109 O "O3'" . G   A 1 6  ? -6.968  -5.506  -1.457  1.00 23.21  ? 6  G   G "O3'" 1 
ATOM   110 C "C2'" . G   A 1 6  ? -6.055  -7.113  -3.032  1.00 21.70  ? 6  G   G "C2'" 1 
ATOM   111 O "O2'" . G   A 1 6  ? -6.891  -8.111  -2.515  1.00 24.99  ? 6  G   G "O2'" 1 
ATOM   112 C "C1'" . G   A 1 6  ? -6.143  -7.130  -4.559  1.00 23.23  ? 6  G   G "C1'" 1 
ATOM   113 N N9    . G   A 1 6  ? -4.936  -6.548  -5.175  1.00 21.57  ? 6  G   G N9    1 
ATOM   114 C C8    . G   A 1 6  ? -4.805  -5.348  -5.816  1.00 23.02  ? 6  G   G C8    1 
ATOM   115 N N7    . G   A 1 6  ? -3.588  -5.151  -6.252  1.00 27.47  ? 6  G   G N7    1 
ATOM   116 C C5    . G   A 1 6  ? -2.898  -6.288  -5.844  1.00 25.20  ? 6  G   G C5    1 
ATOM   117 C C6    . G   A 1 6  ? -1.554  -6.661  -6.036  1.00 29.22  ? 6  G   G C6    1 
ATOM   118 O O6    . G   A 1 6  ? -0.642  -6.034  -6.585  1.00 41.36  ? 6  G   G O6    1 
ATOM   119 N N1    . G   A 1 6  ? -1.314  -7.895  -5.447  1.00 34.45  ? 6  G   G N1    1 
ATOM   120 C C2    . G   A 1 6  ? -2.206  -8.709  -4.792  1.00 31.55  ? 6  G   G C2    1 
ATOM   121 N N2    . G   A 1 6  ? -1.660  -9.870  -4.338  1.00 38.02  ? 6  G   G N2    1 
ATOM   122 N N3    . G   A 1 6  ? -3.480  -8.387  -4.621  1.00 25.17  ? 6  G   G N3    1 
ATOM   123 C C4    . G   A 1 6  ? -3.710  -7.173  -5.178  1.00 22.17  ? 6  G   G C4    1 
ATOM   124 P P     . C   A 1 7  ? -6.079  -4.823  -0.318  1.00 26.48  ? 7  C   G P     1 
ATOM   125 O OP1   . C   A 1 7  ? -6.974  -4.628  0.845   1.00 25.87  ? 7  C   G OP1   1 
ATOM   126 O OP2   . C   A 1 7  ? -5.330  -3.741  -0.998  1.00 30.54  ? 7  C   G OP2   1 
ATOM   127 O "O5'" . C   A 1 7  ? -5.001  -5.945  0.027   1.00 26.72  ? 7  C   G "O5'" 1 
ATOM   128 C "C5'" . C   A 1 7  ? -5.399  -7.290  0.327   1.00 29.26  ? 7  C   G "C5'" 1 
ATOM   129 C "C4'" . C   A 1 7  ? -4.150  -8.137  0.478   1.00 31.28  ? 7  C   G "C4'" 1 
ATOM   130 O "O4'" . C   A 1 7  ? -3.566  -8.333  -0.839  1.00 25.83  ? 7  C   G "O4'" 1 
ATOM   131 C "C3'" . C   A 1 7  ? -3.038  -7.430  1.233   1.00 34.02  ? 7  C   G "C3'" 1 
ATOM   132 O "O3'" . C   A 1 7  ? -3.161  -7.630  2.646   1.00 36.80  ? 7  C   G "O3'" 1 
ATOM   133 C "C2'" . C   A 1 7  ? -1.792  -8.116  0.705   1.00 26.75  ? 7  C   G "C2'" 1 
ATOM   134 O "O2'" . C   A 1 7  ? -1.585  -9.350  1.384   1.00 33.71  ? 7  C   G "O2'" 1 
ATOM   135 C "C1'" . C   A 1 7  ? -2.157  -8.278  -0.755  1.00 27.29  ? 7  C   G "C1'" 1 
ATOM   136 N N1    . C   A 1 7  ? -1.628  -7.232  -1.647  1.00 27.16  ? 7  C   G N1    1 
ATOM   137 C C2    . C   A 1 7  ? -0.330  -7.403  -2.152  1.00 24.07  ? 7  C   G C2    1 
ATOM   138 O O2    . C   A 1 7  ? 0.326   -8.387  -1.806  1.00 35.88  ? 7  C   G O2    1 
ATOM   139 N N3    . C   A 1 7  ? 0.177   -6.488  -2.995  1.00 24.27  ? 7  C   G N3    1 
ATOM   140 C C4    . C   A 1 7  ? -0.438  -5.340  -3.249  1.00 23.24  ? 7  C   G C4    1 
ATOM   141 N N4    . C   A 1 7  ? 0.133   -4.558  -4.172  1.00 25.29  ? 7  C   G N4    1 
ATOM   142 C C5    . C   A 1 7  ? -1.797  -5.193  -2.838  1.00 27.02  ? 7  C   G C5    1 
ATOM   143 C C6    . C   A 1 7  ? -2.306  -6.116  -1.995  1.00 24.89  ? 7  C   G C6    1 
ATOM   144 P P     . U   A 1 8  ? -2.558  -6.357  3.470   1.00 42.16  ? 8  U   G P     1 
ATOM   145 O OP1   . U   A 1 8  ? -2.989  -5.927  4.833   1.00 60.47  ? 8  U   G OP1   1 
ATOM   146 O OP2   . U   A 1 8  ? -2.383  -5.282  2.455   1.00 43.80  ? 8  U   G OP2   1 
ATOM   147 O "O5'" . U   A 1 8  ? -1.128  -6.897  3.890   1.00 44.86  ? 8  U   G "O5'" 1 
ATOM   148 C "C5'" . U   A 1 8  ? 0.056   -6.420  3.249   1.00 48.08  ? 8  U   G "C5'" 1 
ATOM   149 C "C4'" . U   A 1 8  ? 1.092   -7.533  3.283   1.00 46.90  ? 8  U   G "C4'" 1 
ATOM   150 O "O4'" . U   A 1 8  ? 1.100   -8.127  1.954   1.00 51.20  ? 8  U   G "O4'" 1 
ATOM   151 C "C3'" . U   A 1 8  ? 2.513   -7.041  3.532   1.00 41.38  ? 8  U   G "C3'" 1 
ATOM   152 O "O3'" . U   A 1 8  ? 2.811   -6.978  4.916   1.00 49.09  ? 8  U   G "O3'" 1 
ATOM   153 C "C2'" . U   A 1 8  ? 3.323   -8.038  2.742   1.00 44.88  ? 8  U   G "C2'" 1 
ATOM   154 O "O2'" . U   A 1 8  ? 3.592   -9.278  3.328   1.00 45.70  ? 8  U   G "O2'" 1 
ATOM   155 C "C1'" . U   A 1 8  ? 2.436   -8.173  1.488   1.00 48.11  ? 8  U   G "C1'" 1 
ATOM   156 N N1    . U   A 1 8  ? 2.689   -7.006  0.609   1.00 48.30  ? 8  U   G N1    1 
ATOM   157 C C2    . U   A 1 8  ? 3.947   -6.988  0.025   1.00 44.56  ? 8  U   G C2    1 
ATOM   158 O O2    . U   A 1 8  ? 4.729   -7.903  0.241   1.00 46.08  ? 8  U   G O2    1 
ATOM   159 N N3    . U   A 1 8  ? 4.156   -5.925  -0.794  1.00 44.20  ? 8  U   G N3    1 
ATOM   160 C C4    . U   A 1 8  ? 3.285   -4.882  -1.070  1.00 48.06  ? 8  U   G C4    1 
ATOM   161 O O4    . U   A 1 8  ? 3.687   -3.955  -1.766  1.00 53.67  ? 8  U   G O4    1 
ATOM   162 C C5    . U   A 1 8  ? 1.997   -4.968  -0.414  1.00 48.00  ? 8  U   G C5    1 
ATOM   163 C C6    . U   A 1 8  ? 1.757   -6.033  0.371   1.00 45.45  ? 8  U   G C6    1 
ATOM   164 P P     . G   A 1 9  ? 3.276   -5.671  5.701   1.00 49.51  ? 9  G   G P     1 
ATOM   165 O OP1   . G   A 1 9  ? 3.850   -5.994  7.032   1.00 53.57  ? 9  G   G OP1   1 
ATOM   166 O OP2   . G   A 1 9  ? 2.323   -4.573  5.511   1.00 49.13  ? 9  G   G OP2   1 
ATOM   167 O "O5'" . G   A 1 9  ? 4.678   -5.268  5.040   1.00 44.58  ? 9  G   G "O5'" 1 
ATOM   168 C "C5'" . G   A 1 9  ? 5.633   -6.317  4.834   1.00 42.64  ? 9  G   G "C5'" 1 
ATOM   169 C "C4'" . G   A 1 9  ? 6.887   -5.797  4.200   1.00 40.49  ? 9  G   G "C4'" 1 
ATOM   170 O "O4'" . G   A 1 9  ? 6.786   -5.928  2.766   1.00 43.61  ? 9  G   G "O4'" 1 
ATOM   171 C "C3'" . G   A 1 9  ? 7.252   -4.342  4.437   1.00 38.15  ? 9  G   G "C3'" 1 
ATOM   172 O "O3'" . G   A 1 9  ? 8.065   -4.210  5.604   1.00 34.55  ? 9  G   G "O3'" 1 
ATOM   173 C "C2'" . G   A 1 9  ? 8.068   -3.998  3.192   1.00 36.61  ? 9  G   G "C2'" 1 
ATOM   174 O "O2'" . G   A 1 9  ? 9.389   -4.493  3.208   1.00 51.59  ? 9  G   G "O2'" 1 
ATOM   175 C "C1'" . G   A 1 9  ? 7.268   -4.752  2.143   1.00 39.98  ? 9  G   G "C1'" 1 
ATOM   176 N N9    . G   A 1 9  ? 6.129   -3.960  1.653   1.00 41.71  ? 9  G   G N9    1 
ATOM   177 C C8    . G   A 1 9  ? 4.822   -3.946  2.053   1.00 43.36  ? 9  G   G C8    1 
ATOM   178 N N7    . G   A 1 9  ? 4.089   -3.089  1.375   1.00 43.50  ? 9  G   G N7    1 
ATOM   179 C C5    . G   A 1 9  ? 4.980   -2.515  0.476   1.00 39.60  ? 9  G   G C5    1 
ATOM   180 C C6    . G   A 1 9  ? 4.813   -1.522  -0.525  1.00 37.16  ? 9  G   G C6    1 
ATOM   181 O O6    . G   A 1 9  ? 3.788   -0.908  -0.846  1.00 45.10  ? 9  G   G O6    1 
ATOM   182 N N1    . G   A 1 9  ? 6.026   -1.283  -1.150  1.00 34.52  ? 9  G   G N1    1 
ATOM   183 C C2    . G   A 1 9  ? 7.246   -1.860  -0.917  1.00 36.21  ? 9  G   G C2    1 
ATOM   184 N N2    . G   A 1 9  ? 8.292   -1.464  -1.660  1.00 36.11  ? 9  G   G N2    1 
ATOM   185 N N3    . G   A 1 9  ? 7.424   -2.790  0.015   1.00 33.86  ? 9  G   G N3    1 
ATOM   186 C C4    . G   A 1 9  ? 6.248   -3.029  0.640   1.00 38.03  ? 9  G   G C4    1 
ATOM   187 P P     . C   A 1 10 ? 8.328   -2.735  6.178   1.00 33.41  ? 10 C   G P     1 
ATOM   188 O OP1   . C   A 1 10 ? 9.310   -2.797  7.268   1.00 40.22  ? 10 C   G OP1   1 
ATOM   189 O OP2   . C   A 1 10 ? 6.913   -2.316  6.383   1.00 39.25  ? 10 C   G OP2   1 
ATOM   190 O "O5'" . C   A 1 10 ? 9.012   -1.956  4.945   1.00 34.97  ? 10 C   G "O5'" 1 
ATOM   191 C "C5'" . C   A 1 10 ? 10.434  -2.040  4.755   1.00 30.46  ? 10 C   G "C5'" 1 
ATOM   192 C "C4'" . C   A 1 10 ? 10.867  -1.094  3.661   1.00 26.52  ? 10 C   G "C4'" 1 
ATOM   193 O "O4'" . C   A 1 10 ? 10.029  -1.391  2.498   1.00 29.49  ? 10 C   G "O4'" 1 
ATOM   194 C "C3'" . C   A 1 10 ? 10.506  0.375   3.939   1.00 24.08  ? 10 C   G "C3'" 1 
ATOM   195 O "O3'" . C   A 1 10 ? 11.462  0.975   4.808   1.00 26.68  ? 10 C   G "O3'" 1 
ATOM   196 C "C2'" . C   A 1 10 ? 10.549  0.903   2.504   1.00 24.20  ? 10 C   G "C2'" 1 
ATOM   197 O "O2'" . C   A 1 10 ? 11.866  1.022   1.994   1.00 27.78  ? 10 C   G "O2'" 1 
ATOM   198 C "C1'" . C   A 1 10 ? 9.758   -0.194  1.782   1.00 24.95  ? 10 C   G "C1'" 1 
ATOM   199 N N1    . C   A 1 10 ? 8.306   0.070   1.780   1.00 26.33  ? 10 C   G N1    1 
ATOM   200 C C2    . C   A 1 10 ? 7.799   1.020   0.880   1.00 28.51  ? 10 C   G C2    1 
ATOM   201 O O2    . C   A 1 10 ? 8.538   1.620   0.083   1.00 32.79  ? 10 C   G O2    1 
ATOM   202 N N3    . C   A 1 10 ? 6.482   1.306   0.870   1.00 28.70  ? 10 C   G N3    1 
ATOM   203 C C4    . C   A 1 10 ? 5.648   0.725   1.733   1.00 28.53  ? 10 C   G C4    1 
ATOM   204 N N4    . C   A 1 10 ? 4.339   0.960   1.511   1.00 28.83  ? 10 C   G N4    1 
ATOM   205 C C5    . C   A 1 10 ? 6.125   -0.288  2.606   1.00 29.67  ? 10 C   G C5    1 
ATOM   206 C C6    . C   A 1 10 ? 7.437   -0.603  2.582   1.00 22.72  ? 10 C   G C6    1 
ATOM   207 P P     . U   A 1 11 ? 11.110  2.180   5.808   1.00 26.81  ? 11 U   G P     1 
ATOM   208 O OP1   . U   A 1 11 ? 12.304  2.469   6.635   1.00 30.67  ? 11 U   G OP1   1 
ATOM   209 O OP2   . U   A 1 11 ? 9.866   1.762   6.526   1.00 26.58  ? 11 U   G OP2   1 
ATOM   210 O "O5'" . U   A 1 11 ? 10.933  3.422   4.804   1.00 29.11  ? 11 U   G "O5'" 1 
ATOM   211 C "C5'" . U   A 1 11 ? 12.051  3.883   4.020   1.00 24.26  ? 11 U   G "C5'" 1 
ATOM   212 C "C4'" . U   A 1 11 ? 11.636  5.093   3.202   1.00 21.80  ? 11 U   G "C4'" 1 
ATOM   213 O "O4'" . U   A 1 11 ? 10.752  4.681   2.114   1.00 22.00  ? 11 U   G "O4'" 1 
ATOM   214 C "C3'" . U   A 1 11 ? 10.786  6.109   3.953   1.00 22.16  ? 11 U   G "C3'" 1 
ATOM   215 O "O3'" . U   A 1 11 ? 11.608  7.022   4.685   1.00 24.89  ? 11 U   G "O3'" 1 
ATOM   216 C "C2'" . U   A 1 11 ? 10.138  6.845   2.781   1.00 20.51  ? 11 U   G "C2'" 1 
ATOM   217 O "O2'" . U   A 1 11 ? 11.011  7.787   2.180   1.00 26.53  ? 11 U   G "O2'" 1 
ATOM   218 C "C1'" . U   A 1 11 ? 9.761   5.675   1.907   1.00 20.28  ? 11 U   G "C1'" 1 
ATOM   219 N N1    . U   A 1 11 ? 8.439   5.092   2.194   1.00 26.35  ? 11 U   G N1    1 
ATOM   220 C C2    . U   A 1 11 ? 7.342   5.601   1.531   1.00 27.55  ? 11 U   G C2    1 
ATOM   221 O O2    . U   A 1 11 ? 7.546   6.522   0.748   1.00 32.53  ? 11 U   G O2    1 
ATOM   222 N N3    . U   A 1 11 ? 6.117   5.022   1.848   1.00 29.99  ? 11 U   G N3    1 
ATOM   223 C C4    . U   A 1 11 ? 5.972   3.969   2.732   1.00 30.31  ? 11 U   G C4    1 
ATOM   224 O O4    . U   A 1 11 ? 4.911   3.396   3.008   1.00 40.13  ? 11 U   G O4    1 
ATOM   225 C C5    . U   A 1 11 ? 7.158   3.535   3.442   1.00 29.27  ? 11 U   G C5    1 
ATOM   226 C C6    . U   A 1 11 ? 8.323   4.077   3.122   1.00 26.14  ? 11 U   G C6    1 
ATOM   227 P P     . G   A 1 12 ? 10.960  7.639   6.025   1.00 25.90  ? 12 G   G P     1 
ATOM   228 O OP1   . G   A 1 12 ? 12.018  8.427   6.707   1.00 34.79  ? 12 G   G OP1   1 
ATOM   229 O OP2   . G   A 1 12 ? 10.062  6.754   6.823   1.00 32.26  ? 12 G   G OP2   1 
ATOM   230 O "O5'" . G   A 1 12 ? 9.828   8.639   5.536   1.00 23.31  ? 12 G   G "O5'" 1 
ATOM   231 C "C5'" . G   A 1 12 ? 10.164  9.918   4.994   1.00 22.14  ? 12 G   G "C5'" 1 
ATOM   232 C "C4'" . G   A 1 12 ? 8.966   10.508  4.303   1.00 20.62  ? 12 G   G "C4'" 1 
ATOM   233 O "O4'" . G   A 1 12 ? 8.380   9.584   3.363   1.00 16.67  ? 12 G   G "O4'" 1 
ATOM   234 C "C3'" . G   A 1 12 ? 7.750   10.838  5.173   1.00 21.59  ? 12 G   G "C3'" 1 
ATOM   235 O "O3'" . G   A 1 12 ? 8.019   12.063  5.864   1.00 26.42  ? 12 G   G "O3'" 1 
ATOM   236 C "C2'" . G   A 1 12 ? 6.755   11.118  4.038   1.00 15.38  ? 12 G   G "C2'" 1 
ATOM   237 O "O2'" . G   A 1 12 ? 7.093   12.314  3.359   1.00 26.36  ? 12 G   G "O2'" 1 
ATOM   238 C "C1'" . G   A 1 12 ? 7.016   9.900   3.122   1.00 16.18  ? 12 G   G "C1'" 1 
ATOM   239 N N9    . G   A 1 12 ? 6.184   8.769   3.580   1.00 15.89  ? 12 G   G N9    1 
ATOM   240 C C8    . G   A 1 12 ? 6.556   7.684   4.321   1.00 18.22  ? 12 G   G C8    1 
ATOM   241 N N7    . G   A 1 12 ? 5.542   6.874   4.570   1.00 20.04  ? 12 G   G N7    1 
ATOM   242 C C5    . G   A 1 12 ? 4.458   7.512   3.964   1.00 18.13  ? 12 G   G C5    1 
ATOM   243 C C6    . G   A 1 12 ? 3.088   7.145   3.887   1.00 24.07  ? 12 G   G C6    1 
ATOM   244 O O6    . G   A 1 12 ? 2.626   6.103   4.403   1.00 29.61  ? 12 G   G O6    1 
ATOM   245 N N1    . G   A 1 12 ? 2.326   8.071   3.192   1.00 25.61  ? 12 G   G N1    1 
ATOM   246 C C2    . G   A 1 12 ? 2.794   9.237   2.615   1.00 22.69  ? 12 G   G C2    1 
ATOM   247 N N2    . G   A 1 12 ? 1.901   10.050  1.973   1.00 18.63  ? 12 G   G N2    1 
ATOM   248 N N3    . G   A 1 12 ? 4.074   9.574   2.666   1.00 17.20  ? 12 G   G N3    1 
ATOM   249 C C4    . G   A 1 12 ? 4.822   8.682   3.350   1.00 17.41  ? 12 G   G C4    1 
ATOM   250 P P     . C   A 1 13 ? 7.497   12.216  7.392   1.00 27.74  ? 13 C   G P     1 
ATOM   251 O OP1   . C   A 1 13 ? 7.946   13.526  7.883   1.00 39.04  ? 13 C   G OP1   1 
ATOM   252 O OP2   . C   A 1 13 ? 7.193   11.076  8.285   1.00 41.13  ? 13 C   G OP2   1 
ATOM   253 O "O5'" . C   A 1 13 ? 5.907   12.313  7.130   1.00 27.46  ? 13 C   G "O5'" 1 
ATOM   254 C "C5'" . C   A 1 13 ? 5.425   13.535  6.576   1.00 23.76  ? 13 C   G "C5'" 1 
ATOM   255 C "C4'" . C   A 1 13 ? 3.998   13.433  6.154   1.00 20.91  ? 13 C   G "C4'" 1 
ATOM   256 O "O4'" . C   A 1 13 ? 3.728   12.367  5.217   1.00 18.41  ? 13 C   G "O4'" 1 
ATOM   257 C "C3'" . C   A 1 13 ? 2.891   13.268  7.192   1.00 18.48  ? 13 C   G "C3'" 1 
ATOM   258 O "O3'" . C   A 1 13 ? 2.723   14.468  7.935   1.00 22.44  ? 13 C   G "O3'" 1 
ATOM   259 C "C2'" . C   A 1 13 ? 1.710   13.044  6.234   1.00 15.80  ? 13 C   G "C2'" 1 
ATOM   260 O "O2'" . C   A 1 13 ? 1.427   14.238  5.534   1.00 18.52  ? 13 C   G "O2'" 1 
ATOM   261 C "C1'" . C   A 1 13 ? 2.333   12.028  5.251   1.00 14.47  ? 13 C   G "C1'" 1 
ATOM   262 N N1    . C   A 1 13 ? 2.215   10.653  5.800   1.00 17.59  ? 13 C   G N1    1 
ATOM   263 C C2    . C   A 1 13 ? 0.968   10.027  5.763   1.00 18.53  ? 13 C   G C2    1 
ATOM   264 O O2    . C   A 1 13 ? 0.015   10.623  5.265   1.00 21.76  ? 13 C   G O2    1 
ATOM   265 N N3    . C   A 1 13 ? 0.766   8.767   6.249   1.00 20.69  ? 13 C   G N3    1 
ATOM   266 C C4    . C   A 1 13 ? 1.815   8.130   6.763   1.00 24.11  ? 13 C   G C4    1 
ATOM   267 N N4    . C   A 1 13 ? 1.569   6.908   7.241   1.00 31.39  ? 13 C   G N4    1 
ATOM   268 C C5    . C   A 1 13 ? 3.114   8.733   6.786   1.00 22.90  ? 13 C   G C5    1 
ATOM   269 C C6    . C   A 1 13 ? 3.281   9.989   6.332   1.00 17.21  ? 13 C   G C6    1 
ATOM   270 P P     . U   A 1 14 ? 2.030   14.487  9.385   1.00 25.85  ? 14 U   G P     1 
ATOM   271 O OP1   . U   A 1 14 ? 2.137   15.901  9.868   1.00 29.95  ? 14 U   G OP1   1 
ATOM   272 O OP2   . U   A 1 14 ? 2.763   13.412  10.082  1.00 28.62  ? 14 U   G OP2   1 
ATOM   273 O "O5'" . U   A 1 14 ? 0.488   14.204  9.083   1.00 25.55  ? 14 U   G "O5'" 1 
ATOM   274 C "C5'" . U   A 1 14 ? -0.148  15.050  8.110   1.00 22.33  ? 14 U   G "C5'" 1 
ATOM   275 C "C4'" . U   A 1 14 ? -1.571  14.628  7.868   1.00 22.25  ? 14 U   G "C4'" 1 
ATOM   276 O "O4'" . U   A 1 14 ? -1.573  13.448  7.036   1.00 19.88  ? 14 U   G "O4'" 1 
ATOM   277 C "C3'" . U   A 1 14 ? -2.417  14.241  9.080   1.00 22.22  ? 14 U   G "C3'" 1 
ATOM   278 O "O3'" . U   A 1 14 ? -2.925  15.422  9.695   1.00 28.33  ? 14 U   G "O3'" 1 
ATOM   279 C "C2'" . U   A 1 14 ? -3.511  13.414  8.381   1.00 17.88  ? 14 U   G "C2'" 1 
ATOM   280 O "O2'" . U   A 1 14 ? -4.392  14.219  7.583   1.00 21.63  ? 14 U   G "O2'" 1 
ATOM   281 C "C1'" . U   A 1 14 ? -2.642  12.588  7.432   1.00 19.63  ? 14 U   G "C1'" 1 
ATOM   282 N N1    . U   A 1 14 ? -2.038  11.402  8.083   1.00 20.67  ? 14 U   G N1    1 
ATOM   283 C C2    . U   A 1 14 ? -2.840  10.281  8.216   1.00 22.37  ? 14 U   G C2    1 
ATOM   284 O O2    . U   A 1 14 ? -4.022  10.242  7.884   1.00 21.14  ? 14 U   G O2    1 
ATOM   285 N N3    . U   A 1 14 ? -2.216  9.212   8.811   1.00 22.03  ? 14 U   G N3    1 
ATOM   286 C C4    . U   A 1 14 ? -0.930  9.178   9.294   1.00 21.37  ? 14 U   G C4    1 
ATOM   287 O O4    . U   A 1 14 ? -0.498  8.132   9.796   1.00 29.90  ? 14 U   G O4    1 
ATOM   288 C C5    . U   A 1 14 ? -0.164  10.386  9.150   1.00 18.42  ? 14 U   G C5    1 
ATOM   289 C C6    . U   A 1 14 ? -0.748  11.445  8.564   1.00 15.58  ? 14 U   G C6    1 
ATOM   290 P P     . G   A 1 15 ? -3.263  15.470  11.256  1.00 25.68  ? 15 G   G P     1 
ATOM   291 O OP1   . G   A 1 15 ? -3.753  16.820  11.612  1.00 24.71  ? 15 G   G OP1   1 
ATOM   292 O OP2   . G   A 1 15 ? -2.095  14.815  11.900  1.00 23.86  ? 15 G   G OP2   1 
ATOM   293 O "O5'" . G   A 1 15 ? -4.512  14.468  11.341  1.00 24.14  ? 15 G   G "O5'" 1 
ATOM   294 C "C5'" . G   A 1 15 ? -5.767  14.909  10.782  1.00 22.88  ? 15 G   G "C5'" 1 
ATOM   295 C "C4'" . G   A 1 15 ? -6.801  13.840  11.078  1.00 24.72  ? 15 G   G "C4'" 1 
ATOM   296 O "O4'" . G   A 1 15 ? -6.298  12.618  10.472  1.00 27.86  ? 15 G   G "O4'" 1 
ATOM   297 C "C3'" . G   A 1 15 ? -6.803  13.451  12.555  1.00 23.35  ? 15 G   G "C3'" 1 
ATOM   298 O "O3'" . G   A 1 15 ? -7.682  14.303  13.288  1.00 26.54  ? 15 G   G "O3'" 1 
ATOM   299 C "C2'" . G   A 1 15 ? -7.332  12.028  12.541  1.00 25.83  ? 15 G   G "C2'" 1 
ATOM   300 O "O2'" . G   A 1 15 ? -8.724  12.025  12.222  1.00 34.73  ? 15 G   G "O2'" 1 
ATOM   301 C "C1'" . G   A 1 15 ? -6.629  11.518  11.299  1.00 27.39  ? 15 G   G "C1'" 1 
ATOM   302 N N9    . G   A 1 15 ? -5.396  10.773  11.576  1.00 25.77  ? 15 G   G N9    1 
ATOM   303 C C8    . G   A 1 15 ? -4.099  11.237  11.491  1.00 25.75  ? 15 G   G C8    1 
ATOM   304 N N7    . G   A 1 15 ? -3.209  10.331  11.820  1.00 27.31  ? 15 G   G N7    1 
ATOM   305 C C5    . G   A 1 15 ? -4.019  9.226   12.140  1.00 24.03  ? 15 G   G C5    1 
ATOM   306 C C6    . G   A 1 15 ? -3.626  7.931   12.557  1.00 24.05  ? 15 G   G C6    1 
ATOM   307 O O6    . G   A 1 15 ? -2.443  7.570   12.716  1.00 30.57  ? 15 G   G O6    1 
ATOM   308 N N1    . G   A 1 15 ? -4.759  7.170   12.774  1.00 25.46  ? 15 G   G N1    1 
ATOM   309 C C2    . G   A 1 15 ? -6.088  7.484   12.626  1.00 27.06  ? 15 G   G C2    1 
ATOM   310 N N2    . G   A 1 15 ? -7.024  6.562   12.903  1.00 26.02  ? 15 G   G N2    1 
ATOM   311 N N3    . G   A 1 15 ? -6.461  8.701   12.229  1.00 24.01  ? 15 G   G N3    1 
ATOM   312 C C4    . G   A 1 15 ? -5.358  9.465   12.009  1.00 22.74  ? 15 G   G C4    1 
ATOM   313 P P     . C   A 1 16 ? -7.166  14.622  14.775  1.00 26.65  ? 16 C   G P     1 
ATOM   314 O OP1   . C   A 1 16 ? -7.974  15.738  15.345  1.00 27.83  ? 16 C   G OP1   1 
ATOM   315 O OP2   . C   A 1 16 ? -5.719  14.459  15.005  1.00 33.26  ? 16 C   G OP2   1 
ATOM   316 O "O5'" . C   A 1 16 ? -7.522  13.307  15.603  1.00 28.07  ? 16 C   G "O5'" 1 
ATOM   317 C "C5'" . C   A 1 16 ? -8.875  12.976  15.953  1.00 24.34  ? 16 C   G "C5'" 1 
ATOM   318 C "C4'" . C   A 1 16 ? -8.972  11.536  16.339  1.00 24.64  ? 16 C   G "C4'" 1 
ATOM   319 O "O4'" . C   A 1 16 ? -8.443  10.642  15.325  1.00 24.32  ? 16 C   G "O4'" 1 
ATOM   320 C "C3'" . C   A 1 16 ? -8.223  11.120  17.611  1.00 24.26  ? 16 C   G "C3'" 1 
ATOM   321 O "O3'" . C   A 1 16 ? -8.938  11.580  18.751  1.00 29.92  ? 16 C   G "O3'" 1 
ATOM   322 C "C2'" . C   A 1 16 ? -8.325  9.598   17.469  1.00 23.10  ? 16 C   G "C2'" 1 
ATOM   323 O "O2'" . C   A 1 16 ? -9.629  9.089   17.670  1.00 24.64  ? 16 C   G "O2'" 1 
ATOM   324 C "C1'" . C   A 1 16 ? -7.958  9.469   15.984  1.00 21.41  ? 16 C   G "C1'" 1 
ATOM   325 N N1    . C   A 1 16 ? -6.489  9.414   15.816  1.00 18.67  ? 16 C   G N1    1 
ATOM   326 C C2    . C   A 1 16 ? -5.856  8.206   16.135  1.00 21.10  ? 16 C   G C2    1 
ATOM   327 O O2    . C   A 1 16 ? -6.510  7.236   16.544  1.00 29.49  ? 16 C   G O2    1 
ATOM   328 N N3    . C   A 1 16 ? -4.522  8.111   15.961  1.00 23.75  ? 16 C   G N3    1 
ATOM   329 C C4    . C   A 1 16 ? -3.833  9.195   15.592  1.00 24.93  ? 16 C   G C4    1 
ATOM   330 N N4    . C   A 1 16 ? -2.517  8.996   15.452  1.00 27.05  ? 16 C   G N4    1 
ATOM   331 C C5    . C   A 1 16 ? -4.459  10.415  15.209  1.00 22.14  ? 16 C   G C5    1 
ATOM   332 C C6    . C   A 1 16 ? -5.796  10.509  15.377  1.00 19.35  ? 16 C   G C6    1 
ATOM   333 P P     . U   A 1 17 ? -8.206  12.186  20.043  1.00 27.73  ? 17 U   G P     1 
ATOM   334 O OP1   . U   A 1 17 ? -9.249  12.848  20.872  1.00 31.17  ? 17 U   G OP1   1 
ATOM   335 O OP2   . U   A 1 17 ? -6.902  12.827  19.807  1.00 34.70  ? 17 U   G OP2   1 
ATOM   336 O "O5'" . U   A 1 17 ? -7.699  10.878  20.796  1.00 26.53  ? 17 U   G "O5'" 1 
ATOM   337 C "C5'" . U   A 1 17 ? -8.572  9.834   21.245  1.00 23.96  ? 17 U   G "C5'" 1 
ATOM   338 C "C4'" . U   A 1 17 ? -7.793  8.600   21.608  1.00 24.63  ? 17 U   G "C4'" 1 
ATOM   339 O "O4'" . U   A 1 17 ? -7.188  7.996   20.437  1.00 27.23  ? 17 U   G "O4'" 1 
ATOM   340 C "C3'" . U   A 1 17 ? -6.598  8.714   22.561  1.00 28.46  ? 17 U   G "C3'" 1 
ATOM   341 O "O3'" . U   A 1 17 ? -7.043  8.870   23.904  1.00 26.61  ? 17 U   G "O3'" 1 
ATOM   342 C "C2'" . U   A 1 17 ? -6.000  7.318   22.337  1.00 28.01  ? 17 U   G "C2'" 1 
ATOM   343 O "O2'" . U   A 1 17 ? -6.930  6.326   22.788  1.00 25.31  ? 17 U   G "O2'" 1 
ATOM   344 C "C1'" . U   A 1 17 ? -6.022  7.272   20.824  1.00 28.79  ? 17 U   G "C1'" 1 
ATOM   345 N N1    . U   A 1 17 ? -4.864  7.870   20.137  1.00 31.19  ? 17 U   G N1    1 
ATOM   346 C C2    . U   A 1 17 ? -3.691  7.154   20.038  1.00 28.75  ? 17 U   G C2    1 
ATOM   347 O O2    . U   A 1 17 ? -3.599  6.027   20.492  1.00 33.68  ? 17 U   G O2    1 
ATOM   348 N N3    . U   A 1 17 ? -2.603  7.742   19.415  1.00 31.21  ? 17 U   G N3    1 
ATOM   349 C C4    . U   A 1 17 ? -2.694  9.000   18.831  1.00 31.12  ? 17 U   G C4    1 
ATOM   350 O O4    . U   A 1 17 ? -1.768  9.515   18.210  0.58 34.62  ? 17 U   G O4    1 
ATOM   351 C C5    . U   A 1 17 ? -3.944  9.706   18.987  1.00 31.44  ? 17 U   G C5    1 
ATOM   352 C C6    . U   A 1 17 ? -4.968  9.139   19.613  1.00 27.32  ? 17 U   G C6    1 
ATOM   353 P P     . G   A 1 18 ? -6.130  9.504   25.064  1.00 32.54  ? 18 G   G P     1 
ATOM   354 O OP1   . G   A 1 18 ? -6.965  9.621   26.294  1.00 56.04  ? 18 G   G OP1   1 
ATOM   355 O OP2   . G   A 1 18 ? -5.336  10.696  24.669  1.00 40.83  ? 18 G   G OP2   1 
ATOM   356 O "O5'" . G   A 1 18 ? -5.030  8.371   25.348  1.00 33.97  ? 18 G   G "O5'" 1 
ATOM   357 C "C5'" . G   A 1 18 ? -5.458  7.024   25.576  1.00 31.82  ? 18 G   G "C5'" 1 
ATOM   358 C "C4'" . G   A 1 18 ? -4.287  6.144   25.936  1.00 31.37  ? 18 G   G "C4'" 1 
ATOM   359 O "O4'" . G   A 1 18 ? -3.731  5.614   24.700  1.00 36.17  ? 18 G   G "O4'" 1 
ATOM   360 C "C3'" . G   A 1 18 ? -3.125  6.826   26.654  1.00 38.99  ? 18 G   G "C3'" 1 
ATOM   361 O "O3'" . G   A 1 18 ? -3.298  6.759   28.071  1.00 42.10  ? 18 G   G "O3'" 1 
ATOM   362 C "C2'" . G   A 1 18 ? -1.968  5.941   26.199  1.00 40.21  ? 18 G   G "C2'" 1 
ATOM   363 O "O2'" . G   A 1 18 ? -1.955  4.700   26.900  1.00 39.63  ? 18 G   G "O2'" 1 
ATOM   364 C "C1'" . G   A 1 18 ? -2.317  5.706   24.745  1.00 42.51  ? 18 G   G "C1'" 1 
ATOM   365 N N9    . G   A 1 18 ? -1.897  6.761   23.807  1.00 43.78  ? 18 G   G N9    1 
ATOM   366 C C8    . G   A 1 18 ? -2.618  7.852   23.397  1.00 41.14  ? 18 G   G C8    1 
ATOM   367 N N7    . G   A 1 18 ? -1.968  8.610   22.544  1.00 41.49  ? 18 G   G N7    1 
ATOM   368 C C5    . G   A 1 18 ? -0.744  7.975   22.396  1.00 43.52  ? 18 G   G C5    1 
ATOM   369 C C6    . G   A 1 18 ? 0.372   8.335   21.600  1.00 47.21  ? 18 G   G C6    1 
ATOM   370 O O6    . G   A 1 18 ? 0.472   9.321   20.858  1.00 44.53  ? 18 G   G O6    1 
ATOM   371 N N1    . G   A 1 18 ? 1.401   7.415   21.749  1.00 50.72  ? 18 G   G N1    1 
ATOM   372 C C2    . G   A 1 18 ? 1.359   6.298   22.552  1.00 50.36  ? 18 G   G C2    1 
ATOM   373 N N2    . G   A 1 18 ? 2.456   5.522   22.567  1.00 53.96  ? 18 G   G N2    1 
ATOM   374 N N3    . G   A 1 18 ? 0.322   5.949   23.300  1.00 46.35  ? 18 G   G N3    1 
ATOM   375 C C4    . G   A 1 18 ? -0.684  6.836   23.169  1.00 43.33  ? 18 G   G C4    1 
ATOM   376 O "O5'" . C   B 1 1  ? 9.907   7.441   16.604  1.00 53.48  ? 1  C   H "O5'" 1 
ATOM   377 C "C5'" . C   B 1 1  ? 8.608   7.356   17.178  1.00 47.76  ? 1  C   H "C5'" 1 
ATOM   378 C "C4'" . C   B 1 1  ? 8.577   6.342   18.308  1.00 50.78  ? 1  C   H "C4'" 1 
ATOM   379 O "O4'" . C   B 1 1  ? 8.182   7.013   19.539  1.00 47.77  ? 1  C   H "O4'" 1 
ATOM   380 C "C3'" . C   B 1 1  ? 7.491   5.300   18.087  1.00 49.95  ? 1  C   H "C3'" 1 
ATOM   381 O "O3'" . C   B 1 1  ? 8.005   4.155   17.407  1.00 51.13  ? 1  C   H "O3'" 1 
ATOM   382 C "C2'" . C   B 1 1  ? 6.949   5.022   19.466  1.00 46.49  ? 1  C   H "C2'" 1 
ATOM   383 O "O2'" . C   B 1 1  ? 7.613   3.971   20.140  1.00 44.80  ? 1  C   H "O2'" 1 
ATOM   384 C "C1'" . C   B 1 1  ? 7.043   6.386   20.135  1.00 41.04  ? 1  C   H "C1'" 1 
ATOM   385 N N1    . C   B 1 1  ? 5.881   7.259   19.848  1.00 40.48  ? 1  C   H N1    1 
ATOM   386 C C2    . C   B 1 1  ? 4.688   7.073   20.539  1.00 42.79  ? 1  C   H C2    1 
ATOM   387 O O2    . C   B 1 1  ? 4.635   6.191   21.406  1.00 51.67  ? 1  C   H O2    1 
ATOM   388 N N3    . C   B 1 1  ? 3.627   7.878   20.276  1.00 43.09  ? 1  C   H N3    1 
ATOM   389 C C4    . C   B 1 1  ? 3.726   8.837   19.352  1.00 39.12  ? 1  C   H C4    1 
ATOM   390 N N4    . C   B 1 1  ? 2.660   9.584   19.061  1.00 37.83  ? 1  C   H N4    1 
ATOM   391 C C5    . C   B 1 1  ? 4.949   9.084   18.660  1.00 36.75  ? 1  C   H C5    1 
ATOM   392 C C6    . C   B 1 1  ? 5.969   8.261   18.927  1.00 35.52  ? 1  C   H C6    1 
ATOM   393 P P     . U   B 1 2  ? 6.903   3.176   16.795  1.00 45.55  ? 2  U   H P     1 
ATOM   394 O OP1   . U   B 1 2  ? 7.481   2.072   16.070  1.00 45.38  ? 2  U   H OP1   1 
ATOM   395 O OP2   . U   B 1 2  ? 5.764   4.023   16.379  1.00 49.49  ? 2  U   H OP2   1 
ATOM   396 O "O5'" . U   B 1 2  ? 6.058   2.704   18.042  1.00 45.19  ? 2  U   H "O5'" 1 
ATOM   397 C "C5'" . U   B 1 2  ? 5.855   1.308   18.285  1.00 42.52  ? 2  U   H "C5'" 1 
ATOM   398 C "C4'" . U   B 1 2  ? 4.691   1.138   19.220  1.00 43.04  ? 2  U   H "C4'" 1 
ATOM   399 O "O4'" . U   B 1 2  ? 4.465   2.386   19.943  1.00 40.75  ? 2  U   H "O4'" 1 
ATOM   400 C "C3'" . U   B 1 2  ? 3.330   0.904   18.565  0.85 43.48  ? 2  U   H "C3'" 1 
ATOM   401 O "O3'" . U   B 1 2  ? 3.221   -0.433  18.081  0.85 36.80  ? 2  U   H "O3'" 1 
ATOM   402 C "C2'" . U   B 1 2  ? 2.475   1.111   19.823  0.85 47.40  ? 2  U   H "C2'" 1 
ATOM   403 O "O2'" . U   B 1 2  ? 2.728   0.076   20.768  0.85 45.53  ? 2  U   H "O2'" 1 
ATOM   404 C "C1'" . U   B 1 2  ? 3.100   2.419   20.307  1.00 45.78  ? 2  U   H "C1'" 1 
ATOM   405 N N1    . U   B 1 2  ? 2.405   3.601   19.776  1.00 44.72  ? 2  U   H N1    1 
ATOM   406 C C2    . U   B 1 2  ? 1.157   3.854   20.345  1.00 46.26  ? 2  U   H C2    1 
ATOM   407 O O2    . U   B 1 2  ? 0.732   3.116   21.221  1.00 59.50  ? 2  U   H O2    1 
ATOM   408 N N3    . U   B 1 2  ? 0.452   4.916   19.855  1.00 45.61  ? 2  U   H N3    1 
ATOM   409 C C4    . U   B 1 2  ? 0.886   5.821   18.905  1.00 44.60  ? 2  U   H C4    1 
ATOM   410 O O4    . U   B 1 2  ? 0.169   6.767   18.633  1.00 46.43  ? 2  U   H O4    1 
ATOM   411 C C5    . U   B 1 2  ? 2.190   5.499   18.350  1.00 43.53  ? 2  U   H C5    1 
ATOM   412 C C6    . U   B 1 2  ? 2.891   4.429   18.793  1.00 39.16  ? 2  U   H C6    1 
ATOM   413 P P     . G   B 1 3  ? 2.594   -0.644  16.609  1.00 36.16  ? 3  G   H P     1 
ATOM   414 O OP1   . G   B 1 3  ? 3.176   -1.874  16.035  1.00 45.21  ? 3  G   H OP1   1 
ATOM   415 O OP2   . G   B 1 3  ? 2.817   0.677   15.974  1.00 52.01  ? 3  G   H OP2   1 
ATOM   416 O "O5'" . G   B 1 3  ? 1.040   -0.839  16.864  1.00 37.55  ? 3  G   H "O5'" 1 
ATOM   417 C "C5'" . G   B 1 3  ? 0.580   -1.485  18.060  1.00 36.16  ? 3  G   H "C5'" 1 
ATOM   418 C "C4'" . G   B 1 3  ? -0.837  -1.054  18.344  1.00 37.54  ? 3  G   H "C4'" 1 
ATOM   419 O "O4'" . G   B 1 3  ? -0.818  0.268   18.959  1.00 37.49  ? 3  G   H "O4'" 1 
ATOM   420 C "C3'" . G   B 1 3  ? -1.673  -0.845  17.079  1.00 33.35  ? 3  G   H "C3'" 1 
ATOM   421 O "O3'" . G   B 1 3  ? -2.183  -2.091  16.594  1.00 32.24  ? 3  G   H "O3'" 1 
ATOM   422 C "C2'" . G   B 1 3  ? -2.777  0.018   17.686  1.00 34.50  ? 3  G   H "C2'" 1 
ATOM   423 O "O2'" . G   B 1 3  ? -3.609  -0.786  18.520  1.00 49.94  ? 3  G   H "O2'" 1 
ATOM   424 C "C1'" . G   B 1 3  ? -1.975  0.982   18.531  1.00 38.70  ? 3  G   H "C1'" 1 
ATOM   425 N N9    . G   B 1 3  ? -1.507  2.181   17.824  1.00 35.71  ? 3  G   H N9    1 
ATOM   426 C C8    . G   B 1 3  ? -0.237  2.423   17.366  1.00 37.21  ? 3  G   H C8    1 
ATOM   427 N N7    . G   B 1 3  ? -0.124  3.580   16.771  1.00 37.19  ? 3  G   H N7    1 
ATOM   428 C C5    . G   B 1 3  ? -1.388  4.142   16.851  1.00 34.15  ? 3  G   H C5    1 
ATOM   429 C C6    . G   B 1 3  ? -1.851  5.395   16.377  1.00 34.84  ? 3  G   H C6    1 
ATOM   430 O O6    . G   B 1 3  ? -1.209  6.269   15.781  1.00 47.87  ? 3  G   H O6    1 
ATOM   431 N N1    . G   B 1 3  ? -3.203  5.564   16.647  1.00 36.56  ? 3  G   H N1    1 
ATOM   432 C C2    . G   B 1 3  ? -3.989  4.647   17.300  1.00 38.01  ? 3  G   H C2    1 
ATOM   433 N N2    . G   B 1 3  ? -5.286  4.989   17.470  1.00 38.24  ? 3  G   H N2    1 
ATOM   434 N N3    . G   B 1 3  ? -3.558  3.480   17.754  1.00 36.80  ? 3  G   H N3    1 
ATOM   435 C C4    . G   B 1 3  ? -2.258  3.283   17.493  1.00 34.82  ? 3  G   H C4    1 
ATOM   436 P P     . C   B 1 4  ? -2.589  -2.251  15.049  1.00 32.00  ? 4  C   H P     1 
ATOM   437 O OP1   . C   B 1 4  ? -3.110  -3.599  14.792  1.00 36.89  ? 4  C   H OP1   1 
ATOM   438 O OP2   . C   B 1 4  ? -1.426  -1.658  14.356  1.00 31.82  ? 4  C   H OP2   1 
ATOM   439 O "O5'" . C   B 1 4  ? -3.776  -1.202  14.874  1.00 33.03  ? 4  C   H "O5'" 1 
ATOM   440 C "C5'" . C   B 1 4  ? -5.106  -1.649  15.210  1.00 28.95  ? 4  C   H "C5'" 1 
ATOM   441 C "C4'" . C   B 1 4  ? -6.060  -0.509  14.989  1.00 24.63  ? 4  C   H "C4'" 1 
ATOM   442 O "O4'" . C   B 1 4  ? -5.630  0.723   15.635  1.00 24.60  ? 4  C   H "O4'" 1 
ATOM   443 C "C3'" . C   B 1 4  ? -6.114  -0.076  13.504  1.00 25.94  ? 4  C   H "C3'" 1 
ATOM   444 O "O3'" . C   B 1 4  ? -6.856  -1.058  12.793  1.00 27.18  ? 4  C   H "O3'" 1 
ATOM   445 C "C2'" . C   B 1 4  ? -6.942  1.199   13.712  1.00 24.90  ? 4  C   H "C2'" 1 
ATOM   446 O "O2'" . C   B 1 4  ? -8.283  0.859   14.053  1.00 19.17  ? 4  C   H "O2'" 1 
ATOM   447 C "C1'" . C   B 1 4  ? -6.149  1.811   14.874  1.00 25.27  ? 4  C   H "C1'" 1 
ATOM   448 N N1    . C   B 1 4  ? -5.008  2.626   14.416  1.00 26.93  ? 4  C   H N1    1 
ATOM   449 C C2    . C   B 1 4  ? -5.261  3.912   13.943  1.00 26.89  ? 4  C   H C2    1 
ATOM   450 O O2    . C   B 1 4  ? -6.399  4.359   13.864  1.00 21.71  ? 4  C   H O2    1 
ATOM   451 N N3    . C   B 1 4  ? -4.221  4.688   13.607  1.00 31.11  ? 4  C   H N3    1 
ATOM   452 C C4    . C   B 1 4  ? -2.981  4.219   13.515  1.00 30.53  ? 4  C   H C4    1 
ATOM   453 N N4    . C   B 1 4  ? -2.077  5.102   13.078  1.00 22.85  ? 4  C   H N4    1 
ATOM   454 C C5    . C   B 1 4  ? -2.695  2.907   13.994  1.00 29.69  ? 4  C   H C5    1 
ATOM   455 C C6    . C   B 1 4  ? -3.718  2.187   14.465  1.00 26.00  ? 4  C   H C6    1 
ATOM   456 P P     . U   B 1 5  ? -6.523  -1.455  11.279  1.00 22.96  ? 5  U   H P     1 
ATOM   457 O OP1   . U   B 1 5  ? -7.271  -2.684  10.965  1.00 23.36  ? 5  U   H OP1   1 
ATOM   458 O OP2   . U   B 1 5  ? -5.052  -1.354  11.025  1.00 25.13  ? 5  U   H OP2   1 
ATOM   459 O "O5'" . U   B 1 5  ? -7.078  -0.226  10.434  1.00 29.10  ? 5  U   H "O5'" 1 
ATOM   460 C "C5'" . U   B 1 5  ? -8.406  0.287   10.546  1.00 34.65  ? 5  U   H "C5'" 1 
ATOM   461 C "C4'" . U   B 1 5  ? -8.562  1.645   9.981   1.00 30.47  ? 5  U   H "C4'" 1 
ATOM   462 O "O4'" . U   B 1 5  ? -8.040  2.722   10.785  1.00 31.67  ? 5  U   H "O4'" 1 
ATOM   463 C "C3'" . U   B 1 5  ? -8.051  2.029   8.607   1.00 26.96  ? 5  U   H "C3'" 1 
ATOM   464 O "O3'" . U   B 1 5  ? -8.800  1.383   7.582   1.00 24.98  ? 5  U   H "O3'" 1 
ATOM   465 C "C2'" . U   B 1 5  ? -8.426  3.509   8.611   1.00 25.38  ? 5  U   H "C2'" 1 
ATOM   466 O "O2'" . U   B 1 5  ? -9.747  3.844   8.353   1.00 25.58  ? 5  U   H "O2'" 1 
ATOM   467 C "C1'" . U   B 1 5  ? -8.026  3.904   10.050  1.00 30.57  ? 5  U   H "C1'" 1 
ATOM   468 N N1    . U   B 1 5  ? -6.710  4.575   9.944   1.00 31.74  ? 5  U   H N1    1 
ATOM   469 C C2    . U   B 1 5  ? -6.820  5.862   9.395   1.00 34.64  ? 5  U   H C2    1 
ATOM   470 O O2    . U   B 1 5  ? -7.917  6.307   9.057   1.00 48.27  ? 5  U   H O2    1 
ATOM   471 N N3    . U   B 1 5  ? -5.661  6.518   9.239   1.00 35.53  ? 5  U   H N3    1 
ATOM   472 C C4    . U   B 1 5  ? -4.375  6.120   9.560   1.00 38.30  ? 5  U   H C4    1 
ATOM   473 O O4    . U   B 1 5  ? -3.478  6.934   9.396   1.00 39.19  ? 5  U   H O4    1 
ATOM   474 C C5    . U   B 1 5  ? -4.338  4.791   10.142  1.00 35.80  ? 5  U   H C5    1 
ATOM   475 C C6    . U   B 1 5  ? -5.501  4.092   10.306  1.00 31.70  ? 5  U   H C6    1 
ATOM   476 P P     . G   B 1 6  ? -8.094  1.127   6.173   1.00 25.62  ? 6  G   H P     1 
ATOM   477 O OP1   . G   B 1 6  ? -9.081  0.560   5.249   1.00 23.76  ? 6  G   H OP1   1 
ATOM   478 O OP2   . G   B 1 6  ? -6.859  0.441   6.620   1.00 27.93  ? 6  G   H OP2   1 
ATOM   479 O "O5'" . G   B 1 6  ? -7.602  2.560   5.659   1.00 25.56  ? 6  G   H "O5'" 1 
ATOM   480 C "C5'" . G   B 1 6  ? -8.333  3.175   4.601   1.00 22.21  ? 6  G   H "C5'" 1 
ATOM   481 C "C4'" . G   B 1 6  ? -8.001  4.625   4.505   1.00 19.82  ? 6  G   H "C4'" 1 
ATOM   482 O "O4'" . G   B 1 6  ? -7.468  5.158   5.736   1.00 21.03  ? 6  G   H "O4'" 1 
ATOM   483 C "C3'" . G   B 1 6  ? -6.844  4.853   3.514   1.00 17.37  ? 6  G   H "C3'" 1 
ATOM   484 O "O3'" . G   B 1 6  ? -7.366  4.696   2.196   1.00 17.56  ? 6  G   H "O3'" 1 
ATOM   485 C "C2'" . G   B 1 6  ? -6.538  6.308   3.849   1.00 16.31  ? 6  G   H "C2'" 1 
ATOM   486 O "O2'" . G   B 1 6  ? -7.502  7.212   3.356   1.00 16.33  ? 6  G   H "O2'" 1 
ATOM   487 C "C1'" . G   B 1 6  ? -6.529  6.207   5.362   1.00 17.42  ? 6  G   H "C1'" 1 
ATOM   488 N N9    . G   B 1 6  ? -5.218  5.717   5.848   1.00 17.11  ? 6  G   H N9    1 
ATOM   489 C C8    . G   B 1 6  ? -4.975  4.449   6.339   1.00 19.31  ? 6  G   H C8    1 
ATOM   490 N N7    . G   B 1 6  ? -3.726  4.316   6.689   1.00 22.06  ? 6  G   H N7    1 
ATOM   491 C C5    . G   B 1 6  ? -3.152  5.559   6.401   1.00 18.09  ? 6  G   H C5    1 
ATOM   492 C C6    . G   B 1 6  ? -1.817  5.989   6.581   1.00 21.59  ? 6  G   H C6    1 
ATOM   493 O O6    . G   B 1 6  ? -0.904  5.286   7.051   1.00 29.79  ? 6  G   H O6    1 
ATOM   494 N N1    . G   B 1 6  ? -1.644  7.304   6.164   1.00 22.22  ? 6  G   H N1    1 
ATOM   495 C C2    . G   B 1 6  ? -2.620  8.124   5.642   1.00 18.64  ? 6  G   H C2    1 
ATOM   496 N N2    . G   B 1 6  ? -2.182  9.356   5.306   1.00 20.92  ? 6  G   H N2    1 
ATOM   497 N N3    . G   B 1 6  ? -3.876  7.714   5.474   1.00 14.38  ? 6  G   H N3    1 
ATOM   498 C C4    . G   B 1 6  ? -4.057  6.446   5.889   1.00 13.72  ? 6  G   H C4    1 
ATOM   499 P P     . C   B 1 7  ? -6.505  4.184   0.971   1.00 18.11  ? 7  C   H P     1 
ATOM   500 O OP1   . C   B 1 7  ? -7.447  3.817   -0.104  1.00 22.72  ? 7  C   H OP1   1 
ATOM   501 O OP2   . C   B 1 7  ? -5.451  3.285   1.463   1.00 20.47  ? 7  C   H OP2   1 
ATOM   502 O "O5'" . C   B 1 7  ? -5.667  5.440   0.475   1.00 19.99  ? 7  C   H "O5'" 1 
ATOM   503 C "C5'" . C   B 1 7  ? -6.216  6.731   0.234   1.00 22.42  ? 7  C   H "C5'" 1 
ATOM   504 C "C4'" . C   B 1 7  ? -5.149  7.793   0.264   1.00 23.69  ? 7  C   H "C4'" 1 
ATOM   505 O "O4'" . C   B 1 7  ? -4.594  7.953   1.596   1.00 25.48  ? 7  C   H "O4'" 1 
ATOM   506 C "C3'" . C   B 1 7  ? -3.923  7.595   -0.609  1.00 26.07  ? 7  C   H "C3'" 1 
ATOM   507 O "O3'" . C   B 1 7  ? -4.266  7.979   -1.946  1.00 26.21  ? 7  C   H "O3'" 1 
ATOM   508 C "C2'" . C   B 1 7  ? -2.980  8.636   -0.015  1.00 26.75  ? 7  C   H "C2'" 1 
ATOM   509 O "O2'" . C   B 1 7  ? -3.294  9.971   -0.366  1.00 29.02  ? 7  C   H "O2'" 1 
ATOM   510 C "C1'" . C   B 1 7  ? -3.281  8.477   1.469   1.00 26.26  ? 7  C   H "C1'" 1 
ATOM   511 N N1    . C   B 1 7  ? -2.348  7.579   2.170   1.00 28.56  ? 7  C   H N1    1 
ATOM   512 C C2    . C   B 1 7  ? -1.049  8.027   2.414   1.00 22.73  ? 7  C   H C2    1 
ATOM   513 O O2    . C   B 1 7  ? -0.693  9.164   2.071   1.00 29.16  ? 7  C   H O2    1 
ATOM   514 N N3    . C   B 1 7  ? -0.203  7.170   3.005   1.00 23.88  ? 7  C   H N3    1 
ATOM   515 C C4    . C   B 1 7  ? -0.634  6.001   3.481   1.00 27.48  ? 7  C   H C4    1 
ATOM   516 N N4    . C   B 1 7  ? 0.267   5.236   4.132   1.00 29.92  ? 7  C   H N4    1 
ATOM   517 C C5    . C   B 1 7  ? -1.941  5.493   3.201   1.00 30.20  ? 7  C   H C5    1 
ATOM   518 C C6    . C   B 1 7  ? -2.741  6.310   2.504   1.00 24.32  ? 7  C   H C6    1 
ATOM   519 P P     . U   B 1 8  ? -3.579  7.172   -3.141  1.00 23.72  ? 8  U   H P     1 
ATOM   520 O OP1   . U   B 1 8  ? -4.333  7.424   -4.384  1.00 37.14  ? 8  U   H OP1   1 
ATOM   521 O OP2   . U   B 1 8  ? -3.251  5.768   -2.767  1.00 35.35  ? 8  U   H OP2   1 
ATOM   522 O "O5'" . U   B 1 8  ? -2.137  7.830   -3.263  1.00 24.73  ? 8  U   H "O5'" 1 
ATOM   523 C "C5'" . U   B 1 8  ? -1.965  9.223   -3.535  1.00 28.75  ? 8  U   H "C5'" 1 
ATOM   524 C "C4'" . U   B 1 8  ? -0.521  9.586   -3.370  1.00 28.50  ? 8  U   H "C4'" 1 
ATOM   525 O "O4'" . U   B 1 8  ? -0.117  9.443   -1.977  1.00 31.45  ? 8  U   H "O4'" 1 
ATOM   526 C "C3'" . U   B 1 8  ? 0.488   8.644   -4.042  1.00 34.76  ? 8  U   H "C3'" 1 
ATOM   527 O "O3'" . U   B 1 8  ? 0.484   8.891   -5.451  1.00 29.88  ? 8  U   H "O3'" 1 
ATOM   528 C "C2'" . U   B 1 8  ? 1.759   9.246   -3.427  1.00 29.42  ? 8  U   H "C2'" 1 
ATOM   529 O "O2'" . U   B 1 8  ? 2.023   10.494  -4.063  1.00 29.22  ? 8  U   H "O2'" 1 
ATOM   530 C "C1'" . U   B 1 8  ? 1.299   9.422   -1.978  1.00 35.24  ? 8  U   H "C1'" 1 
ATOM   531 N N1    . U   B 1 8  ? 1.750   8.290   -1.135  1.00 37.78  ? 8  U   H N1    1 
ATOM   532 C C2    . U   B 1 8  ? 3.081   8.329   -0.759  1.00 43.98  ? 8  U   H C2    1 
ATOM   533 O O2    . U   B 1 8  ? 3.844   9.224   -1.093  1.00 56.20  ? 8  U   H O2    1 
ATOM   534 N N3    . U   B 1 8  ? 3.491   7.271   -0.004  1.00 44.25  ? 8  U   H N3    1 
ATOM   535 C C4    . U   B 1 8  ? 2.691   6.233   0.445   1.00 42.25  ? 8  U   H C4    1 
ATOM   536 O O4    . U   B 1 8  ? 3.308   5.413   1.116   1.00 48.48  ? 8  U   H O4    1 
ATOM   537 C C5    . U   B 1 8  ? 1.322   6.246   0.004   1.00 38.85  ? 8  U   H C5    1 
ATOM   538 C C6    . U   B 1 8  ? 0.909   7.270   -0.773  1.00 34.71  ? 8  U   H C6    1 
ATOM   539 P P     . G   B 1 9  ? 0.559   7.601   -6.418  1.00 31.41  ? 9  G   H P     1 
ATOM   540 O OP1   . G   B 1 9  ? 0.241   8.067   -7.804  1.00 43.58  ? 9  G   H OP1   1 
ATOM   541 O OP2   . G   B 1 9  ? -0.018  6.343   -5.899  1.00 25.99  ? 9  G   H OP2   1 
ATOM   542 O "O5'" . G   B 1 9  ? 2.135   7.287   -6.402  1.00 35.76  ? 9  G   H "O5'" 1 
ATOM   543 C "C5'" . G   B 1 9  ? 3.057   8.362   -6.640  1.00 30.69  ? 9  G   H "C5'" 1 
ATOM   544 C "C4'" . G   B 1 9  ? 4.444   7.911   -6.233  1.00 26.01  ? 9  G   H "C4'" 1 
ATOM   545 O "O4'" . G   B 1 9  ? 4.445   7.832   -4.769  1.00 29.24  ? 9  G   H "O4'" 1 
ATOM   546 C "C3'" . G   B 1 9  ? 4.773   6.475   -6.635  1.00 26.09  ? 9  G   H "C3'" 1 
ATOM   547 O "O3'" . G   B 1 9  ? 5.213   6.416   -7.988  1.00 26.58  ? 9  G   H "O3'" 1 
ATOM   548 C "C2'" . G   B 1 9  ? 5.929   6.222   -5.660  1.00 25.42  ? 9  G   H "C2'" 1 
ATOM   549 O "O2'" . G   B 1 9  ? 7.094   6.913   -6.097  1.00 27.46  ? 9  G   H "O2'" 1 
ATOM   550 C "C1'" . G   B 1 9  ? 5.386   6.832   -4.373  1.00 28.02  ? 9  G   H "C1'" 1 
ATOM   551 N N9    . G   B 1 9  ? 4.648   5.854   -3.552  1.00 28.03  ? 9  G   H N9    1 
ATOM   552 C C8    . G   B 1 9  ? 3.306   5.617   -3.530  1.00 32.45  ? 9  G   H C8    1 
ATOM   553 N N7    . G   B 1 9  ? 2.973   4.665   -2.677  1.00 32.88  ? 9  G   H N7    1 
ATOM   554 C C5    . G   B 1 9  ? 4.183   4.271   -2.116  1.00 32.20  ? 9  G   H C5    1 
ATOM   555 C C6    . G   B 1 9  ? 4.475   3.288   -1.137  1.00 34.28  ? 9  G   H C6    1 
ATOM   556 O O6    . G   B 1 9  ? 3.696   2.529   -0.534  1.00 33.83  ? 9  G   H O6    1 
ATOM   557 N N1    . G   B 1 9  ? 5.843   3.234   -0.889  1.00 35.68  ? 9  G   H N1    1 
ATOM   558 C C2    . G   B 1 9  ? 6.805   4.005   -1.480  1.00 34.69  ? 9  G   H C2    1 
ATOM   559 N N2    . G   B 1 9  ? 8.064   3.774   -1.080  1.00 37.67  ? 9  G   H N2    1 
ATOM   560 N N3    . G   B 1 9  ? 6.552   4.937   -2.398  1.00 30.91  ? 9  G   H N3    1 
ATOM   561 C C4    . G   B 1 9  ? 5.228   4.996   -2.649  1.00 29.16  ? 9  G   H C4    1 
ATOM   562 P P     . C   B 1 10 ? 5.275   5.020   -8.764  1.00 27.61  ? 10 C   H P     1 
ATOM   563 O OP1   . C   B 1 10 ? 5.760   5.270   -10.133 1.00 37.29  ? 10 C   H OP1   1 
ATOM   564 O OP2   . C   B 1 10 ? 3.819   4.767   -8.579  1.00 32.84  ? 10 C   H OP2   1 
ATOM   565 O "O5'" . C   B 1 10 ? 6.317   4.127   -7.981  1.00 33.31  ? 10 C   H "O5'" 1 
ATOM   566 C "C5'" . C   B 1 10 ? 7.705   4.084   -8.337  1.00 31.57  ? 10 C   H "C5'" 1 
ATOM   567 C "C4'" . C   B 1 10 ? 8.474   3.220   -7.380  1.00 31.75  ? 10 C   H "C4'" 1 
ATOM   568 O "O4'" . C   B 1 10 ? 8.008   3.490   -6.027  1.00 30.76  ? 10 C   H "O4'" 1 
ATOM   569 C "C3'" . C   B 1 10 ? 8.316   1.706   -7.473  1.00 31.88  ? 10 C   H "C3'" 1 
ATOM   570 O "O3'" . C   B 1 10 ? 9.065   1.197   -8.569  1.00 37.91  ? 10 C   H "O3'" 1 
ATOM   571 C "C2'" . C   B 1 10 ? 8.918   1.314   -6.126  1.00 32.10  ? 10 C   H "C2'" 1 
ATOM   572 O "O2'" . C   B 1 10 ? 10.320  1.487   -6.057  1.00 39.02  ? 10 C   H "O2'" 1 
ATOM   573 C "C1'" . C   B 1 10 ? 8.258   2.350   -5.220  1.00 28.11  ? 10 C   H "C1'" 1 
ATOM   574 N N1    . C   B 1 10 ? 6.973   1.877   -4.667  1.00 32.15  ? 10 C   H N1    1 
ATOM   575 C C2    . C   B 1 10 ? 7.020   0.911   -3.658  1.00 33.27  ? 10 C   H C2    1 
ATOM   576 O O2    . C   B 1 10 ? 8.137   0.501   -3.275  1.00 30.67  ? 10 C   H O2    1 
ATOM   577 N N3    . C   B 1 10 ? 5.843   0.480   -3.162  1.00 35.34  ? 10 C   H N3    1 
ATOM   578 C C4    . C   B 1 10 ? 4.674   0.943   -3.583  1.00 36.66  ? 10 C   H C4    1 
ATOM   579 N N4    . C   B 1 10 ? 3.563   0.462   -3.016  1.00 35.49  ? 10 C   H N4    1 
ATOM   580 C C5    . C   B 1 10 ? 4.619   1.925   -4.612  1.00 35.89  ? 10 C   H C5    1 
ATOM   581 C C6    . C   B 1 10 ? 5.782   2.356   -5.120  1.00 35.51  ? 10 C   H C6    1 
ATOM   582 P P     . U   B 1 11 ? 8.626   -0.146  -9.332  1.00 43.43  ? 11 U   H P     1 
ATOM   583 O OP1   . U   B 1 11 ? 9.319   -0.183  -10.652 1.00 50.45  ? 11 U   H OP1   1 
ATOM   584 O OP2   . U   B 1 11 ? 7.120   -0.165  -9.350  1.00 47.04  ? 11 U   H OP2   1 
ATOM   585 O "O5'" . U   B 1 11 ? 9.058   -1.337  -8.363  1.00 46.86  ? 11 U   H "O5'" 1 
ATOM   586 C "C5'" . U   B 1 11 ? 10.282  -1.488  -7.652  1.00 50.06  ? 11 U   H "C5'" 1 
ATOM   587 C "C4'" . U   B 1 11 ? 10.216  -2.641  -6.690  1.00 54.59  ? 11 U   H "C4'" 1 
ATOM   588 O "O4'" . U   B 1 11 ? 9.575   -2.240  -5.453  1.00 62.50  ? 11 U   H "O4'" 1 
ATOM   589 C "C3'" . U   B 1 11 ? 9.441   -3.892  -7.109  1.00 53.36  ? 11 U   H "C3'" 1 
ATOM   590 O "O3'" . U   B 1 11 ? 10.267  -4.718  -7.932  1.00 43.97  ? 11 U   H "O3'" 1 
ATOM   591 C "C2'" . U   B 1 11 ? 9.275   -4.543  -5.723  1.00 58.21  ? 11 U   H "C2'" 1 
ATOM   592 O "O2'" . U   B 1 11 ? 10.564  -5.004  -5.283  1.00 51.08  ? 11 U   H "O2'" 1 
ATOM   593 C "C1'" . U   B 1 11 ? 8.886   -3.351  -4.882  1.00 68.41  ? 11 U   H "C1'" 1 
ATOM   594 N N1    . U   B 1 11 ? 7.458   -3.013  -4.776  1.00 82.48  ? 11 U   H N1    1 
ATOM   595 C C2    . U   B 1 11 ? 6.642   -3.702  -3.917  1.00 85.84  ? 11 U   H C2    1 
ATOM   596 O O2    . U   B 1 11 ? 7.004   -4.607  -3.190  1.00 88.70  ? 11 U   H O2    1 
ATOM   597 N N3    . U   B 1 11 ? 5.314   -3.319  -3.889  1.00 93.68  ? 11 U   H N3    1 
ATOM   598 C C4    . U   B 1 11 ? 4.756   -2.292  -4.625  1.00 96.77  ? 11 U   H C4    1 
ATOM   599 O O4    . U   B 1 11 ? 3.560   -2.010  -4.542  1.00 101.15 ? 11 U   H O4    1 
ATOM   600 C C5    . U   B 1 11 ? 5.669   -1.592  -5.499  1.00 93.11  ? 11 U   H C5    1 
ATOM   601 C C6    . U   B 1 11 ? 6.936   -2.008  -5.566  1.00 80.12  ? 11 U   H C6    1 
ATOM   602 P P     . G   B 1 12 ? 9.660   -5.889  -8.839  1.00 45.10  ? 12 G   H P     1 
ATOM   603 O OP1   . G   B 1 12 ? 10.747  -6.554  -9.586  1.00 62.74  ? 12 G   H OP1   1 
ATOM   604 O OP2   . G   B 1 12 ? 8.442   -5.407  -9.547  1.00 57.48  ? 12 G   H OP2   1 
ATOM   605 O "O5'" . G   B 1 12 ? 9.053   -6.954  -7.812  1.00 43.59  ? 12 G   H "O5'" 1 
ATOM   606 C "C5'" . G   B 1 12 ? 9.853   -8.052  -7.355  1.00 42.74  ? 12 G   H "C5'" 1 
ATOM   607 C "C4'" . G   B 1 12 ? 9.114   -8.820  -6.288  1.00 40.92  ? 12 G   H "C4'" 1 
ATOM   608 O "O4'" . G   B 1 12 ? 8.610   -7.867  -5.303  1.00 42.33  ? 12 G   H "O4'" 1 
ATOM   609 C "C3'" . G   B 1 12 ? 7.843   -9.511  -6.752  1.00 36.84  ? 12 G   H "C3'" 1 
ATOM   610 O "O3'" . G   B 1 12 ? 8.106   -10.731 -7.434  1.00 39.01  ? 12 G   H "O3'" 1 
ATOM   611 C "C2'" . G   B 1 12 ? 7.099   -9.671  -5.447  1.00 36.64  ? 12 G   H "C2'" 1 
ATOM   612 O "O2'" . G   B 1 12 ? 7.529   -10.715 -4.609  1.00 40.69  ? 12 G   H "O2'" 1 
ATOM   613 C "C1'" . G   B 1 12 ? 7.372   -8.317  -4.797  1.00 37.06  ? 12 G   H "C1'" 1 
ATOM   614 N N9    . G   B 1 12 ? 6.321   -7.347  -5.156  1.00 35.67  ? 12 G   H N9    1 
ATOM   615 C C8    . G   B 1 12 ? 6.389   -6.306  -6.035  1.00 35.39  ? 12 G   H C8    1 
ATOM   616 N N7    . G   B 1 12 ? 5.254   -5.657  -6.118  1.00 36.94  ? 12 G   H N7    1 
ATOM   617 C C5    . G   B 1 12 ? 4.408   -6.317  -5.245  1.00 34.13  ? 12 G   H C5    1 
ATOM   618 C C6    . G   B 1 12 ? 3.060   -6.062  -4.894  1.00 36.96  ? 12 G   H C6    1 
ATOM   619 O O6    . G   B 1 12 ? 2.306   -5.183  -5.322  1.00 39.36  ? 12 G   H O6    1 
ATOM   620 N N1    . G   B 1 12 ? 2.622   -6.999  -3.972  1.00 37.66  ? 12 G   H N1    1 
ATOM   621 C C2    . G   B 1 12 ? 3.334   -8.031  -3.417  1.00 36.44  ? 12 G   H C2    1 
ATOM   622 N N2    . G   B 1 12 ? 2.679   -8.802  -2.535  1.00 37.32  ? 12 G   H N2    1 
ATOM   623 N N3    . G   B 1 12 ? 4.608   -8.267  -3.722  1.00 34.10  ? 12 G   H N3    1 
ATOM   624 C C4    . G   B 1 12 ? 5.047   -7.372  -4.639  1.00 32.93  ? 12 G   H C4    1 
ATOM   625 P P     . C   B 1 13 ? 7.023   -11.252 -8.494  1.00 41.21  ? 13 C   H P     1 
ATOM   626 O OP1   . C   B 1 13 ? 7.625   -12.279 -9.365  1.00 43.46  ? 13 C   H OP1   1 
ATOM   627 O OP2   . C   B 1 13 ? 7.044   -9.818  -8.858  1.00 43.29  ? 13 C   H OP2   1 
ATOM   628 O "O5'" . C   B 1 13 ? 5.865   -11.913 -7.637  1.00 42.67  ? 13 C   H "O5'" 1 
ATOM   629 C "C5'" . C   B 1 13 ? 6.066   -13.028 -6.766  1.00 39.84  ? 13 C   H "C5'" 1 
ATOM   630 C "C4'" . C   B 1 13 ? 4.852   -13.248 -5.898  1.00 37.82  ? 13 C   H "C4'" 1 
ATOM   631 O "O4'" . C   B 1 13 ? 4.586   -12.104 -5.048  1.00 35.39  ? 13 C   H "O4'" 1 
ATOM   632 C "C3'" . C   B 1 13 ? 3.517   -13.506 -6.585  1.00 27.47  ? 13 C   H "C3'" 1 
ATOM   633 O "O3'" . C   B 1 13 ? 3.399   -14.876 -6.958  1.00 29.48  ? 13 C   H "O3'" 1 
ATOM   634 C "C2'" . C   B 1 13 ? 2.555   -13.217 -5.428  1.00 26.56  ? 13 C   H "C2'" 1 
ATOM   635 O "O2'" . C   B 1 13 ? 2.686   -14.237 -4.454  1.00 34.54  ? 13 C   H "O2'" 1 
ATOM   636 C "C1'" . C   B 1 13 ? 3.182   -11.948 -4.896  1.00 27.90  ? 13 C   H "C1'" 1 
ATOM   637 N N1    . C   B 1 13 ? 2.780   -10.709 -5.585  1.00 26.23  ? 13 C   H N1    1 
ATOM   638 C C2    . C   B 1 13 ? 1.499   -10.208 -5.337  1.00 25.22  ? 13 C   H C2    1 
ATOM   639 O O2    . C   B 1 13 ? 0.810   -10.856 -4.543  1.00 29.95  ? 13 C   H O2    1 
ATOM   640 N N3    . C   B 1 13 ? 1.092   -9.076  -5.959  1.00 28.64  ? 13 C   H N3    1 
ATOM   641 C C4    . C   B 1 13 ? 1.922   -8.478  -6.816  1.00 27.39  ? 13 C   H C4    1 
ATOM   642 N N4    . C   B 1 13 ? 1.537   -7.295  -7.315  1.00 32.50  ? 13 C   H N4    1 
ATOM   643 C C5    . C   B 1 13 ? 3.242   -8.950  -7.081  1.00 27.55  ? 13 C   H C5    1 
ATOM   644 C C6    . C   B 1 13 ? 3.634   -10.045 -6.416  1.00 26.37  ? 13 C   H C6    1 
ATOM   645 P P     . U   B 1 14 ? 2.832   -15.222 -8.428  1.00 35.40  ? 14 U   H P     1 
ATOM   646 O OP1   . U   B 1 14 ? 3.154   -16.662 -8.658  1.00 38.47  ? 14 U   H OP1   1 
ATOM   647 O OP2   . U   B 1 14 ? 2.968   -14.286 -9.573  1.00 33.49  ? 14 U   H OP2   1 
ATOM   648 O "O5'" . U   B 1 14 ? 1.255   -15.103 -8.239  1.00 34.83  ? 14 U   H "O5'" 1 
ATOM   649 C "C5'" . U   B 1 14 ? 0.595   -15.877 -7.231  1.00 35.89  ? 14 U   H "C5'" 1 
ATOM   650 C "C4'" . U   B 1 14 ? -0.795  -15.380 -6.991  1.00 33.66  ? 14 U   H "C4'" 1 
ATOM   651 O "O4'" . U   B 1 14 ? -0.744  -14.003 -6.499  1.00 35.19  ? 14 U   H "O4'" 1 
ATOM   652 C "C3'" . U   B 1 14 ? -1.726  -15.175 -8.181  1.00 33.34  ? 14 U   H "C3'" 1 
ATOM   653 O "O3'" . U   B 1 14 ? -2.147  -16.416 -8.741  1.00 30.23  ? 14 U   H "O3'" 1 
ATOM   654 C "C2'" . U   B 1 14 ? -2.856  -14.445 -7.442  1.00 39.67  ? 14 U   H "C2'" 1 
ATOM   655 O "O2'" . U   B 1 14 ? -3.531  -15.308 -6.534  1.00 48.16  ? 14 U   H "O2'" 1 
ATOM   656 C "C1'" . U   B 1 14 ? -2.040  -13.453 -6.607  1.00 38.02  ? 14 U   H "C1'" 1 
ATOM   657 N N1    . U   B 1 14 ? -2.016  -12.113 -7.218  1.00 36.66  ? 14 U   H N1    1 
ATOM   658 C C2    . U   B 1 14 ? -3.174  -11.361 -7.076  1.00 41.68  ? 14 U   H C2    1 
ATOM   659 O O2    . U   B 1 14 ? -4.138  -11.780 -6.452  1.00 51.29  ? 14 U   H O2    1 
ATOM   660 N N3    . U   B 1 14 ? -3.160  -10.129 -7.660  1.00 43.99  ? 14 U   H N3    1 
ATOM   661 C C4    . U   B 1 14 ? -2.117  -9.529  -8.339  1.00 42.48  ? 14 U   H C4    1 
ATOM   662 O O4    . U   B 1 14 ? -2.235  -8.409  -8.810  1.00 50.30  ? 14 U   H O4    1 
ATOM   663 C C5    . U   B 1 14 ? -0.938  -10.367 -8.446  1.00 36.54  ? 14 U   H C5    1 
ATOM   664 C C6    . U   B 1 14 ? -0.923  -11.590 -7.862  1.00 34.16  ? 14 U   H C6    1 
ATOM   665 P P     . G   B 1 15 ? -2.375  -16.541 -10.307 1.00 29.19  ? 15 G   H P     1 
ATOM   666 O OP1   . G   B 1 15 ? -2.745  -17.911 -10.671 1.00 31.87  ? 15 G   H OP1   1 
ATOM   667 O OP2   . G   B 1 15 ? -1.078  -15.972 -10.720 1.00 31.31  ? 15 G   H OP2   1 
ATOM   668 O "O5'" . G   B 1 15 ? -3.616  -15.571 -10.634 1.00 25.84  ? 15 G   H "O5'" 1 
ATOM   669 C "C5'" . G   B 1 15 ? -4.889  -15.906 -10.067 1.00 27.79  ? 15 G   H "C5'" 1 
ATOM   670 C "C4'" . G   B 1 15 ? -5.915  -14.874 -10.407 1.00 26.46  ? 15 G   H "C4'" 1 
ATOM   671 O "O4'" . G   B 1 15 ? -5.623  -13.639 -9.706  1.00 25.18  ? 15 G   H "O4'" 1 
ATOM   672 C "C3'" . G   B 1 15 ? -5.937  -14.443 -11.880 1.00 23.09  ? 15 G   H "C3'" 1 
ATOM   673 O "O3'" . G   B 1 15 ? -6.659  -15.411 -12.639 1.00 26.77  ? 15 G   H "O3'" 1 
ATOM   674 C "C2'" . G   B 1 15 ? -6.757  -13.165 -11.722 1.00 22.77  ? 15 G   H "C2'" 1 
ATOM   675 O "O2'" . G   B 1 15 ? -8.106  -13.516 -11.457 1.00 16.39  ? 15 G   H "O2'" 1 
ATOM   676 C "C1'" . G   B 1 15 ? -6.108  -12.546 -10.494 1.00 24.91  ? 15 G   H "C1'" 1 
ATOM   677 N N9    . G   B 1 15 ? -4.940  -11.706 -10.813 1.00 26.26  ? 15 G   H N9    1 
ATOM   678 C C8    . G   B 1 15 ? -3.611  -12.088 -10.715 1.00 33.52  ? 15 G   H C8    1 
ATOM   679 N N7    . G   B 1 15 ? -2.789  -11.120 -11.060 1.00 35.71  ? 15 G   H N7    1 
ATOM   680 C C5    . G   B 1 15 ? -3.634  -10.053 -11.386 1.00 31.62  ? 15 G   H C5    1 
ATOM   681 C C6    . G   B 1 15 ? -3.314  -8.743  -11.834 1.00 31.39  ? 15 G   H C6    1 
ATOM   682 O O6    . G   B 1 15 ? -2.205  -8.232  -12.040 1.00 34.96  ? 15 G   H O6    1 
ATOM   683 N N1    . G   B 1 15 ? -4.458  -7.984  -12.063 1.00 29.81  ? 15 G   H N1    1 
ATOM   684 C C2    . G   B 1 15 ? -5.744  -8.434  -11.879 1.00 28.12  ? 15 G   H C2    1 
ATOM   685 N N2    . G   B 1 15 ? -6.696  -7.522  -12.166 1.00 29.90  ? 15 G   H N2    1 
ATOM   686 N N3    . G   B 1 15 ? -6.061  -9.659  -11.459 1.00 25.22  ? 15 G   H N3    1 
ATOM   687 C C4    . G   B 1 15 ? -4.959  -10.407 -11.238 1.00 26.73  ? 15 G   H C4    1 
ATOM   688 P P     . C   B 1 16 ? -6.323  -15.633 -14.205 1.00 28.07  ? 16 C   H P     1 
ATOM   689 O OP1   . C   B 1 16 ? -7.004  -16.935 -14.486 1.00 31.37  ? 16 C   H OP1   1 
ATOM   690 O OP2   . C   B 1 16 ? -4.844  -15.592 -14.343 1.00 23.59  ? 16 C   H OP2   1 
ATOM   691 O "O5'" . C   B 1 16 ? -6.897  -14.295 -14.837 1.00 26.22  ? 16 C   H "O5'" 1 
ATOM   692 C "C5'" . C   B 1 16 ? -8.276  -13.944 -14.909 1.00 27.46  ? 16 C   H "C5'" 1 
ATOM   693 C "C4'" . C   B 1 16 ? -8.437  -12.544 -15.425 1.00 26.11  ? 16 C   H "C4'" 1 
ATOM   694 O "O4'" . C   B 1 16 ? -7.785  -11.577 -14.542 1.00 29.02  ? 16 C   H "O4'" 1 
ATOM   695 C "C3'" . C   B 1 16 ? -7.836  -12.149 -16.759 1.00 25.86  ? 16 C   H "C3'" 1 
ATOM   696 O "O3'" . C   B 1 16 ? -8.401  -12.846 -17.845 1.00 23.31  ? 16 C   H "O3'" 1 
ATOM   697 C "C2'" . C   B 1 16 ? -8.039  -10.652 -16.682 1.00 27.33  ? 16 C   H "C2'" 1 
ATOM   698 O "O2'" . C   B 1 16 ? -9.320  -10.139 -16.949 1.00 26.88  ? 16 C   H "O2'" 1 
ATOM   699 C "C1'" . C   B 1 16 ? -7.645  -10.348 -15.231 1.00 29.93  ? 16 C   H "C1'" 1 
ATOM   700 N N1    . C   B 1 16 ? -6.217  -9.951  -15.168 1.00 30.38  ? 16 C   H N1    1 
ATOM   701 C C2    . C   B 1 16 ? -5.879  -8.677  -15.638 1.00 35.81  ? 16 C   H C2    1 
ATOM   702 O O2    . C   B 1 16 ? -6.816  -8.001  -16.091 1.00 42.32  ? 16 C   H O2    1 
ATOM   703 N N3    . C   B 1 16 ? -4.590  -8.295  -15.583 1.00 36.61  ? 16 C   H N3    1 
ATOM   704 C C4    . C   B 1 16 ? -3.648  -9.136  -15.161 1.00 36.23  ? 16 C   H C4    1 
ATOM   705 N N4    . C   B 1 16 ? -2.370  -8.727  -15.046 1.00 41.27  ? 16 C   H N4    1 
ATOM   706 C C5    . C   B 1 16 ? -3.980  -10.417 -14.642 1.00 33.15  ? 16 C   H C5    1 
ATOM   707 C C6    . C   B 1 16 ? -5.269  -10.777 -14.660 1.00 30.19  ? 16 C   H C6    1 
ATOM   708 P P     . U   B 1 17 ? -7.721  -13.075 -19.270 1.00 24.06  ? 17 U   H P     1 
ATOM   709 O OP1   . U   B 1 17 ? -8.722  -13.605 -20.207 1.00 25.09  ? 17 U   H OP1   1 
ATOM   710 O OP2   . U   B 1 17 ? -6.614  -13.834 -18.701 1.00 25.29  ? 17 U   H OP2   1 
ATOM   711 O "O5'" . U   B 1 17 ? -7.301  -11.611 -19.740 1.00 23.25  ? 17 U   H "O5'" 1 
ATOM   712 C "C5'" . U   B 1 17 ? -8.162  -10.934 -20.674 1.00 22.88  ? 17 U   H "C5'" 1 
ATOM   713 C "C4'" . U   B 1 17 ? -7.664  -9.519  -20.857 1.00 22.52  ? 17 U   H "C4'" 1 
ATOM   714 O "O4'" . U   B 1 17 ? -7.031  -9.039  -19.642 1.00 22.88  ? 17 U   H "O4'" 1 
ATOM   715 C "C3'" . U   B 1 17 ? -6.484  -9.489  -21.857 1.00 20.06  ? 17 U   H "C3'" 1 
ATOM   716 O "O3'" . U   B 1 17 ? -7.008  -9.618  -23.175 1.00 23.46  ? 17 U   H "O3'" 1 
ATOM   717 C "C2'" . U   B 1 17 ? -5.957  -8.098  -21.514 1.00 20.14  ? 17 U   H "C2'" 1 
ATOM   718 O "O2'" . U   B 1 17 ? -6.881  -7.134  -22.029 1.00 20.72  ? 17 U   H "O2'" 1 
ATOM   719 C "C1'" . U   B 1 17 ? -5.972  -8.152  -19.987 1.00 22.97  ? 17 U   H "C1'" 1 
ATOM   720 N N1    . U   B 1 17 ? -4.726  -8.687  -19.398 1.00 24.81  ? 17 U   H N1    1 
ATOM   721 C C2    . U   B 1 17 ? -3.616  -7.882  -19.342 1.00 25.92  ? 17 U   H C2    1 
ATOM   722 O O2    . U   B 1 17 ? -3.699  -6.734  -19.741 1.00 28.86  ? 17 U   H O2    1 
ATOM   723 N N3    . U   B 1 17 ? -2.462  -8.423  -18.802 1.00 26.35  ? 17 U   H N3    1 
ATOM   724 C C4    . U   B 1 17 ? -2.381  -9.708  -18.283 1.00 29.65  ? 17 U   H C4    1 
ATOM   725 O O4    . U   B 1 17 ? -1.351  -10.186 -17.798 1.00 31.09  ? 17 U   H O4    1 
ATOM   726 C C5    . U   B 1 17 ? -3.595  -10.491 -18.334 1.00 27.66  ? 17 U   H C5    1 
ATOM   727 C C6    . U   B 1 17 ? -4.678  -9.979  -18.926 1.00 26.15  ? 17 U   H C6    1 
ATOM   728 P P     . G   B 1 18 ? -6.174  -10.407 -24.311 1.00 23.23  ? 18 G   H P     1 
ATOM   729 O OP1   . G   B 1 18 ? -7.083  -10.611 -25.463 1.00 24.98  ? 18 G   H OP1   1 
ATOM   730 O OP2   . G   B 1 18 ? -5.356  -11.505 -23.770 1.00 27.56  ? 18 G   H OP2   1 
ATOM   731 O "O5'" . G   B 1 18 ? -5.029  -9.394  -24.714 1.00 27.22  ? 18 G   H "O5'" 1 
ATOM   732 C "C5'" . G   B 1 18 ? -5.385  -8.106  -25.244 1.00 27.64  ? 18 G   H "C5'" 1 
ATOM   733 C "C4'" . G   B 1 18 ? -4.170  -7.214  -25.259 1.00 31.54  ? 18 G   H "C4'" 1 
ATOM   734 O "O4'" . G   B 1 18 ? -3.795  -6.817  -23.925 1.00 30.35  ? 18 G   H "O4'" 1 
ATOM   735 C "C3'" . G   B 1 18 ? -2.894  -7.739  -25.897 1.00 34.78  ? 18 G   H "C3'" 1 
ATOM   736 O "O3'" . G   B 1 18 ? -2.955  -7.614  -27.315 1.00 39.48  ? 18 G   H "O3'" 1 
ATOM   737 C "C2'" . G   B 1 18 ? -1.864  -6.792  -25.283 1.00 30.87  ? 18 G   H "C2'" 1 
ATOM   738 O "O2'" . G   B 1 18 ? -1.903  -5.492  -25.863 1.00 33.81  ? 18 G   H "O2'" 1 
ATOM   739 C "C1'" . G   B 1 18 ? -2.375  -6.717  -23.849 1.00 29.34  ? 18 G   H "C1'" 1 
ATOM   740 N N9    . G   B 1 18 ? -1.890  -7.794  -22.978 1.00 26.31  ? 18 G   H N9    1 
ATOM   741 C C8    . G   B 1 18 ? -2.509  -8.935  -22.569 1.00 27.98  ? 18 G   H C8    1 
ATOM   742 N N7    . G   B 1 18 ? -1.784  -9.690  -21.786 1.00 29.49  ? 18 G   H N7    1 
ATOM   743 C C5    . G   B 1 18 ? -0.585  -8.998  -21.684 1.00 26.77  ? 18 G   H C5    1 
ATOM   744 C C6    . G   B 1 18 ? 0.595   -9.288  -20.968 1.00 27.31  ? 18 G   H C6    1 
ATOM   745 O O6    . G   B 1 18 ? 0.830   -10.279 -20.268 1.00 34.01  ? 18 G   H O6    1 
ATOM   746 N N1    . G   B 1 18 ? 1.543   -8.296  -21.171 1.00 30.26  ? 18 G   H N1    1 
ATOM   747 C C2    . G   B 1 18 ? 1.395   -7.161  -21.928 1.00 29.79  ? 18 G   H C2    1 
ATOM   748 N N2    . G   B 1 18 ? 2.450   -6.325  -21.987 1.00 40.97  ? 18 G   H N2    1 
ATOM   749 N N3    . G   B 1 18 ? 0.291   -6.866  -22.594 1.00 27.58  ? 18 G   H N3    1 
ATOM   750 C C4    . G   B 1 18 ? -0.632  -7.830  -22.413 1.00 26.80  ? 18 G   H C4    1 
HETATM 751 O O     . HOH C 2 .  ? -3.837  3.266   -9.708  0.33 15.49  ? 19 HOH G O     1 
HETATM 752 O O     . HOH C 2 .  ? -11.537 7.857   15.654  0.33 54.38  ? 20 HOH G O     1 
HETATM 753 O O     . HOH C 2 .  ? -11.209 -6.233  -9.712  0.33 35.11  ? 21 HOH G O     1 
HETATM 754 O O     . HOH C 2 .  ? 4.448   1.841   5.034   1.00 34.21  ? 22 HOH G O     1 
HETATM 755 O O     . HOH C 2 .  ? -5.455  12.638  21.763  1.00 41.77  ? 23 HOH G O     1 
HETATM 756 O O     . HOH C 2 .  ? 11.681  -6.446  -19.737 1.00 38.01  ? 24 HOH G O     1 
HETATM 757 O O     . HOH C 2 .  ? -1.762  -4.260  7.473   1.00 63.57  ? 25 HOH G O     1 
HETATM 758 O O     . HOH C 2 .  ? -0.420  12.338  17.554  1.00 35.85  ? 26 HOH G O     1 
HETATM 759 O O     . HOH C 2 .  ? -5.208  -1.093  -3.702  1.00 44.27  ? 27 HOH G O     1 
HETATM 760 O O     . HOH C 2 .  ? 5.876   -3.873  -21.944 1.00 50.36  ? 28 HOH G O     1 
HETATM 761 O O     . HOH C 2 .  ? 0.024   -1.738  -8.263  1.00 47.03  ? 29 HOH G O     1 
HETATM 762 O O     . HOH C 2 .  ? 4.218   17.083  11.288  1.00 42.30  ? 30 HOH G O     1 
HETATM 763 O O     . HOH C 2 .  ? -10.195 -3.835  -13.042 1.00 27.21  ? 31 HOH G O     1 
HETATM 764 O O     . HOH C 2 .  ? -10.622 10.432  12.482  1.00 26.40  ? 32 HOH G O     1 
HETATM 765 O O     . HOH C 2 .  ? -5.809  -9.522  -7.426  1.00 22.66  ? 33 HOH G O     1 
HETATM 766 O O     . HOH C 2 .  ? 11.424  4.993   9.147   1.00 49.56  ? 34 HOH G O     1 
HETATM 767 O O     . HOH C 2 .  ? 14.555  6.843   6.066   1.00 28.52  ? 35 HOH G O     1 
HETATM 768 O O     . HOH C 2 .  ? 7.566   -7.774  0.455   1.00 51.86  ? 36 HOH G O     1 
HETATM 769 O O     . HOH C 2 .  ? 3.762   -3.635  9.555   1.00 40.40  ? 37 HOH G O     1 
HETATM 770 O O     . HOH C 2 .  ? -11.584 9.863   19.265  0.33 35.85  ? 38 HOH G O     1 
HETATM 771 O O     . HOH C 2 .  ? 7.923   16.329  7.205   0.33 10.98  ? 39 HOH G O     1 
HETATM 772 O O     . HOH C 2 .  ? 8.015   12.379  0.095   0.33 29.11  ? 40 HOH G O     1 
HETATM 773 O O     . HOH C 2 .  ? -0.888  -10.546 -1.784  1.00 38.93  ? 49 HOH G O     1 
HETATM 774 O O     . HOH D 2 .  ? -9.392  7.051   1.613   1.00 20.20  ? 19 HOH H O     1 
HETATM 775 O O     . HOH D 2 .  ? 8.074   9.857   -4.445  0.33 83.13  ? 20 HOH H O     1 
HETATM 776 O O     . HOH D 2 .  ? 7.013   -1.147  14.956  1.00 57.16  ? 21 HOH H O     1 
HETATM 777 O O     . HOH D 2 .  ? 9.911   -6.550  -11.974 1.00 39.27  ? 22 HOH H O     1 
HETATM 778 O O     . HOH D 2 .  ? -7.934  -18.406 -12.138 1.00 21.61  ? 23 HOH H O     1 
HETATM 779 O O     . HOH D 2 .  ? -7.957  -4.341  13.253  1.00 20.87  ? 24 HOH H O     1 
HETATM 780 O O     . HOH D 2 .  ? 11.056  0.482   -1.831  1.00 21.16  ? 25 HOH H O     1 
HETATM 781 O O     . HOH D 2 .  ? 1.401   4.574   10.569  1.00 48.12  ? 26 HOH H O     1 
HETATM 782 O O     . HOH D 2 .  ? 1.615   -9.547  -14.398 1.00 37.06  ? 27 HOH H O     1 
HETATM 783 O O     . HOH D 2 .  ? -11.388 1.456   4.131   0.33 34.07  ? 28 HOH H O     1 
HETATM 784 O O     . HOH D 2 .  ? -1.212  5.318   9.877   1.00 36.93  ? 30 HOH H O     1 
HETATM 785 O O     . HOH D 2 .  ? -6.998  -16.707 -18.523 1.00 25.34  ? 32 HOH H O     1 
HETATM 786 O O     . HOH D 2 .  ? 8.274   -1.105  -12.650 1.00 42.94  ? 33 HOH H O     1 
HETATM 787 O O     . HOH D 2 .  ? -4.847  0.518   5.514   1.00 38.22  ? 34 HOH H O     1 
HETATM 788 O O     . HOH D 2 .  ? 12.958  -8.457  -5.751  1.00 51.22  ? 35 HOH H O     1 
HETATM 789 O O     . HOH D 2 .  ? -4.376  -3.198  18.814  1.00 30.36  ? 38 HOH H O     1 
HETATM 790 O O     . HOH D 2 .  ? 0.759   -14.671 -11.935 1.00 48.60  ? 40 HOH H O     1 
HETATM 791 O O     . HOH D 2 .  ? -4.486  2.763   19.955  1.00 36.17  ? 41 HOH H O     1 
HETATM 792 O O     . HOH D 2 .  ? 1.066   3.121   1.714   1.00 29.31  ? 42 HOH H O     1 
HETATM 793 O O     . HOH D 2 .  ? -3.866  -17.734 -5.989  1.00 35.85  ? 43 HOH H O     1 
HETATM 794 O O     . HOH D 2 .  ? -1.813  -6.333  13.086  1.00 37.22  ? 44 HOH H O     1 
HETATM 795 O O     . HOH D 2 .  ? 1.151   2.395   12.545  1.00 40.76  ? 45 HOH H O     1 
HETATM 796 O O     . HOH D 2 .  ? -2.115  -5.333  -20.605 1.00 36.37  ? 46 HOH H O     1 
HETATM 797 O O     . HOH D 2 .  ? -0.510  -7.260  -9.789  1.00 43.99  ? 47 HOH H O     1 
HETATM 798 O O     . HOH D 2 .  ? 5.854   7.996   -0.371  1.00 41.45  ? 48 HOH H O     1 
HETATM 799 O O     . HOH D 2 .  ? 7.393   -6.609  -2.142  1.00 39.20  ? 50 HOH H O     1 
HETATM 800 O O     . HOH D 2 .  ? 0.302   -9.002  -16.508 1.00 66.46  ? 51 HOH H O     1 
HETATM 801 O O     . HOH D 2 .  ? 1.169   3.499   6.976   1.00 42.34  ? 52 HOH H O     1 
HETATM 802 O O     . HOH D 2 .  ? -1.629  3.123   7.342   1.00 46.23  ? 53 HOH H O     1 
# 
loop_
_atom_site_anisotrop.id 
_atom_site_anisotrop.type_symbol 
_atom_site_anisotrop.pdbx_label_atom_id 
_atom_site_anisotrop.pdbx_label_alt_id 
_atom_site_anisotrop.pdbx_label_comp_id 
_atom_site_anisotrop.pdbx_label_asym_id 
_atom_site_anisotrop.pdbx_label_seq_id 
_atom_site_anisotrop.pdbx_PDB_ins_code 
_atom_site_anisotrop.U[1][1] 
_atom_site_anisotrop.U[2][2] 
_atom_site_anisotrop.U[3][3] 
_atom_site_anisotrop.U[1][2] 
_atom_site_anisotrop.U[1][3] 
_atom_site_anisotrop.U[2][3] 
_atom_site_anisotrop.pdbx_auth_seq_id 
_atom_site_anisotrop.pdbx_auth_comp_id 
_atom_site_anisotrop.pdbx_auth_asym_id 
_atom_site_anisotrop.pdbx_auth_atom_id 
1   O "O5'" . C   A 1  ? 0.6886 0.8419 0.8000 0.0287  0.1164  -0.7129 1  C   G "O5'" 
2   C "C5'" . C   A 1  ? 0.7101 0.8387 0.9066 0.0371  0.1960  -0.6417 1  C   G "C5'" 
3   C "C4'" . C   A 1  ? 0.6641 0.9431 0.9727 0.0284  0.2309  -0.5652 1  C   G "C4'" 
4   O "O4'" . C   A 1  ? 0.6595 0.9427 0.8893 -0.0452 0.3062  -0.5145 1  C   G "O4'" 
5   C "C3'" . C   A 1  ? 0.6535 0.9597 0.9692 0.0077  0.1366  -0.5656 1  C   G "C3'" 
6   O "O3'" . C   A 1  ? 0.6267 0.9103 0.9189 0.0318  0.0278  -0.4862 1  C   G "O3'" 
7   C "C2'" . C   A 1  ? 0.6576 0.9667 0.9611 0.0056  0.1949  -0.5918 1  C   G "C2'" 
8   O "O2'" . C   A 1  ? 0.6760 0.9515 0.8686 -0.1476 -0.0179 -0.5813 1  C   G "O2'" 
9   C "C1'" . C   A 1  ? 0.6605 0.9270 0.9205 -0.0518 0.2850  -0.5165 1  C   G "C1'" 
10  N N1    . C   A 1  ? 0.6049 0.9726 1.0149 -0.0139 0.3372  -0.5525 1  C   G N1    
11  C C2    . C   A 1  ? 0.5776 1.0549 0.9987 0.0028  0.3493  -0.6031 1  C   G C2    
12  O O2    . C   A 1  ? 0.6442 1.0504 1.0076 -0.0250 0.2642  -0.5810 1  C   G O2    
13  N N3    . C   A 1  ? 0.5384 1.0879 1.0512 0.0301  0.4024  -0.6622 1  C   G N3    
14  C C4    . C   A 1  ? 0.5439 1.0683 1.1367 -0.0078 0.4054  -0.6284 1  C   G C4    
15  N N4    . C   A 1  ? 0.5294 1.0557 1.1926 0.0060  0.4463  -0.7130 1  C   G N4    
16  C C5    . C   A 1  ? 0.5799 1.0452 1.1266 -0.0443 0.4001  -0.5705 1  C   G C5    
17  C C6    . C   A 1  ? 0.5825 1.0287 1.0674 -0.0400 0.3715  -0.5130 1  C   G C6    
18  P P     . U   A 2  ? 0.6568 0.8512 1.0375 0.1141  -0.0063 -0.5237 2  U   G P     
19  O OP1   . U   A 2  ? 0.8026 0.9435 1.2121 0.0853  -0.1097 -0.6394 2  U   G OP1   
20  O OP2   . U   A 2  ? 0.7638 1.0582 0.7249 0.0786  0.0184  -0.5633 2  U   G OP2   
21  O "O5'" . U   A 2  ? 0.6658 0.7933 0.9888 0.0558  0.0170  -0.4420 2  U   G "O5'" 
22  C "C5'" . U   A 2  ? 0.5183 0.6647 1.0832 0.0381  0.0593  -0.4904 2  U   G "C5'" 
23  C "C4'" . U   A 2  ? 0.4629 0.7393 0.9864 -0.0127 0.1394  -0.3710 2  U   G "C4'" 
24  O "O4'" . U   A 2  ? 0.4605 0.7426 0.8304 -0.0342 0.1279  -0.3158 2  U   G "O4'" 
25  C "C3'" . U   A 2  ? 0.4979 0.4967 0.7812 -0.0417 0.1227  -0.1862 2  U   G "C3'" 
26  O "O3'" . U   A 2  ? 0.4005 0.3628 0.6739 -0.0336 0.1487  -0.0146 2  U   G "O3'" 
27  C "C2'" . U   A 2  ? 0.4667 0.8053 0.8223 -0.0053 0.1225  -0.3031 2  U   G "C2'" 
28  O "O2'" . U   A 2  ? 0.3893 0.7004 0.8346 -0.0967 -0.1435 -0.3581 2  U   G "O2'" 
29  C "C1'" . U   A 2  ? 0.4723 0.7403 0.6913 -0.0188 0.1201  -0.2202 2  U   G "C1'" 
30  N N1    . U   A 2  ? 0.4280 0.7810 0.5987 0.0056  0.1680  -0.1884 2  U   G N1    
31  C C2    . U   A 2  ? 0.4113 1.0067 0.4597 -0.0625 0.2170  -0.0379 2  U   G C2    
32  O O2    . U   A 2  ? 0.3560 1.1464 0.7160 -0.0391 0.2460  0.1437  2  U   G O2    
33  N N3    . U   A 2  ? 0.4071 1.0893 0.3271 -0.0915 0.2749  -0.0251 2  U   G N3    
34  C C4    . U   A 2  ? 0.4535 0.8512 0.5649 0.0062  0.2402  -0.1359 2  U   G C4    
35  O O4    . U   A 2  ? 0.5086 0.6592 0.6228 0.0420  0.2395  -0.2577 2  U   G O4    
36  C C5    . U   A 2  ? 0.4328 0.8066 0.6071 0.0736  0.2450  -0.1619 2  U   G C5    
37  C C6    . U   A 2  ? 0.4055 0.7921 0.6296 0.0661  0.2131  -0.1888 2  U   G C6    
38  P P     . G   A 3  ? 0.3242 0.3255 0.6405 -0.0506 0.0931  -0.0278 3  G   G P     
39  O OP1   . G   A 3  ? 0.3503 0.3520 0.5677 -0.0689 -0.0753 -0.0505 3  G   G OP1   
40  O OP2   . G   A 3  ? 0.3126 0.3650 0.6655 -0.0957 0.0619  0.0093  3  G   G OP2   
41  O "O5'" . G   A 3  ? 0.3442 0.2044 0.6173 -0.1220 0.0827  0.0599  3  G   G "O5'" 
42  C "C5'" . G   A 3  ? 0.2994 0.3026 0.5628 -0.1256 0.1473  0.1130  3  G   G "C5'" 
43  C "C4'" . G   A 3  ? 0.3257 0.3100 0.4878 -0.1544 0.1237  0.0950  3  G   G "C4'" 
44  O "O4'" . G   A 3  ? 0.2650 0.4135 0.5676 -0.0806 0.1424  -0.0109 3  G   G "O4'" 
45  C "C3'" . G   A 3  ? 0.2713 0.0790 0.4538 -0.1061 0.0726  0.1274  3  G   G "C3'" 
46  O "O3'" . G   A 3  ? 0.2729 0.1739 0.5639 -0.0781 0.0764  0.0459  3  G   G "O3'" 
47  C "C2'" . G   A 3  ? 0.2321 0.1804 0.3570 -0.0580 0.0441  0.1125  3  G   G "C2'" 
48  O "O2'" . G   A 3  ? 0.3854 0.2611 0.2640 0.0038  0.0463  0.1588  3  G   G "O2'" 
49  C "C1'" . G   A 3  ? 0.2486 0.3013 0.5524 -0.0745 0.0728  -0.0422 3  G   G "C1'" 
50  N N9    . G   A 3  ? 0.1723 0.2860 0.5279 -0.0413 0.0799  -0.1072 3  G   G N9    
51  C C8    . G   A 3  ? 0.1535 0.4016 0.4532 -0.0308 0.1114  -0.1731 3  G   G C8    
52  N N7    . G   A 3  ? 0.1870 0.4457 0.5246 0.0163  0.0305  -0.1498 3  G   G N7    
53  C C5    . G   A 3  ? 0.1994 0.2957 0.6544 0.0556  0.0419  -0.1021 3  G   G C5    
54  C C6    . G   A 3  ? 0.2707 0.5016 0.5168 0.0346  0.0490  0.1051  3  G   G C6    
55  O O6    . G   A 3  ? 0.3196 0.5937 0.3618 0.1597  0.1427  0.0731  3  G   G O6    
56  N N1    . G   A 3  ? 0.2598 0.4170 0.5756 0.0248  0.1131  0.0875  3  G   G N1    
57  C C2    . G   A 3  ? 0.2235 0.4227 0.4841 -0.0797 0.0452  0.0966  3  G   G C2    
58  N N2    . G   A 3  ? 0.2211 0.2489 0.6727 -0.0524 0.0959  -0.0914 3  G   G N2    
59  N N3    . G   A 3  ? 0.1782 0.3530 0.3820 -0.0573 0.0778  0.0021  3  G   G N3    
60  C C4    . G   A 3  ? 0.1856 0.3762 0.3983 -0.0546 0.0461  -0.0004 3  G   G C4    
61  P P     . C   A 4  ? 0.2288 0.3056 0.5821 -0.0555 0.0791  -0.0196 4  C   G P     
62  O OP1   . C   A 4  ? 0.3385 0.2757 0.4798 -0.0659 0.0256  0.0285  4  C   G OP1   
63  O OP2   . C   A 4  ? 0.1926 0.3440 0.4751 0.0147  0.1379  -0.1054 4  C   G OP2   
64  O "O5'" . C   A 4  ? 0.2129 0.2779 0.5357 -0.0335 0.1024  -0.0335 4  C   G "O5'" 
65  C "C5'" . C   A 4  ? 0.1979 0.2041 0.5401 -0.0175 0.1288  -0.0024 4  C   G "C5'" 
66  C "C4'" . C   A 4  ? 0.1857 0.1809 0.5025 0.0105  0.1165  0.0266  4  C   G "C4'" 
67  O "O4'" . C   A 4  ? 0.2047 0.1989 0.4956 -0.0003 0.0777  -0.0130 4  C   G "O4'" 
68  C "C3'" . C   A 4  ? 0.1658 0.1660 0.4909 -0.0167 0.0665  -0.0070 4  C   G "C3'" 
69  O "O3'" . C   A 4  ? 0.2914 0.1604 0.5093 -0.0204 0.0997  -0.0408 4  C   G "O3'" 
70  C "C2'" . C   A 4  ? 0.2042 0.1272 0.4750 0.0161  0.0377  0.0224  4  C   G "C2'" 
71  O "O2'" . C   A 4  ? 0.1952 0.2385 0.4049 -0.0712 0.0572  0.0683  4  C   G "O2'" 
72  C "C1'" . C   A 4  ? 0.2360 0.1763 0.4835 0.0007  0.0365  -0.0167 4  C   G "C1'" 
73  N N1    . C   A 4  ? 0.2222 0.2775 0.3497 0.0254  0.0463  -0.0420 4  C   G N1    
74  C C2    . C   A 4  ? 0.2204 0.3427 0.1919 0.0363  -0.0170 0.0551  4  C   G C2    
75  O O2    . C   A 4  ? 0.2026 0.2077 0.4545 0.0856  -0.0152 0.0019  4  C   G O2    
76  N N3    . C   A 4  ? 0.1941 0.3882 0.1630 0.0597  0.0265  -0.0018 4  C   G N3    
77  C C4    . C   A 4  ? 0.1996 0.4322 0.2485 0.0457  0.0438  -0.0424 4  C   G C4    
78  N N4    . C   A 4  ? 0.1917 0.6201 0.2652 0.0709  0.0474  0.1114  4  C   G N4    
79  C C5    . C   A 4  ? 0.2047 0.4599 0.2466 0.0174  0.1155  -0.0218 4  C   G C5    
80  C C6    . C   A 4  ? 0.2306 0.3720 0.2929 0.0006  0.0760  -0.0303 4  C   G C6    
81  P P     . U   A 5  ? 0.2540 0.1527 0.5138 0.0130  0.0730  -0.0229 5  U   G P     
82  O OP1   . U   A 5  ? 0.2785 0.1422 0.4687 0.0121  0.1527  0.0304  5  U   G OP1   
83  O OP2   . U   A 5  ? 0.2349 0.2753 0.4888 0.0225  0.1348  0.0837  5  U   G OP2   
84  O "O5'" . U   A 5  ? 0.2622 0.1166 0.4898 -0.0189 0.0480  -0.0721 5  U   G "O5'" 
85  C "C5'" . U   A 5  ? 0.2388 0.2187 0.4360 -0.0157 -0.0258 0.0517  5  U   G "C5'" 
86  C "C4'" . U   A 5  ? 0.2107 0.2465 0.2991 0.0274  0.0371  0.0934  5  U   G "C4'" 
87  O "O4'" . U   A 5  ? 0.2749 0.2070 0.2540 -0.0075 0.0767  0.1289  5  U   G "O4'" 
88  C "C3'" . U   A 5  ? 0.2361 0.3249 0.3037 0.0458  -0.0055 0.0315  5  U   G "C3'" 
89  O "O3'" . U   A 5  ? 0.2575 0.4697 0.2984 0.0970  0.0266  0.0629  5  U   G "O3'" 
90  C "C2'" . U   A 5  ? 0.2343 0.3135 0.2540 -0.0254 0.0292  0.1540  5  U   G "C2'" 
91  O "O2'" . U   A 5  ? 0.2335 0.4868 0.3163 -0.0569 0.0385  0.0566  5  U   G "O2'" 
92  C "C1'" . U   A 5  ? 0.2668 0.1932 0.2742 -0.0041 0.0398  0.1164  5  U   G "C1'" 
93  N N1    . U   A 5  ? 0.2661 0.2440 0.2268 -0.0062 0.0055  0.0335  5  U   G N1    
94  C C2    . U   A 5  ? 0.2324 0.2247 0.3525 0.0077  0.0618  -0.0228 5  U   G C2    
95  O O2    . U   A 5  ? 0.2531 0.2324 0.4602 0.0482  0.1190  0.0504  5  U   G O2    
96  N N3    . U   A 5  ? 0.2059 0.3443 0.2937 -0.0329 -0.0458 -0.0603 5  U   G N3    
97  C C4    . U   A 5  ? 0.2034 0.3180 0.3834 -0.0113 0.0366  -0.1025 5  U   G C4    
98  O O4    . U   A 5  ? 0.2048 0.4142 0.6836 0.0035  0.0623  -0.0325 5  U   G O4    
99  C C5    . U   A 5  ? 0.2284 0.3014 0.3333 -0.0219 0.0107  -0.1216 5  U   G C5    
100 C C6    . U   A 5  ? 0.2390 0.2446 0.3219 -0.0128 0.0379  -0.0020 5  U   G C6    
101 P P     . G   A 6  ? 0.3467 0.2521 0.3221 0.0480  0.0464  0.0262  6  G   G P     
102 O OP1   . G   A 6  ? 0.5538 0.2143 0.4493 0.0424  0.1828  -0.0199 6  G   G OP1   
103 O OP2   . G   A 6  ? 0.3866 0.1705 0.5739 0.0050  0.0418  -0.0499 6  G   G OP2   
104 O "O5'" . G   A 6  ? 0.2766 0.2962 0.3023 0.0360  0.0144  0.0601  6  G   G "O5'" 
105 C "C5'" . G   A 6  ? 0.1909 0.2935 0.3148 0.0536  -0.0452 0.0796  6  G   G "C5'" 
106 C "C4'" . G   A 6  ? 0.2285 0.2732 0.3084 0.0589  -0.0241 0.0513  6  G   G "C4'" 
107 O "O4'" . G   A 6  ? 0.2971 0.3150 0.2948 0.0658  -0.0163 0.0539  6  G   G "O4'" 
108 C "C3'" . G   A 6  ? 0.2004 0.2597 0.3165 0.1234  -0.0077 0.0235  6  G   G "C3'" 
109 O "O3'" . G   A 6  ? 0.2492 0.3315 0.3012 0.1476  -0.0245 0.0411  6  G   G "O3'" 
110 C "C2'" . G   A 6  ? 0.3107 0.2091 0.3047 0.0878  0.0116  0.0772  6  G   G "C2'" 
111 O "O2'" . G   A 6  ? 0.3317 0.2884 0.3296 -0.0214 0.0150  -0.0100 6  G   G "O2'" 
112 C "C1'" . G   A 6  ? 0.3089 0.2663 0.3076 0.0717  -0.0098 0.0096  6  G   G "C1'" 
113 N N9    . G   A 6  ? 0.2921 0.3112 0.2165 0.0653  -0.0585 0.0399  6  G   G N9    
114 C C8    . G   A 6  ? 0.3313 0.3182 0.2253 0.0481  -0.0702 0.0469  6  G   G C8    
115 N N7    . G   A 6  ? 0.3201 0.3674 0.3561 -0.0189 -0.0905 0.0725  6  G   G N7    
116 C C5    . G   A 6  ? 0.2705 0.4309 0.2560 0.0081  -0.1121 0.0512  6  G   G C5    
117 C C6    . G   A 6  ? 0.2696 0.3215 0.5191 -0.0471 -0.0842 -0.0505 6  G   G C6    
118 O O6    . G   A 6  ? 0.3027 0.3531 0.9157 -0.1253 0.0096  -0.0704 6  G   G O6    
119 N N1    . G   A 6  ? 0.3484 0.3392 0.6215 0.0273  -0.1061 -0.0316 6  G   G N1    
120 C C2    . G   A 6  ? 0.3555 0.2423 0.6011 0.0674  -0.1202 -0.0176 6  G   G C2    
121 N N2    . G   A 6  ? 0.5007 0.2633 0.6806 0.1786  -0.0602 -0.0368 6  G   G N2    
122 N N3    . G   A 6  ? 0.3199 0.2587 0.3776 0.0349  -0.1921 -0.0263 6  G   G N3    
123 C C4    . G   A 6  ? 0.2482 0.3140 0.2803 0.0268  -0.1353 0.0139  6  G   G C4    
124 P P     . C   A 7  ? 0.2788 0.4544 0.2729 0.0465  -0.0098 0.0708  7  C   G P     
125 O OP1   . C   A 7  ? 0.2923 0.3797 0.3108 0.0091  0.0127  0.0171  7  C   G OP1   
126 O OP2   . C   A 7  ? 0.4232 0.4945 0.2426 -0.0312 0.0146  0.0454  7  C   G OP2   
127 O "O5'" . C   A 7  ? 0.2081 0.4463 0.3611 0.0188  -0.0751 -0.0147 7  C   G "O5'" 
128 C "C5'" . C   A 7  ? 0.3108 0.4573 0.3437 0.0510  -0.0772 0.0701  7  C   G "C5'" 
129 C "C4'" . C   A 7  ? 0.2963 0.4695 0.4228 0.0529  -0.0646 0.0170  7  C   G "C4'" 
130 O "O4'" . C   A 7  ? 0.3007 0.3113 0.3696 0.0458  -0.1003 0.0883  7  C   G "O4'" 
131 C "C3'" . C   A 7  ? 0.3103 0.6286 0.3536 0.0225  -0.0829 0.0299  7  C   G "C3'" 
132 O "O3'" . C   A 7  ? 0.3758 0.6457 0.3767 -0.0263 -0.0611 0.0935  7  C   G "O3'" 
133 C "C2'" . C   A 7  ? 0.3055 0.3325 0.3783 -0.0245 -0.0990 0.0914  7  C   G "C2'" 
134 O "O2'" . C   A 7  ? 0.4684 0.4108 0.4015 -0.0703 0.0628  0.2172  7  C   G "O2'" 
135 C "C1'" . C   A 7  ? 0.3019 0.3700 0.3649 -0.0124 -0.0671 0.0726  7  C   G "C1'" 
136 N N1    . C   A 7  ? 0.4060 0.3032 0.3227 -0.0394 -0.0520 0.0043  7  C   G N1    
137 C C2    . C   A 7  ? 0.3836 0.0874 0.4433 -0.0913 -0.0453 0.0146  7  C   G C2    
138 O O2    . C   A 7  ? 0.4580 0.1902 0.7149 -0.0284 0.0854  0.2219  7  C   G O2    
139 N N3    . C   A 7  ? 0.3810 0.1637 0.3775 -0.0655 -0.1133 0.0827  7  C   G N3    
140 C C4    . C   A 7  ? 0.3272 0.2041 0.3519 -0.0358 -0.0661 0.0902  7  C   G C4    
141 N N4    . C   A 7  ? 0.2274 0.2928 0.4406 -0.0374 -0.1373 0.2077  7  C   G N4    
142 C C5    . C   A 7  ? 0.3497 0.4226 0.2543 -0.0139 -0.0492 0.0811  7  C   G C5    
143 C C6    . C   A 7  ? 0.3789 0.2648 0.3021 -0.0461 0.0067  -0.0260 7  C   G C6    
144 P P     . U   A 8  ? 0.4257 0.8569 0.3193 -0.1445 -0.0384 0.0209  8  U   G P     
145 O OP1   . U   A 8  ? 0.5611 1.3755 0.3610 -0.0776 -0.0912 -0.1761 8  U   G OP1   
146 O OP2   . U   A 8  ? 0.4745 0.5601 0.6295 0.0774  0.1387  0.0189  8  U   G OP2   
147 O "O5'" . U   A 8  ? 0.4746 0.6941 0.5359 -0.1560 -0.1088 0.0651  8  U   G "O5'" 
148 C "C5'" . U   A 8  ? 0.4190 0.6663 0.7416 -0.1549 -0.0601 -0.0567 8  U   G "C5'" 
149 C "C4'" . U   A 8  ? 0.4432 0.5345 0.8043 -0.2169 -0.1255 -0.0437 8  U   G "C4'" 
150 O "O4'" . U   A 8  ? 0.5255 0.5145 0.9053 -0.2396 -0.1172 -0.1500 8  U   G "O4'" 
151 C "C3'" . U   A 8  ? 0.4255 0.4410 0.7060 -0.2001 -0.0987 0.0271  8  U   G "C3'" 
152 O "O3'" . U   A 8  ? 0.4109 0.7436 0.7106 -0.1512 -0.0923 -0.0662 8  U   G "O3'" 
153 C "C2'" . U   A 8  ? 0.4849 0.4880 0.7325 -0.2330 -0.0385 -0.0227 8  U   G "C2'" 
154 O "O2'" . U   A 8  ? 0.5051 0.4440 0.7874 -0.2011 -0.0498 -0.0722 8  U   G "O2'" 
155 C "C1'" . U   A 8  ? 0.5540 0.4865 0.7873 -0.2507 -0.0939 -0.0584 8  U   G "C1'" 
156 N N1    . U   A 8  ? 0.6781 0.4249 0.7323 -0.2642 -0.1850 -0.1003 8  U   G N1    
157 C C2    . U   A 8  ? 0.7323 0.3228 0.6379 -0.2567 -0.1525 -0.0277 8  U   G C2    
158 O O2    . U   A 8  ? 0.8156 0.3181 0.6172 -0.2054 0.0649  0.0875  8  U   G O2    
159 N N3    . U   A 8  ? 0.7866 0.2589 0.6340 -0.2271 -0.2374 -0.0430 8  U   G N3    
160 C C4    . U   A 8  ? 0.7823 0.3015 0.7421 -0.1912 -0.2599 -0.0893 8  U   G C4    
161 O O4    . U   A 8  ? 0.8367 0.2427 0.9598 -0.0943 -0.1681 -0.0223 8  U   G O4    
162 C C5    . U   A 8  ? 0.7253 0.3818 0.7167 -0.2584 -0.3231 -0.1918 8  U   G C5    
163 C C6    . U   A 8  ? 0.6808 0.3633 0.6828 -0.2882 -0.2932 -0.2320 8  U   G C6    
164 P P     . G   A 9  ? 0.4722 0.7384 0.6707 -0.1300 -0.0885 -0.0687 9  G   G P     
165 O OP1   . G   A 9  ? 0.4450 0.9358 0.6545 -0.1422 -0.0825 -0.0749 9  G   G OP1   
166 O OP2   . G   A 9  ? 0.6404 0.8912 0.3351 0.0795  0.1861  -0.0948 9  G   G OP2   
167 O "O5'" . G   A 9  ? 0.4155 0.5540 0.7243 -0.0700 -0.1496 0.0528  9  G   G "O5'" 
168 C "C5'" . G   A 9  ? 0.4412 0.4654 0.7135 -0.0969 -0.1298 0.1087  9  G   G "C5'" 
169 C "C4'" . G   A 9  ? 0.4677 0.4064 0.6645 -0.0643 -0.0965 0.1001  9  G   G "C4'" 
170 O "O4'" . G   A 9  ? 0.4853 0.4950 0.6764 -0.0824 -0.1280 0.0480  9  G   G "O4'" 
171 C "C3'" . G   A 9  ? 0.5030 0.3908 0.5558 -0.0621 -0.1262 0.1520  9  G   G "C3'" 
172 O "O3'" . G   A 9  ? 0.4960 0.2913 0.5254 -0.0854 -0.1135 0.2515  9  G   G "O3'" 
173 C "C2'" . G   A 9  ? 0.5022 0.3853 0.5034 -0.0227 -0.1508 0.1353  9  G   G "C2'" 
174 O "O2'" . G   A 9  ? 0.4737 0.9907 0.4956 0.0472  -0.1845 0.0657  9  G   G "O2'" 
175 C "C1'" . G   A 9  ? 0.4442 0.4908 0.5840 -0.0265 -0.1465 0.0622  9  G   G "C1'" 
176 N N9    . G   A 9  ? 0.4737 0.5595 0.5517 0.0486  -0.1533 -0.0164 9  G   G N9    
177 C C8    . G   A 9  ? 0.4727 0.6329 0.5420 0.0426  -0.1549 -0.0704 9  G   G C8    
178 N N7    . G   A 9  ? 0.4622 0.6381 0.5525 0.0557  -0.1865 -0.1081 9  G   G N7    
179 C C5    . G   A 9  ? 0.4728 0.4661 0.5657 0.0891  -0.1790 -0.1260 9  G   G C5    
180 C C6    . G   A 9  ? 0.4690 0.3836 0.5595 0.1174  -0.1965 -0.1789 9  G   G C6    
181 O O6    . G   A 9  ? 0.5031 0.7959 0.4147 0.2499  -0.1677 -0.1127 9  G   G O6    
182 N N1    . G   A 9  ? 0.5047 0.2860 0.5209 0.1875  -0.1462 -0.1819 9  G   G N1    
183 C C2    . G   A 9  ? 0.5207 0.3342 0.5208 0.2095  -0.1104 -0.0792 9  G   G C2    
184 N N2    . G   A 9  ? 0.4944 0.2708 0.6067 0.1956  -0.1455 0.0053  9  G   G N2    
185 N N3    . G   A 9  ? 0.5201 0.2574 0.5091 0.1519  -0.1012 -0.1102 9  G   G N3    
186 C C4    . G   A 9  ? 0.4840 0.4011 0.5599 0.0916  -0.1499 -0.0787 9  G   G C4    
187 P P     . C   A 10 ? 0.4211 0.3395 0.5089 -0.0456 -0.0742 0.1710  10 C   G P     
188 O OP1   . C   A 10 ? 0.3346 0.8189 0.3748 -0.0518 0.0265  0.0223  10 C   G OP1   
189 O OP2   . C   A 10 ? 0.4917 0.6492 0.3504 0.1057  -0.0539 0.1731  10 C   G OP2   
190 O "O5'" . C   A 10 ? 0.4026 0.2995 0.6267 -0.0847 -0.0912 0.2387  10 C   G "O5'" 
191 C "C5'" . C   A 10 ? 0.4014 0.1516 0.6043 -0.0938 -0.1001 0.1892  10 C   G "C5'" 
192 C "C4'" . C   A 10 ? 0.3426 0.1920 0.4731 -0.0690 -0.1613 0.1626  10 C   G "C4'" 
193 O "O4'" . C   A 10 ? 0.3522 0.1797 0.5886 -0.0856 -0.2174 0.0894  10 C   G "O4'" 
194 C "C3'" . C   A 10 ? 0.3342 0.1604 0.4203 -0.1228 -0.1806 0.1754  10 C   G "C3'" 
195 O "O3'" . C   A 10 ? 0.2556 0.2992 0.4589 -0.1254 -0.1368 0.1019  10 C   G "O3'" 
196 C "C2'" . C   A 10 ? 0.2960 0.2019 0.4214 -0.1214 -0.1038 0.1775  10 C   G "C2'" 
197 O "O2'" . C   A 10 ? 0.2838 0.1742 0.5975 -0.0815 -0.0832 0.2323  10 C   G "O2'" 
198 C "C1'" . C   A 10 ? 0.2773 0.2648 0.4060 -0.0817 -0.1362 0.1244  10 C   G "C1'" 
199 N N1    . C   A 10 ? 0.2874 0.1542 0.5590 -0.0678 -0.1153 0.0383  10 C   G N1    
200 C C2    . C   A 10 ? 0.2202 0.3103 0.5529 -0.0669 -0.1320 0.0941  10 C   G C2    
201 O O2    . C   A 10 ? 0.3298 0.2212 0.6949 0.0734  0.0378  0.1403  10 C   G O2    
202 N N3    . C   A 10 ? 0.2129 0.1839 0.6937 -0.0872 -0.1556 -0.0265 10 C   G N3    
203 C C4    . C   A 10 ? 0.1797 0.2843 0.6200 -0.0301 -0.1399 -0.0370 10 C   G C4    
204 N N4    . C   A 10 ? 0.1880 0.2712 0.6362 0.0368  -0.1144 -0.1566 10 C   G N4    
205 C C5    . C   A 10 ? 0.2370 0.3669 0.5235 -0.0496 -0.1636 -0.0242 10 C   G C5    
206 C C6    . C   A 10 ? 0.2534 0.0279 0.5820 -0.0663 -0.1126 -0.0294 10 C   G C6    
207 P P     . U   A 11 ? 0.3271 0.2741 0.4174 -0.1635 -0.1311 0.1219  11 U   G P     
208 O OP1   . U   A 11 ? 0.3267 0.2409 0.5979 -0.0786 -0.1993 0.0454  11 U   G OP1   
209 O OP2   . U   A 11 ? 0.3635 0.2127 0.4336 -0.1578 -0.0929 0.1029  11 U   G OP2   
210 O "O5'" . U   A 11 ? 0.3847 0.2983 0.4231 -0.1190 -0.0646 0.1453  11 U   G "O5'" 
211 C "C5'" . U   A 11 ? 0.3038 0.1122 0.5058 -0.0324 -0.0530 0.1144  11 U   G "C5'" 
212 C "C4'" . U   A 11 ? 0.2817 0.0803 0.4664 -0.0456 -0.0670 0.0744  11 U   G "C4'" 
213 O "O4'" . U   A 11 ? 0.2836 0.1536 0.3986 -0.0486 -0.0212 0.0484  11 U   G "O4'" 
214 C "C3'" . U   A 11 ? 0.2978 0.1104 0.4337 -0.0298 -0.1000 0.0467  11 U   G "C3'" 
215 O "O3'" . U   A 11 ? 0.2902 0.1813 0.4743 -0.0234 -0.1239 0.0047  11 U   G "O3'" 
216 C "C2'" . U   A 11 ? 0.2038 0.1685 0.4068 -0.0207 -0.0516 0.0586  11 U   G "C2'" 
217 O "O2'" . U   A 11 ? 0.2005 0.1593 0.6482 -0.0330 -0.1342 0.1878  11 U   G "O2'" 
218 C "C1'" . U   A 11 ? 0.2379 0.1876 0.3452 -0.0574 -0.0061 0.0736  11 U   G "C1'" 
219 N N1    . U   A 11 ? 0.2620 0.2967 0.4424 -0.1135 0.0562  -0.0578 11 U   G N1    
220 C C2    . U   A 11 ? 0.2205 0.3966 0.4297 -0.1040 0.0529  -0.1321 11 U   G C2    
221 O O2    . U   A 11 ? 0.1824 0.4755 0.5781 -0.1694 -0.1392 -0.0022 11 U   G O2    
222 N N3    . U   A 11 ? 0.2369 0.5713 0.3312 -0.1282 0.1556  -0.2293 11 U   G N3    
223 C C4    . U   A 11 ? 0.2137 0.4669 0.4710 -0.1359 0.2160  -0.2425 11 U   G C4    
224 O O4    . U   A 11 ? 0.2398 0.5290 0.7558 -0.2057 0.1747  -0.2075 11 U   G O4    
225 C C5    . U   A 11 ? 0.2285 0.3035 0.5802 -0.1542 0.2024  -0.1729 11 U   G C5    
226 C C6    . U   A 11 ? 0.2455 0.2666 0.4812 -0.1747 0.1238  -0.0725 11 U   G C6    
227 P P     . G   A 12 ? 0.3528 0.2486 0.3829 0.0379  -0.1877 0.0370  12 G   G P     
228 O OP1   . G   A 12 ? 0.3556 0.4268 0.5396 0.0799  -0.2547 -0.1142 12 G   G OP1   
229 O OP2   . G   A 12 ? 0.4379 0.2721 0.5158 0.1255  -0.0415 0.1122  12 G   G OP2   
230 O "O5'" . G   A 12 ? 0.3408 0.2440 0.3008 0.0405  -0.1731 0.0178  12 G   G "O5'" 
231 C "C5'" . G   A 12 ? 0.2281 0.2443 0.3687 0.0409  -0.1621 0.0195  12 G   G "C5'" 
232 C "C4'" . G   A 12 ? 0.1712 0.1436 0.4685 0.0797  -0.1021 -0.0198 12 G   G "C4'" 
233 O "O4'" . G   A 12 ? 0.1106 0.1589 0.3638 0.0526  -0.1042 0.0604  12 G   G "O4'" 
234 C "C3'" . G   A 12 ? 0.2076 0.2047 0.4082 -0.0060 -0.0563 0.0097  12 G   G "C3'" 
235 O "O3'" . G   A 12 ? 0.2365 0.2761 0.4912 0.0344  -0.0329 -0.0989 12 G   G "O3'" 
236 C "C2'" . G   A 12 ? 0.0928 0.1684 0.3233 -0.0174 0.0550  0.0791  12 G   G "C2'" 
237 O "O2'" . G   A 12 ? 0.2514 0.1996 0.5506 0.0095  0.1239  0.1718  12 G   G "O2'" 
238 C "C1'" . G   A 12 ? 0.0729 0.2232 0.3186 0.0480  0.0066  0.0561  12 G   G "C1'" 
239 N N9    . G   A 12 ? 0.1295 0.1647 0.3096 0.0430  -0.0131 0.0254  12 G   G N9    
240 C C8    . G   A 12 ? 0.2060 0.1445 0.3416 0.0903  -0.0113 0.0111  12 G   G C8    
241 N N7    . G   A 12 ? 0.2782 0.2187 0.2647 0.0482  0.0268  0.0723  12 G   G N7    
242 C C5    . G   A 12 ? 0.2190 0.1471 0.3228 -0.0012 0.0084  0.0235  12 G   G C5    
243 C C6    . G   A 12 ? 0.2704 0.1615 0.4828 -0.0787 -0.0387 0.1159  12 G   G C6    
244 O O6    . G   A 12 ? 0.4059 0.1413 0.5777 -0.0766 0.0977  0.1043  12 G   G O6    
245 N N1    . G   A 12 ? 0.2355 0.1920 0.5453 -0.0744 -0.0826 0.1101  12 G   G N1    
246 C C2    . G   A 12 ? 0.1961 0.2863 0.3797 -0.1239 -0.2014 0.1685  12 G   G C2    
247 N N2    . G   A 12 ? 0.1470 0.3788 0.1822 -0.0469 -0.0816 0.1374  12 G   G N2    
248 N N3    . G   A 12 ? 0.1448 0.2556 0.2530 -0.0452 -0.0879 0.0803  12 G   G N3    
249 C C4    . G   A 12 ? 0.1394 0.1321 0.3899 -0.0032 -0.0453 0.0378  12 G   G C4    
250 P P     . C   A 13 ? 0.1676 0.4441 0.4423 0.0778  -0.1109 -0.0903 13 C   G P     
251 O OP1   . C   A 13 ? 0.2831 0.6018 0.5986 0.0761  -0.2489 -0.3000 13 C   G OP1   
252 O OP2   . C   A 13 ? 0.2585 0.7290 0.5751 0.1505  -0.0516 0.1546  13 C   G OP2   
253 O "O5'" . C   A 13 ? 0.1659 0.4005 0.4770 0.0972  -0.1091 -0.1246 13 C   G "O5'" 
254 C "C5'" . C   A 13 ? 0.1098 0.4978 0.2950 0.0157  -0.0867 0.0063  13 C   G "C5'" 
255 C "C4'" . C   A 13 ? 0.0786 0.4148 0.3012 -0.0024 -0.0399 -0.0334 13 C   G "C4'" 
256 O "O4'" . C   A 13 ? 0.0873 0.3415 0.2707 -0.0296 0.0147  0.0209  13 C   G "O4'" 
257 C "C3'" . C   A 13 ? 0.1467 0.2661 0.2892 -0.0008 -0.0166 -0.0054 13 C   G "C3'" 
258 O "O3'" . C   A 13 ? 0.2011 0.2938 0.3576 -0.0045 0.0091  -0.0460 13 C   G "O3'" 
259 C "C2'" . C   A 13 ? 0.0907 0.2122 0.2974 -0.0020 0.0018  0.0522  13 C   G "C2'" 
260 O "O2'" . C   A 13 ? 0.1934 0.1921 0.3181 -0.0794 -0.0336 0.0700  13 C   G "O2'" 
261 C "C1'" . C   A 13 ? 0.0863 0.2664 0.1971 -0.0185 0.0103  0.0675  13 C   G "C1'" 
262 N N1    . C   A 13 ? 0.2105 0.2218 0.2362 -0.0088 0.0242  0.0195  13 C   G N1    
263 C C2    . C   A 13 ? 0.2276 0.2001 0.2765 -0.0261 0.0293  0.0464  13 C   G C2    
264 O O2    . C   A 13 ? 0.1827 0.2699 0.3741 -0.0442 0.0659  0.1576  13 C   G O2    
265 N N3    . C   A 13 ? 0.2951 0.1823 0.3086 -0.0017 0.0561  0.0334  13 C   G N3    
266 C C4    . C   A 13 ? 0.3192 0.1950 0.4018 -0.0331 0.0022  0.0880  13 C   G C4    
267 N N4    . C   A 13 ? 0.2472 0.2210 0.7245 0.0749  0.2513  0.1869  13 C   G N4    
268 C C5    . C   A 13 ? 0.3163 0.1507 0.4030 -0.0187 -0.0085 0.0068  13 C   G C5    
269 C C6    . C   A 13 ? 0.2492 0.2188 0.1860 -0.0260 -0.0052 0.0533  13 C   G C6    
270 P P     . U   A 14 ? 0.1609 0.4101 0.4111 -0.0102 0.0519  -0.1129 14 U   G P     
271 O OP1   . U   A 14 ? 0.2586 0.4678 0.4114 -0.1102 0.0276  -0.1748 14 U   G OP1   
272 O OP2   . U   A 14 ? 0.2657 0.5339 0.2879 -0.0231 -0.0247 -0.0579 14 U   G OP2   
273 O "O5'" . U   A 14 ? 0.1947 0.3411 0.4348 -0.0670 0.0128  -0.0577 14 U   G "O5'" 
274 C "C5'" . U   A 14 ? 0.1128 0.4158 0.3197 -0.0626 0.1192  -0.0325 14 U   G "C5'" 
275 C "C4'" . U   A 14 ? 0.1487 0.3514 0.3452 -0.0943 0.0817  0.0082  14 U   G "C4'" 
276 O "O4'" . U   A 14 ? 0.1318 0.2831 0.3406 -0.0698 0.1170  0.0564  14 U   G "O4'" 
277 C "C3'" . U   A 14 ? 0.0847 0.3959 0.3636 -0.0547 0.0910  0.0017  14 U   G "C3'" 
278 O "O3'" . U   A 14 ? 0.1026 0.4511 0.5226 -0.0976 0.1302  -0.1105 14 U   G "O3'" 
279 C "C2'" . U   A 14 ? 0.0786 0.3074 0.2934 -0.0107 0.0650  0.0589  14 U   G "C2'" 
280 O "O2'" . U   A 14 ? 0.2372 0.2666 0.3183 0.0267  0.0045  0.0386  14 U   G "O2'" 
281 C "C1'" . U   A 14 ? 0.1075 0.2787 0.3596 -0.0448 0.1285  0.0566  14 U   G "C1'" 
282 N N1    . U   A 14 ? 0.1082 0.2405 0.4366 -0.0556 0.1054  0.0411  14 U   G N1    
283 C C2    . U   A 14 ? 0.1111 0.2516 0.4872 -0.0665 0.0811  0.0378  14 U   G C2    
284 O O2    . U   A 14 ? 0.1105 0.3559 0.3369 -0.0720 0.0794  -0.0512 14 U   G O2    
285 N N3    . U   A 14 ? 0.1199 0.1680 0.5490 0.0059  0.1557  -0.0454 14 U   G N3    
286 C C4    . U   A 14 ? 0.1426 0.2159 0.4537 -0.0153 0.1408  0.0554  14 U   G C4    
287 O O4    . U   A 14 ? 0.2155 0.2140 0.7064 0.0127  0.1035  0.0872  14 U   G O4    
288 C C5    . U   A 14 ? 0.1716 0.2345 0.2936 -0.0473 0.0963  0.0318  14 U   G C5    
289 C C6    . U   A 14 ? 0.1551 0.2162 0.2205 -0.0768 0.0830  0.0079  14 U   G C6    
290 P P     . G   A 15 ? 0.1275 0.3136 0.5347 -0.0032 0.1510  -0.0670 15 G   G P     
291 O OP1   . G   A 15 ? 0.1707 0.2835 0.4846 0.0190  0.0242  -0.0456 15 G   G OP1   
292 O OP2   . G   A 15 ? 0.1128 0.2801 0.5139 0.0344  0.1738  -0.1384 15 G   G OP2   
293 O "O5'" . G   A 15 ? 0.1930 0.2837 0.4404 -0.0332 0.0196  0.0938  15 G   G "O5'" 
294 C "C5'" . G   A 15 ? 0.1863 0.3285 0.3545 -0.0698 0.0339  0.1585  15 G   G "C5'" 
295 C "C4'" . G   A 15 ? 0.2149 0.3499 0.3747 -0.1103 0.0986  0.0491  15 G   G "C4'" 
296 O "O4'" . G   A 15 ? 0.2672 0.3866 0.4049 -0.1354 0.1732  0.0094  15 G   G "O4'" 
297 C "C3'" . G   A 15 ? 0.2267 0.2840 0.3765 -0.1450 0.1327  0.0462  15 G   G "C3'" 
298 O "O3'" . G   A 15 ? 0.3272 0.2888 0.3924 -0.0899 0.1329  0.0413  15 G   G "O3'" 
299 C "C2'" . G   A 15 ? 0.2285 0.2992 0.4538 -0.1643 0.2070  -0.0011 15 G   G "C2'" 
300 O "O2'" . G   A 15 ? 0.2125 0.6182 0.4890 -0.2638 0.2404  -0.0777 15 G   G "O2'" 
301 C "C1'" . G   A 15 ? 0.2499 0.3328 0.4580 -0.1291 0.1981  -0.0124 15 G   G "C1'" 
302 N N9    . G   A 15 ? 0.2437 0.3707 0.3647 -0.1318 0.1719  -0.0250 15 G   G N9    
303 C C8    . G   A 15 ? 0.2458 0.4440 0.2887 -0.1397 0.2236  -0.0130 15 G   G C8    
304 N N7    . G   A 15 ? 0.2418 0.4860 0.3100 -0.1277 0.1739  -0.0357 15 G   G N7    
305 C C5    . G   A 15 ? 0.2612 0.5018 0.1499 -0.1255 0.0896  0.0415  15 G   G C5    
306 C C6    . G   A 15 ? 0.2577 0.5387 0.1175 -0.1285 -0.0024 0.0586  15 G   G C6    
307 O O6    . G   A 15 ? 0.2588 0.5762 0.3266 -0.1063 -0.0224 0.0078  15 G   G O6    
308 N N1    . G   A 15 ? 0.2630 0.4163 0.2879 -0.0993 0.0598  -0.0418 15 G   G N1    
309 C C2    . G   A 15 ? 0.2639 0.3838 0.3805 -0.1288 0.0239  0.0366  15 G   G C2    
310 N N2    . G   A 15 ? 0.2673 0.4011 0.3201 -0.0783 0.1496  0.1035  15 G   G N2    
311 N N3    . G   A 15 ? 0.2712 0.4593 0.1818 -0.1480 0.0399  0.1447  15 G   G N3    
312 C C4    . G   A 15 ? 0.2545 0.3691 0.2403 -0.1373 0.0928  -0.0441 15 G   G C4    
313 P P     . C   A 16 ? 0.3366 0.2265 0.4493 -0.0299 0.0636  -0.0044 16 C   G P     
314 O OP1   . C   A 16 ? 0.3243 0.2000 0.5332 -0.1079 0.1737  -0.0221 16 C   G OP1   
315 O OP2   . C   A 16 ? 0.3293 0.2997 0.6350 -0.0514 0.0358  -0.1095 16 C   G OP2   
316 O "O5'" . C   A 16 ? 0.2985 0.2969 0.4711 0.0589  0.0308  0.1059  16 C   G "O5'" 
317 C "C5'" . C   A 16 ? 0.3031 0.2639 0.3578 0.0241  -0.0174 0.1259  16 C   G "C5'" 
318 C "C4'" . C   A 16 ? 0.3505 0.2702 0.3156 0.1179  0.0923  0.1518  16 C   G "C4'" 
319 O "O4'" . C   A 16 ? 0.3425 0.2987 0.2829 0.1650  0.0924  0.1847  16 C   G "O4'" 
320 C "C3'" . C   A 16 ? 0.3461 0.2487 0.3268 0.0359  0.0455  0.1232  16 C   G "C3'" 
321 O "O3'" . C   A 16 ? 0.4248 0.3943 0.3176 -0.0342 0.0747  0.0655  16 C   G "O3'" 
322 C "C2'" . C   A 16 ? 0.3382 0.2431 0.2964 -0.0276 0.0573  0.1938  16 C   G "C2'" 
323 O "O2'" . C   A 16 ? 0.3017 0.3637 0.2709 -0.0365 0.0246  0.0750  16 C   G "O2'" 
324 C "C1'" . C   A 16 ? 0.2862 0.2285 0.2987 0.0747  0.0355  0.1555  16 C   G "C1'" 
325 N N1    . C   A 16 ? 0.2703 0.1835 0.2555 0.0632  -0.0277 0.0323  16 C   G N1    
326 C C2    . C   A 16 ? 0.2965 0.1490 0.3562 0.0551  -0.1262 -0.0442 16 C   G C2    
327 O O2    . C   A 16 ? 0.3886 0.0777 0.6541 0.0696  -0.0389 -0.0535 16 C   G O2    
328 N N3    . C   A 16 ? 0.2967 0.3159 0.2899 0.1139  -0.1481 0.0460  16 C   G N3    
329 C C4    . C   A 16 ? 0.2433 0.3316 0.3722 0.0963  -0.0808 -0.0196 16 C   G C4    
330 N N4    . C   A 16 ? 0.2189 0.4817 0.3272 0.0919  -0.1969 -0.1190 16 C   G N4    
331 C C5    . C   A 16 ? 0.2373 0.3197 0.2843 0.0514  -0.0435 0.0403  16 C   G C5    
332 C C6    . C   A 16 ? 0.2372 0.1922 0.3058 0.0466  -0.0433 0.0138  16 C   G C6    
333 P P     . U   A 17 ? 0.4277 0.2209 0.4051 -0.0337 0.0500  0.0427  17 U   G P     
334 O OP1   . U   A 17 ? 0.4723 0.2182 0.4939 -0.0094 0.0435  -0.0365 17 U   G OP1   
335 O OP2   . U   A 17 ? 0.4797 0.1294 0.7094 -0.0655 0.1018  -0.0138 17 U   G OP2   
336 O "O5'" . U   A 17 ? 0.3369 0.2031 0.4680 -0.0666 -0.0360 0.0269  17 U   G "O5'" 
337 C "C5'" . U   A 17 ? 0.3183 0.2026 0.3893 -0.0462 -0.0336 0.0288  17 U   G "C5'" 
338 C "C4'" . U   A 17 ? 0.3945 0.1765 0.3648 -0.0287 -0.0651 -0.0246 17 U   G "C4'" 
339 O "O4'" . U   A 17 ? 0.4369 0.2553 0.3423 0.0137  -0.0649 -0.0169 17 U   G "O4'" 
340 C "C3'" . U   A 17 ? 0.3949 0.3132 0.3730 0.0592  -0.0766 -0.0658 17 U   G "C3'" 
341 O "O3'" . U   A 17 ? 0.4220 0.2368 0.3521 0.0142  -0.0692 0.0151  17 U   G "O3'" 
342 C "C2'" . U   A 17 ? 0.4405 0.2488 0.3748 0.0133  -0.0978 -0.0274 17 U   G "C2'" 
343 O "O2'" . U   A 17 ? 0.2423 0.3115 0.4077 0.0604  -0.0342 -0.1035 17 U   G "O2'" 
344 C "C1'" . U   A 17 ? 0.4482 0.2703 0.3755 0.0369  -0.0839 -0.0629 17 U   G "C1'" 
345 N N1    . U   A 17 ? 0.4321 0.3770 0.3760 0.0454  -0.1008 0.0045  17 U   G N1    
346 C C2    . U   A 17 ? 0.4189 0.4192 0.2542 0.0605  -0.1459 0.1068  17 U   G C2    
347 O O2    . U   A 17 ? 0.5349 0.3809 0.3637 0.0272  -0.2534 0.0864  17 U   G O2    
348 N N3    . U   A 17 ? 0.4708 0.5706 0.1445 0.0729  -0.0757 0.0971  17 U   G N3    
349 C C4    . U   A 17 ? 0.4056 0.4828 0.2942 0.0052  -0.0251 0.0517  17 U   G C4    
350 O O4    . U   A 17 ? 0.3908 0.7276 0.1970 -0.0296 -0.0962 0.1548  17 U   G O4    
351 C C5    . U   A 17 ? 0.3946 0.5223 0.2777 0.0234  -0.1017 0.0613  17 U   G C5    
352 C C6    . U   A 17 ? 0.3614 0.4570 0.2197 0.0851  -0.1135 0.0684  17 U   G C6    
353 P P     . G   A 18 ? 0.4198 0.4593 0.3575 0.0112  -0.0568 -0.0630 18 G   G P     
354 O OP1   . G   A 18 ? 0.7894 0.7886 0.5514 -0.0580 0.1715  -0.4138 18 G   G OP1   
355 O OP2   . G   A 18 ? 0.4873 0.2811 0.7832 0.0147  -0.0743 -0.1928 18 G   G OP2   
356 O "O5'" . G   A 18 ? 0.4053 0.4333 0.4521 -0.0459 -0.1136 0.0453  18 G   G "O5'" 
357 C "C5'" . G   A 18 ? 0.3938 0.4814 0.3341 -0.0917 -0.1331 0.0944  18 G   G "C5'" 
358 C "C4'" . G   A 18 ? 0.3546 0.4139 0.4234 -0.1228 -0.0983 0.0932  18 G   G "C4'" 
359 O "O4'" . G   A 18 ? 0.3328 0.6364 0.4052 -0.0791 -0.1197 0.0657  18 G   G "O4'" 
360 C "C3'" . G   A 18 ? 0.3514 0.7718 0.3583 -0.1809 -0.1144 0.0903  18 G   G "C3'" 
361 O "O3'" . G   A 18 ? 0.4795 0.7567 0.3634 -0.1150 -0.0844 0.0756  18 G   G "O3'" 
362 C "C2'" . G   A 18 ? 0.3434 0.8434 0.3410 -0.1599 -0.0928 0.1191  18 G   G "C2'" 
363 O "O2'" . G   A 18 ? 0.3663 0.8038 0.3356 -0.1258 0.0732  0.0840  18 G   G "O2'" 
364 C "C1'" . G   A 18 ? 0.3416 0.9121 0.3615 -0.1352 -0.1069 0.0718  18 G   G "C1'" 
365 N N9    . G   A 18 ? 0.3798 1.0005 0.2832 -0.1947 -0.1026 0.0630  18 G   G N9    
366 C C8    . G   A 18 ? 0.3705 0.9828 0.2097 -0.2411 -0.1048 0.1037  18 G   G C8    
367 N N7    . G   A 18 ? 0.3687 1.0296 0.1782 -0.2818 -0.0792 0.0537  18 G   G N7    
368 C C5    . G   A 18 ? 0.3303 0.9984 0.3248 -0.3305 -0.1143 -0.0332 18 G   G C5    
369 C C6    . G   A 18 ? 0.3561 1.1126 0.3251 -0.2743 -0.0692 -0.0265 18 G   G C6    
370 O O6    . G   A 18 ? 0.2767 1.1283 0.2871 -0.3113 -0.0705 -0.0384 18 G   G O6    
371 N N1    . G   A 18 ? 0.3749 1.1909 0.3615 -0.2312 -0.1016 -0.0296 18 G   G N1    
372 C C2    . G   A 18 ? 0.3385 1.0275 0.5477 -0.2792 -0.0992 -0.0792 18 G   G C2    
373 N N2    . G   A 18 ? 0.1770 1.1642 0.7091 -0.3473 -0.2352 0.0182  18 G   G N2    
374 N N3    . G   A 18 ? 0.3107 0.9505 0.4998 -0.2995 -0.1409 -0.1072 18 G   G N3    
375 C C4    . G   A 18 ? 0.3235 0.9373 0.3856 -0.3061 -0.1334 -0.0613 18 G   G C4    
376 O "O5'" . C   B 1  ? 0.4652 0.9493 0.6177 -0.1309 -0.0946 -0.3625 1  C   H "O5'" 
377 C "C5'" . C   B 1  ? 0.4004 0.5997 0.8145 -0.0650 -0.1243 -0.2235 1  C   H "C5'" 
378 C "C4'" . C   B 1  ? 0.4429 0.6400 0.8465 -0.0273 -0.1183 -0.1875 1  C   H "C4'" 
379 O "O4'" . C   B 1  ? 0.4484 0.5049 0.8616 -0.0230 -0.0629 -0.1320 1  C   H "O4'" 
380 C "C3'" . C   B 1  ? 0.4501 0.5146 0.9332 0.0254  -0.1193 -0.1668 1  C   H "C3'" 
381 O "O3'" . C   B 1  ? 0.4800 0.4892 0.9735 0.0730  -0.0807 -0.1098 1  C   H "O3'" 
382 C "C2'" . C   B 1  ? 0.4456 0.3922 0.9285 0.0693  -0.1508 -0.1125 1  C   H "C2'" 
383 O "O2'" . C   B 1  ? 0.3339 0.2893 1.0789 0.0116  -0.1598 -0.1283 1  C   H "O2'" 
384 C "C1'" . C   B 1  ? 0.4835 0.2929 0.7828 0.0338  -0.1354 0.0269  1  C   H "C1'" 
385 N N1    . C   B 1  ? 0.4363 0.3222 0.7795 0.0210  -0.1473 -0.0275 1  C   H N1    
386 C C2    . C   B 1  ? 0.4588 0.3681 0.7990 -0.0163 -0.1279 -0.0541 1  C   H C2    
387 O O2    . C   B 1  ? 0.5279 0.7022 0.7333 -0.0160 -0.1534 0.0886  1  C   H O2    
388 N N3    . C   B 1  ? 0.4100 0.4471 0.7800 -0.0152 -0.1632 -0.1227 1  C   H N3    
389 C C4    . C   B 1  ? 0.3783 0.3472 0.7610 0.0408  -0.1770 -0.1751 1  C   H C4    
390 N N4    . C   B 1  ? 0.3379 0.4104 0.6891 0.0262  -0.2650 -0.2875 1  C   H N4    
391 C C5    . C   B 1  ? 0.3960 0.2948 0.7056 0.0907  -0.1660 -0.1461 1  C   H C5    
392 C C6    . C   B 1  ? 0.3888 0.2758 0.6850 0.0599  -0.1734 -0.0881 1  C   H C6    
393 P P     . U   B 2  ? 0.5450 0.2455 0.9402 0.1353  -0.1621 0.0112  2  U   H P     
394 O OP1   . U   B 2  ? 0.5719 0.1963 0.9562 0.1091  -0.0250 0.0886  2  U   H OP1   
395 O OP2   . U   B 2  ? 0.6229 0.1824 1.0751 0.1402  -0.2669 -0.0298 2  U   H OP2   
396 O "O5'" . U   B 2  ? 0.4970 0.2360 0.9841 0.1654  -0.1058 -0.0371 2  U   H "O5'" 
397 C "C5'" . U   B 2  ? 0.3695 0.2586 0.9875 0.0757  -0.1243 -0.0590 2  U   H "C5'" 
398 C "C4'" . U   B 2  ? 0.3240 0.4194 0.8918 0.0308  -0.1884 -0.1193 2  U   H "C4'" 
399 O "O4'" . U   B 2  ? 0.3603 0.4023 0.7860 -0.0219 -0.1734 -0.0893 2  U   H "O4'" 
400 C "C3'" . U   B 2  ? 0.3436 0.3891 0.9194 0.0630  -0.2171 -0.1774 2  U   H "C3'" 
401 O "O3'" . U   B 2  ? 0.2612 0.2687 0.8684 0.1014  -0.2437 -0.0099 2  U   H "O3'" 
402 C "C2'" . U   B 2  ? 0.2952 0.5983 0.9074 -0.0198 -0.2373 -0.2281 2  U   H "C2'" 
403 O "O2'" . U   B 2  ? 0.1219 0.5761 1.0319 -0.0992 -0.1092 -0.1371 2  U   H "O2'" 
404 C "C1'" . U   B 2  ? 0.3628 0.5165 0.8600 0.0074  -0.1641 -0.1981 2  U   H "C1'" 
405 N N1    . U   B 2  ? 0.3994 0.6045 0.6954 0.0798  -0.1660 -0.2176 2  U   H N1    
406 C C2    . U   B 2  ? 0.4693 0.6404 0.6478 0.1201  -0.1247 -0.2663 2  U   H C2    
407 O O2    . U   B 2  ? 0.6735 1.1817 0.4054 0.3447  -0.0556 -0.0819 2  U   H O2    
408 N N3    . U   B 2  ? 0.4618 0.6547 0.6166 0.1384  -0.1798 -0.3268 2  U   H N3    
409 C C4    . U   B 2  ? 0.4659 0.6177 0.6110 0.1214  -0.2596 -0.3144 2  U   H C4    
410 O O4    . U   B 2  ? 0.4454 0.6988 0.6199 0.1302  -0.3961 -0.3234 2  U   H O4    
411 C C5    . U   B 2  ? 0.4422 0.5909 0.6210 0.0679  -0.2436 -0.2597 2  U   H C5    
412 C C6    . U   B 2  ? 0.3964 0.5370 0.5546 0.0418  -0.2280 -0.3122 2  U   H C6    
413 P P     . G   B 3  ? 0.3493 0.1853 0.8392 0.0005  -0.2017 -0.0315 3  G   H P     
414 O OP1   . G   B 3  ? 0.3438 0.3224 1.0513 0.0526  -0.1712 -0.1593 3  G   H OP1   
415 O OP2   . G   B 3  ? 0.6907 0.3135 0.9720 -0.0189 -0.2304 0.1433  3  G   H OP2   
416 O "O5'" . G   B 3  ? 0.3236 0.5172 0.5858 0.0752  -0.2119 -0.0609 3  G   H "O5'" 
417 C "C5'" . G   B 3  ? 0.3467 0.4229 0.6045 0.0154  -0.2338 -0.0733 3  G   H "C5'" 
418 C "C4'" . G   B 3  ? 0.3474 0.4609 0.6180 0.0042  -0.1974 -0.0209 3  G   H "C4'" 
419 O "O4'" . G   B 3  ? 0.3352 0.4877 0.6014 0.0242  -0.1452 -0.0455 3  G   H "O4'" 
420 C "C3'" . G   B 3  ? 0.3336 0.2708 0.6627 -0.0305 -0.2134 0.0469  3  G   H "C3'" 
421 O "O3'" . G   B 3  ? 0.3050 0.2680 0.6520 -0.0908 -0.2067 0.1165  3  G   H "O3'" 
422 C "C2'" . G   B 3  ? 0.3652 0.4047 0.5410 -0.0106 -0.1576 0.0669  3  G   H "C2'" 
423 O "O2'" . G   B 3  ? 0.5240 0.6347 0.7388 -0.1008 -0.0509 0.1634  3  G   H "O2'" 
424 C "C1'" . G   B 3  ? 0.3723 0.5034 0.5948 0.0421  -0.1762 -0.0512 3  G   H "C1'" 
425 N N9    . G   B 3  ? 0.3254 0.4250 0.6063 0.0080  -0.2334 -0.1220 3  G   H N9    
426 C C8    . G   B 3  ? 0.3053 0.4484 0.6603 -0.0128 -0.2626 -0.0985 3  G   H C8    
427 N N7    . G   B 3  ? 0.3116 0.5541 0.5474 -0.0106 -0.3099 -0.0175 3  G   H N7    
428 C C5    . G   B 3  ? 0.3197 0.5776 0.4002 0.0018  -0.3596 -0.0172 3  G   H C5    
429 C C6    . G   B 3  ? 0.3479 0.5824 0.3934 0.0230  -0.3174 -0.0215 3  G   H C6    
430 O O6    . G   B 3  ? 0.4216 0.2966 1.1006 -0.1013 -0.2412 -0.1474 3  G   H O6    
431 N N1    . G   B 3  ? 0.3481 0.5054 0.5356 0.0141  -0.3118 -0.1827 3  G   H N1    
432 C C2    . G   B 3  ? 0.3134 0.4873 0.6435 0.0370  -0.2465 -0.1987 3  G   H C2    
433 N N2    . G   B 3  ? 0.3250 0.5192 0.6087 0.0607  -0.2608 -0.3107 3  G   H N2    
434 N N3    . G   B 3  ? 0.2874 0.5334 0.5774 0.0046  -0.3278 -0.1499 3  G   H N3    
435 C C4    . G   B 3  ? 0.3056 0.5546 0.4629 0.0263  -0.3095 -0.0356 3  G   H C4    
436 P P     . C   B 4  ? 0.2383 0.3453 0.6323 -0.1058 -0.1230 0.0344  4  C   H P     
437 O OP1   . C   B 4  ? 0.3195 0.4136 0.6686 -0.1979 0.0044  -0.0331 4  C   H OP1   
438 O OP2   . C   B 4  ? 0.2398 0.2705 0.6988 -0.0870 -0.0842 0.0072  4  C   H OP2   
439 O "O5'" . C   B 4  ? 0.1713 0.4716 0.6121 -0.1015 -0.2114 0.0208  4  C   H "O5'" 
440 C "C5'" . C   B 4  ? 0.2426 0.3813 0.4760 -0.0936 -0.1148 0.0759  4  C   H "C5'" 
441 C "C4'" . C   B 4  ? 0.1905 0.3941 0.3512 -0.1051 -0.0696 0.0798  4  C   H "C4'" 
442 O "O4'" . C   B 4  ? 0.2158 0.3939 0.3250 -0.0919 -0.0485 0.0684  4  C   H "O4'" 
443 C "C3'" . C   B 4  ? 0.2161 0.4377 0.3318 -0.0856 -0.0513 0.0563  4  C   H "C3'" 
444 O "O3'" . C   B 4  ? 0.2794 0.4258 0.3276 -0.1082 -0.0431 0.0575  4  C   H "O3'" 
445 C "C2'" . C   B 4  ? 0.2098 0.4001 0.3362 -0.1049 -0.0470 0.0916  4  C   H "C2'" 
446 O "O2'" . C   B 4  ? 0.2386 0.2425 0.2474 -0.1059 -0.0249 0.1303  4  C   H "O2'" 
447 C "C1'" . C   B 4  ? 0.2198 0.3931 0.3474 -0.0992 -0.0509 0.0825  4  C   H "C1'" 
448 N N1    . C   B 4  ? 0.2065 0.4076 0.4092 -0.1014 -0.0774 0.1105  4  C   H N1    
449 C C2    . C   B 4  ? 0.1987 0.4130 0.4100 -0.0685 0.0273  0.1168  4  C   H C2    
450 O O2    . C   B 4  ? 0.2130 0.4216 0.1903 -0.0464 0.0701  0.0914  4  C   H O2    
451 N N3    . C   B 4  ? 0.2209 0.4425 0.5187 -0.0668 0.0815  0.1504  4  C   H N3    
452 C C4    . C   B 4  ? 0.1927 0.4191 0.5482 -0.0981 0.0060  0.1490  4  C   H C4    
453 N N4    . C   B 4  ? 0.2225 0.4577 0.1881 -0.1206 0.0109  0.0832  4  C   H N4    
454 C C5    . C   B 4  ? 0.2230 0.4544 0.4507 -0.0874 -0.0290 0.1679  4  C   H C5    
455 C C6    . C   B 4  ? 0.2118 0.3474 0.4284 -0.1060 -0.0623 0.0681  4  C   H C6    
456 P P     . U   B 5  ? 0.2360 0.3135 0.3228 -0.1291 -0.0183 0.1034  5  U   H P     
457 O OP1   . U   B 5  ? 0.1483 0.3265 0.4129 -0.0902 -0.0150 0.0411  5  U   H OP1   
458 O OP2   . U   B 5  ? 0.2211 0.3525 0.3813 -0.1571 -0.0517 -0.0184 5  U   H OP2   
459 O "O5'" . U   B 5  ? 0.3525 0.3639 0.3894 -0.0485 0.0019  0.1373  5  U   H "O5'" 
460 C "C5'" . U   B 5  ? 0.3513 0.5780 0.3871 0.0042  -0.0208 0.2445  5  U   H "C5'" 
461 C "C4'" . U   B 5  ? 0.2615 0.5289 0.3672 -0.0120 -0.0780 0.1799  5  U   H "C4'" 
462 O "O4'" . U   B 5  ? 0.2252 0.6179 0.3604 -0.0001 0.0127  0.0782  5  U   H "O4'" 
463 C "C3'" . U   B 5  ? 0.3228 0.3374 0.3641 -0.0199 -0.0577 0.1291  5  U   H "C3'" 
464 O "O3'" . U   B 5  ? 0.3995 0.1723 0.3774 0.0195  -0.1290 0.1951  5  U   H "O3'" 
465 C "C2'" . U   B 5  ? 0.2553 0.3307 0.3785 -0.0383 -0.0283 0.0410  5  U   H "C2'" 
466 O "O2'" . U   B 5  ? 0.2339 0.3247 0.4135 -0.0587 0.0154  0.1261  5  U   H "O2'" 
467 C "C1'" . U   B 5  ? 0.2745 0.5392 0.3478 -0.0212 0.0273  0.0063  5  U   H "C1'" 
468 N N1    . U   B 5  ? 0.2941 0.5795 0.3325 -0.0687 -0.0401 -0.0102 5  U   H N1    
469 C C2    . U   B 5  ? 0.3572 0.6809 0.2780 -0.1250 -0.0619 0.1086  5  U   H C2    
470 O O2    . U   B 5  ? 0.3479 0.7242 0.7622 -0.0571 0.0166  0.2837  5  U   H O2    
471 N N3    . U   B 5  ? 0.3933 0.5714 0.3852 -0.1621 -0.1245 -0.0664 5  U   H N3    
472 C C4    . U   B 5  ? 0.3590 0.6342 0.4620 -0.1110 -0.0492 -0.1587 5  U   H C4    
473 O O4    . U   B 5  ? 0.3383 0.8150 0.3356 -0.1313 0.0994  -0.0798 5  U   H O4    
474 C C5    . U   B 5  ? 0.3067 0.6653 0.3884 -0.0698 -0.0973 -0.1423 5  U   H C5    
475 C C6    . U   B 5  ? 0.2980 0.6178 0.2885 -0.0325 -0.0556 -0.1153 5  U   H C6    
476 P P     . G   B 6  ? 0.3411 0.2263 0.4059 -0.0764 -0.1312 0.1005  6  G   H P     
477 O OP1   . G   B 6  ? 0.2558 0.1983 0.4485 -0.0637 -0.1057 0.0985  6  G   H OP1   
478 O OP2   . G   B 6  ? 0.2050 0.3584 0.4977 -0.1516 -0.0793 0.2121  6  G   H OP2   
479 O "O5'" . G   B 6  ? 0.2619 0.2886 0.4206 -0.1329 -0.1058 0.1051  6  G   H "O5'" 
480 C "C5'" . G   B 6  ? 0.2390 0.2483 0.3564 -0.1116 -0.0117 0.1177  6  G   H "C5'" 
481 C "C4'" . G   B 6  ? 0.2241 0.2508 0.2783 -0.1266 0.0501  0.0588  6  G   H "C4'" 
482 O "O4'" . G   B 6  ? 0.2233 0.3228 0.2531 -0.1381 0.0641  0.0700  6  G   H "O4'" 
483 C "C3'" . G   B 6  ? 0.2001 0.2076 0.2524 -0.0590 0.0364  0.0666  6  G   H "C3'" 
484 O "O3'" . G   B 6  ? 0.2305 0.1811 0.2555 -0.0458 0.0134  0.1136  6  G   H "O3'" 
485 C "C2'" . G   B 6  ? 0.1586 0.1826 0.2786 -0.0457 0.0288  0.1047  6  G   H "C2'" 
486 O "O2'" . G   B 6  ? 0.0472 0.2409 0.3325 -0.0164 0.0909  0.0707  6  G   H "O2'" 
487 C "C1'" . G   B 6  ? 0.1487 0.2383 0.2748 -0.0769 0.0550  0.0397  6  G   H "C1'" 
488 N N9    . G   B 6  ? 0.2061 0.1879 0.2563 -0.0717 0.0080  0.0733  6  G   H N9    
489 C C8    . G   B 6  ? 0.3367 0.1670 0.2298 -0.0656 0.0112  0.0465  6  G   H C8    
490 N N7    . G   B 6  ? 0.3629 0.2462 0.2289 -0.0212 -0.0106 0.1547  6  G   H N7    
491 C C5    . G   B 6  ? 0.2269 0.2718 0.1888 -0.0082 0.0007  0.1469  6  G   H C5    
492 C C6    . G   B 6  ? 0.1856 0.3196 0.3153 0.0463  0.0047  0.1024  6  G   H C6    
493 O O6    . G   B 6  ? 0.2192 0.4616 0.4510 0.1255  0.0316  0.1803  6  G   H O6    
494 N N1    . G   B 6  ? 0.1272 0.2820 0.4351 0.0169  0.0107  0.0439  6  G   H N1    
495 C C2    . G   B 6  ? 0.1037 0.1176 0.4868 0.0081  0.0379  -0.0553 6  G   H C2    
496 N N2    . G   B 6  ? 0.1703 0.1266 0.4978 -0.0408 0.0460  -0.0813 6  G   H N2    
497 N N3    . G   B 6  ? 0.1298 0.1315 0.2849 -0.0244 -0.0003 0.0048  6  G   H N3    
498 C C4    . G   B 6  ? 0.1523 0.1820 0.1870 -0.0256 0.0304  0.0629  6  G   H C4    
499 P P     . C   B 7  ? 0.2010 0.2622 0.2248 -0.0178 -0.0348 0.0857  7  C   H P     
500 O OP1   . C   B 7  ? 0.2380 0.2702 0.3550 0.0447  -0.1047 -0.0304 7  C   H OP1   
501 O OP2   . C   B 7  ? 0.2059 0.2859 0.2861 -0.0032 -0.0523 0.0667  7  C   H OP2   
502 O "O5'" . C   B 7  ? 0.1892 0.3237 0.2468 -0.0323 0.0077  0.1105  7  C   H "O5'" 
503 C "C5'" . C   B 7  ? 0.1964 0.2590 0.3963 -0.0762 0.0389  0.0709  7  C   H "C5'" 
504 C "C4'" . C   B 7  ? 0.2005 0.3630 0.3365 -0.1306 0.0423  0.0873  7  C   H "C4'" 
505 O "O4'" . C   B 7  ? 0.2194 0.4230 0.3260 -0.1614 0.0482  0.1062  7  C   H "O4'" 
506 C "C3'" . C   B 7  ? 0.1975 0.4584 0.3347 -0.0967 0.0356  0.0900  7  C   H "C3'" 
507 O "O3'" . C   B 7  ? 0.1967 0.4695 0.3297 -0.0674 0.0416  0.0772  7  C   H "O3'" 
508 C "C2'" . C   B 7  ? 0.1756 0.5168 0.3241 -0.1189 0.0722  0.0662  7  C   H "C2'" 
509 O "O2'" . C   B 7  ? 0.2735 0.5021 0.3272 -0.2075 0.0773  0.1289  7  C   H "O2'" 
510 C "C1'" . C   B 7  ? 0.1907 0.4887 0.3184 -0.1348 0.0348  0.1163  7  C   H "C1'" 
511 N N1    . C   B 7  ? 0.2547 0.4790 0.3513 -0.0328 0.0542  0.0546  7  C   H N1    
512 C C2    . C   B 7  ? 0.2544 0.3143 0.2951 0.0135  0.0334  0.0548  7  C   H C2    
513 O O2    . C   B 7  ? 0.3624 0.2192 0.5264 0.0322  0.0453  -0.0251 7  C   H O2    
514 N N3    . C   B 7  ? 0.3301 0.3420 0.2355 0.0925  0.0419  0.0090  7  C   H N3    
515 C C4    . C   B 7  ? 0.2984 0.3619 0.3839 0.0766  -0.0570 0.0793  7  C   H C4    
516 N N4    . C   B 7  ? 0.3733 0.4811 0.2825 0.1547  -0.0312 0.1004  7  C   H N4    
517 C C5    . C   B 7  ? 0.2618 0.4466 0.4391 0.0736  0.0304  -0.0045 7  C   H C5    
518 C C6    . C   B 7  ? 0.1710 0.4526 0.3003 -0.0116 0.0601  0.0136  7  C   H C6    
519 P P     . U   B 8  ? 0.2354 0.3412 0.3244 0.0181  -0.0255 0.1100  8  U   H P     
520 O OP1   . U   B 8  ? 0.5512 0.5106 0.3494 0.0026  -0.1733 0.0511  8  U   H OP1   
521 O OP2   . U   B 8  ? 0.3129 0.3276 0.7027 -0.0224 -0.0233 0.1897  8  U   H OP2   
522 O "O5'" . U   B 8  ? 0.2402 0.2722 0.4273 0.0457  0.0974  0.0916  8  U   H "O5'" 
523 C "C5'" . U   B 8  ? 0.3300 0.2856 0.4769 0.0471  0.0935  0.1485  8  U   H "C5'" 
524 C "C4'" . U   B 8  ? 0.3602 0.2456 0.4771 0.0050  0.0912  0.1241  8  U   H "C4'" 
525 O "O4'" . U   B 8  ? 0.3482 0.4065 0.4404 -0.0304 0.1203  0.0467  8  U   H "O4'" 
526 C "C3'" . U   B 8  ? 0.3362 0.5407 0.4438 0.0454  0.1152  0.0356  8  U   H "C3'" 
527 O "O3'" . U   B 8  ? 0.3421 0.3174 0.4758 -0.0540 0.1039  0.1115  8  U   H "O3'" 
528 C "C2'" . U   B 8  ? 0.3718 0.3179 0.4282 0.0367  0.1247  0.0744  8  U   H "C2'" 
529 O "O2'" . U   B 8  ? 0.5212 0.2619 0.3272 0.1361  -0.1038 0.0894  8  U   H "O2'" 
530 C "C1'" . U   B 8  ? 0.3512 0.5653 0.4226 0.0411  0.1157  0.0582  8  U   H "C1'" 
531 N N1    . U   B 8  ? 0.4579 0.6226 0.3549 0.1445  0.1676  0.0504  8  U   H N1    
532 C C2    . U   B 8  ? 0.4994 0.7320 0.4398 0.1531  0.0791  0.0868  8  U   H C2    
533 O O2    . U   B 8  ? 0.3549 0.9386 0.8418 0.1867  0.1567  0.3114  8  U   H O2    
534 N N3    . U   B 8  ? 0.6021 0.5955 0.4836 0.2482  0.0560  -0.0485 8  U   H N3    
535 C C4    . U   B 8  ? 0.6663 0.4443 0.4948 0.3047  0.0783  -0.0926 8  U   H C4    
536 O O4    . U   B 8  ? 0.8512 0.5877 0.4032 0.2891  -0.0549 -0.0622 8  U   H O4    
537 C C5    . U   B 8  ? 0.6102 0.4914 0.3744 0.2639  0.1831  -0.0133 8  U   H C5    
538 C C6    . U   B 8  ? 0.5142 0.5201 0.2847 0.1884  0.2069  0.0135  8  U   H C6    
539 P P     . G   B 9  ? 0.3338 0.4186 0.4411 -0.0106 0.0530  0.0591  9  G   H P     
540 O OP1   . G   B 9  ? 0.6333 0.5451 0.4774 -0.0544 -0.0346 0.1098  9  G   H OP1   
541 O OP2   . G   B 9  ? 0.1950 0.3141 0.4783 0.0673  0.0193  0.0101  9  G   H OP2   
542 O "O5'" . G   B 9  ? 0.3160 0.3809 0.6619 -0.0561 0.0906  0.0121  9  G   H "O5'" 
543 C "C5'" . G   B 9  ? 0.3452 0.3181 0.5029 -0.0247 0.0193  0.0818  9  G   H "C5'" 
544 C "C4'" . G   B 9  ? 0.3287 0.2947 0.3648 -0.0629 0.0499  0.1400  9  G   H "C4'" 
545 O "O4'" . G   B 9  ? 0.4285 0.3141 0.3685 -0.0346 0.0927  0.1304  9  G   H "O4'" 
546 C "C3'" . G   B 9  ? 0.2981 0.3196 0.3737 -0.0426 -0.0460 0.0954  9  G   H "C3'" 
547 O "O3'" . G   B 9  ? 0.2525 0.3719 0.3853 0.0499  -0.0443 0.1008  9  G   H "O3'" 
548 C "C2'" . G   B 9  ? 0.2319 0.3693 0.3648 -0.0654 -0.0171 0.0774  9  G   H "C2'" 
549 O "O2'" . G   B 9  ? 0.2814 0.3655 0.3965 -0.0751 0.0091  0.1299  9  G   H "O2'" 
550 C "C1'" . G   B 9  ? 0.3465 0.3832 0.3349 -0.0631 0.0130  0.1134  9  G   H "C1'" 
551 N N9    . G   B 9  ? 0.4212 0.2397 0.4043 -0.0140 0.0792  0.0757  9  G   H N9    
552 C C8    . G   B 9  ? 0.4268 0.3147 0.4914 -0.0386 0.1228  0.1582  9  G   H C8    
553 N N7    . G   B 9  ? 0.5133 0.1258 0.6101 -0.0222 0.1271  0.1153  9  G   H N7    
554 C C5    . G   B 9  ? 0.5703 0.2009 0.4525 -0.0286 0.0786  0.0717  9  G   H C5    
555 C C6    . G   B 9  ? 0.6148 0.2246 0.4631 -0.0723 0.0352  0.0859  9  G   H C6    
556 O O6    . G   B 9  ? 0.6992 0.2160 0.3700 -0.0895 0.1031  0.0150  9  G   H O6    
557 N N1    . G   B 9  ? 0.6269 0.2807 0.4481 -0.0419 0.0001  0.0467  9  G   H N1    
558 C C2    . G   B 9  ? 0.5546 0.3818 0.3817 -0.0140 -0.0127 0.0828  9  G   H C2    
559 N N2    . G   B 9  ? 0.5831 0.4416 0.4066 0.0209  -0.0471 0.0956  9  G   H N2    
560 N N3    . G   B 9  ? 0.5127 0.2740 0.3878 0.0480  0.0324  0.0291  9  G   H N3    
561 C C4    . G   B 9  ? 0.5052 0.2151 0.3876 -0.0041 0.0563  0.0527  9  G   H C4    
562 P P     . C   B 10 ? 0.2381 0.4080 0.4030 0.0153  -0.0401 0.0615  10 C   H P     
563 O OP1   . C   B 10 ? 0.3411 0.6549 0.4208 0.0929  0.0415  0.0360  10 C   H OP1   
564 O OP2   . C   B 10 ? 0.2615 0.4498 0.5366 -0.0534 -0.0666 0.2205  10 C   H OP2   
565 O "O5'" . C   B 10 ? 0.3268 0.4241 0.5147 0.1212  -0.0734 0.0006  10 C   H "O5'" 
566 C "C5'" . C   B 10 ? 0.3307 0.4385 0.4302 0.1317  -0.0730 0.0365  10 C   H "C5'" 
567 C "C4'" . C   B 10 ? 0.3514 0.3858 0.4691 0.1129  -0.0929 0.0414  10 C   H "C4'" 
568 O "O4'" . C   B 10 ? 0.4177 0.2891 0.4619 0.1401  -0.0843 0.0740  10 C   H "O4'" 
569 C "C3'" . C   B 10 ? 0.2496 0.3894 0.5722 0.1496  -0.1306 -0.0392 10 C   H "C3'" 
570 O "O3'" . C   B 10 ? 0.2480 0.5147 0.6776 0.0250  -0.0547 -0.1527 10 C   H "O3'" 
571 C "C2'" . C   B 10 ? 0.3019 0.2731 0.6447 0.0882  -0.2022 -0.0036 10 C   H "C2'" 
572 O "O2'" . C   B 10 ? 0.3062 0.4066 0.7696 0.0994  -0.2677 -0.2061 10 C   H "O2'" 
573 C "C1'" . C   B 10 ? 0.3254 0.2244 0.5185 0.0264  -0.1403 0.0710  10 C   H "C1'" 
574 N N1    . C   B 10 ? 0.3359 0.2029 0.6828 -0.0491 -0.1229 -0.0265 10 C   H N1    
575 C C2    . C   B 10 ? 0.3556 0.2324 0.6762 -0.1158 -0.0592 -0.0107 10 C   H C2    
576 O O2    . C   B 10 ? 0.3245 0.3539 0.4870 -0.2479 -0.0875 0.1405  10 C   H O2    
577 N N3    . C   B 10 ? 0.3264 0.3063 0.7101 -0.1074 -0.0423 -0.0768 10 C   H N3    
578 C C4    . C   B 10 ? 0.3552 0.3240 0.7137 -0.0469 -0.0608 -0.1821 10 C   H C4    
579 N N4    . C   B 10 ? 0.3255 0.3636 0.6593 -0.0281 -0.0526 -0.2391 10 C   H N4    
580 C C5    . C   B 10 ? 0.3378 0.2913 0.7345 -0.0138 -0.0925 -0.1898 10 C   H C5    
581 C C6    . C   B 10 ? 0.3268 0.2900 0.7325 -0.0003 -0.1213 -0.1155 10 C   H C6    
582 P P     . U   B 11 ? 0.1880 0.6245 0.8375 -0.0110 0.0196  -0.2937 11 U   H P     
583 O OP1   . U   B 11 ? 0.2044 0.8727 0.8397 0.0817  0.0206  -0.3694 11 U   H OP1   
584 O OP2   . U   B 11 ? 0.1879 0.6765 0.9228 0.0463  0.0321  -0.4405 11 U   H OP2   
585 O "O5'" . U   B 11 ? 0.2589 0.4935 1.0282 -0.0418 -0.0122 -0.2873 11 U   H "O5'" 
586 C "C5'" . U   B 11 ? 0.3201 0.4699 1.1118 0.0368  -0.0712 -0.2690 11 U   H "C5'" 
587 C "C4'" . U   B 11 ? 0.4514 0.5773 1.0455 0.0187  -0.0275 -0.2383 11 U   H "C4'" 
588 O "O4'" . U   B 11 ? 0.5186 0.8025 1.0536 -0.0445 -0.0228 -0.3421 11 U   H "O4'" 
589 C "C3'" . U   B 11 ? 0.4792 0.5421 1.0061 -0.0089 0.0633  -0.1955 11 U   H "C3'" 
590 O "O3'" . U   B 11 ? 0.4762 0.3027 0.8919 -0.0222 0.1345  0.0406  11 U   H "O3'" 
591 C "C2'" . U   B 11 ? 0.4839 0.7781 0.9498 -0.0654 0.1573  -0.2326 11 U   H "C2'" 
592 O "O2'" . U   B 11 ? 0.3732 0.8573 0.7102 -0.2409 0.2139  -0.0809 11 U   H "O2'" 
593 C "C1'" . U   B 11 ? 0.5566 0.9192 1.1233 -0.1768 0.1364  -0.4566 11 U   H "C1'" 
594 N N1    . U   B 11 ? 0.5491 0.8398 1.7452 -0.2228 0.1490  -0.9157 11 U   H N1    
595 C C2    . U   B 11 ? 0.5330 0.7901 1.9386 -0.2329 0.3503  -1.0730 11 U   H C2    
596 O O2    . U   B 11 ? 0.5866 0.5516 2.2319 -0.2363 0.6627  -0.9765 11 U   H O2    
597 N N3    . U   B 11 ? 0.5465 0.9184 2.0946 -0.1918 0.2881  -1.3191 11 U   H N3    
598 C C4    . U   B 11 ? 0.4752 1.0924 2.1094 -0.1181 0.2554  -1.2781 11 U   H C4    
599 O O4    . U   B 11 ? 0.4986 1.1174 2.2274 -0.1007 0.3411  -1.3531 11 U   H O4    
600 C C5    . U   B 11 ? 0.4124 1.0636 2.0618 -0.0445 0.2007  -1.2109 11 U   H C5    
601 C C6    . U   B 11 ? 0.4232 0.6874 1.9337 -0.0715 0.1336  -1.0665 11 U   H C6    
602 P P     . G   B 12 ? 0.4665 0.3613 0.8857 -0.0294 0.2093  -0.0246 12 G   H P     
603 O OP1   . G   B 12 ? 0.5233 0.7019 1.1585 -0.1886 0.4242  -0.2746 12 G   H OP1   
604 O OP2   . G   B 12 ? 0.6282 0.8274 0.7284 -0.0331 0.0788  0.0558  12 G   H OP2   
605 O "O5'" . G   B 12 ? 0.4061 0.2716 0.9783 0.0234  0.2488  -0.0246 12 G   H "O5'" 
606 C "C5'" . G   B 12 ? 0.3475 0.2810 0.9956 0.0117  0.2139  -0.0520 12 G   H "C5'" 
607 C "C4'" . G   B 12 ? 0.3416 0.2996 0.9137 -0.0241 0.1145  -0.0356 12 G   H "C4'" 
608 O "O4'" . G   B 12 ? 0.3588 0.3485 0.9012 -0.0635 0.1459  -0.0561 12 G   H "O4'" 
609 C "C3'" . G   B 12 ? 0.3214 0.2594 0.8191 0.0153  0.0812  0.0242  12 G   H "C3'" 
610 O "O3'" . G   B 12 ? 0.2564 0.3129 0.9129 0.0589  0.0103  -0.0459 12 G   H "O3'" 
611 C "C2'" . G   B 12 ? 0.3358 0.2811 0.7752 -0.0159 0.0378  0.0639  12 G   H "C2'" 
612 O "O2'" . G   B 12 ? 0.4126 0.3031 0.8305 -0.1052 -0.1304 0.0851  12 G   H "O2'" 
613 C "C1'" . G   B 12 ? 0.3537 0.3016 0.7530 -0.0411 0.0841  0.0516  12 G   H "C1'" 
614 N N9    . G   B 12 ? 0.3511 0.2559 0.7483 -0.0666 0.0611  0.0334  12 G   H N9    
615 C C8    . G   B 12 ? 0.4104 0.2252 0.7092 -0.0674 0.0584  -0.0019 12 G   H C8    
616 N N7    . G   B 12 ? 0.4164 0.2749 0.7123 -0.0570 -0.0007 0.0125  12 G   H N7    
617 C C5    . G   B 12 ? 0.3356 0.2411 0.7200 -0.0923 -0.0332 -0.0371 12 G   H C5    
618 C C6    . G   B 12 ? 0.3826 0.3263 0.6957 -0.0089 -0.0033 -0.0761 12 G   H C6    
619 O O6    . G   B 12 ? 0.4990 0.2907 0.7059 0.0760  0.0002  -0.1687 12 G   H O6    
620 N N1    . G   B 12 ? 0.3692 0.3973 0.6644 -0.0168 0.0459  -0.0843 12 G   H N1    
621 C C2    . G   B 12 ? 0.3349 0.4016 0.6481 -0.0822 0.0314  -0.0261 12 G   H C2    
622 N N2    . G   B 12 ? 0.2310 0.6730 0.5137 -0.2323 -0.1533 0.0308  12 G   H N2    
623 N N3    . G   B 12 ? 0.2784 0.2962 0.7212 -0.1466 -0.0272 0.0045  12 G   H N3    
624 C C4    . G   B 12 ? 0.2948 0.1771 0.7792 -0.1305 -0.0021 -0.0272 12 G   H C4    
625 P P     . C   B 13 ? 0.3137 0.4559 0.7963 0.0375  0.0321  -0.0479 13 C   H P     
626 O OP1   . C   B 13 ? 0.1961 0.5728 0.8822 0.1777  -0.1145 -0.1194 13 C   H OP1   
627 O OP2   . C   B 13 ? 0.6098 0.4394 0.5956 -0.0688 -0.0822 -0.1083 13 C   H OP2   
628 O "O5'" . C   B 13 ? 0.2729 0.6209 0.7274 -0.0286 -0.0742 0.0300  13 C   H "O5'" 
629 C "C5'" . C   B 13 ? 0.1671 0.6231 0.7235 0.0220  -0.0552 0.0197  13 C   H "C5'" 
630 C "C4'" . C   B 13 ? 0.1658 0.5169 0.7544 -0.0502 -0.0547 -0.0419 13 C   H "C4'" 
631 O "O4'" . C   B 13 ? 0.1336 0.5027 0.7083 -0.0535 -0.0831 -0.0210 13 C   H "O4'" 
632 C "C3'" . C   B 13 ? 0.2056 0.3044 0.5339 -0.0442 -0.0610 0.1243  13 C   H "C3'" 
633 O "O3'" . C   B 13 ? 0.2690 0.2787 0.5723 -0.0482 -0.0910 0.1644  13 C   H "O3'" 
634 C "C2'" . C   B 13 ? 0.1564 0.3848 0.4680 -0.0643 -0.1019 0.1572  13 C   H "C2'" 
635 O "O2'" . C   B 13 ? 0.2518 0.4977 0.5630 -0.0801 -0.1187 0.2622  13 C   H "O2'" 
636 C "C1'" . C   B 13 ? 0.1364 0.4427 0.4807 -0.0808 -0.0589 0.0846  13 C   H "C1'" 
637 N N1    . C   B 13 ? 0.2117 0.3701 0.4149 -0.0996 -0.1549 -0.0142 13 C   H N1    
638 C C2    . C   B 13 ? 0.2555 0.3312 0.3714 -0.0701 -0.1268 -0.0329 13 C   H C2    
639 O O2    . C   B 13 ? 0.3615 0.4421 0.3342 0.0418  -0.0153 0.0177  13 C   H O2    
640 N N3    . C   B 13 ? 0.3158 0.3992 0.3733 -0.0357 -0.1417 0.0087  13 C   H N3    
641 C C4    . C   B 13 ? 0.2528 0.3743 0.4137 -0.0222 -0.1698 0.0367  13 C   H C4    
642 N N4    . C   B 13 ? 0.3094 0.5176 0.4080 0.0897  -0.1421 0.1370  13 C   H N4    
643 C C5    . C   B 13 ? 0.2427 0.1943 0.6099 -0.0767 -0.1532 -0.0268 13 C   H C5    
644 C C6    . C   B 13 ? 0.2178 0.2072 0.5767 -0.0905 -0.1185 -0.0097 13 C   H C6    
645 P P     . U   B 14 ? 0.3419 0.3729 0.6301 -0.0791 -0.1247 0.0711  14 U   H P     
646 O OP1   . U   B 14 ? 0.5117 0.4086 0.5415 -0.0319 0.1247  0.0743  14 U   H OP1   
647 O OP2   . U   B 14 ? 0.4711 0.3407 0.4605 -0.0371 -0.0612 -0.0465 14 U   H OP2   
648 O "O5'" . U   B 14 ? 0.3288 0.2901 0.7046 -0.1168 -0.1573 0.0495  14 U   H "O5'" 
649 C "C5'" . U   B 14 ? 0.3285 0.3554 0.6798 -0.1751 -0.1700 0.0347  14 U   H "C5'" 
650 C "C4'" . U   B 14 ? 0.3669 0.2948 0.6171 -0.1356 -0.1604 0.0772  14 U   H "C4'" 
651 O "O4'" . U   B 14 ? 0.4739 0.2836 0.5795 -0.1271 -0.2203 0.1037  14 U   H "O4'" 
652 C "C3'" . U   B 14 ? 0.3717 0.2882 0.6070 -0.1232 -0.1574 0.0566  14 U   H "C3'" 
653 O "O3'" . U   B 14 ? 0.3940 0.1761 0.5786 -0.0695 -0.2255 0.1661  14 U   H "O3'" 
654 C "C2'" . U   B 14 ? 0.4174 0.4312 0.6588 -0.0424 -0.1958 -0.0305 14 U   H "C2'" 
655 O "O2'" . U   B 14 ? 0.3729 0.5860 0.8711 -0.1634 -0.0263 -0.0806 14 U   H "O2'" 
656 C "C1'" . U   B 14 ? 0.5101 0.3364 0.5982 -0.0633 -0.1984 0.0365  14 U   H "C1'" 
657 N N1    . U   B 14 ? 0.5956 0.3771 0.4202 -0.0137 -0.2382 0.0485  14 U   H N1    
658 C C2    . U   B 14 ? 0.6276 0.3493 0.6066 -0.0038 -0.2509 -0.0354 14 U   H C2    
659 O O2    . U   B 14 ? 0.5362 0.5313 0.8814 0.0213  -0.2442 0.0974  14 U   H O2    
660 N N3    . U   B 14 ? 0.7480 0.2824 0.6409 0.0055  -0.2773 -0.0998 14 U   H N3    
661 C C4    . U   B 14 ? 0.8322 0.2478 0.5341 -0.0638 -0.3164 -0.0979 14 U   H C4    
662 O O4    . U   B 14 ? 1.0789 0.2433 0.5889 -0.0123 -0.2604 -0.0971 14 U   H O4    
663 C C5    . U   B 14 ? 0.7124 0.3180 0.3580 -0.1173 -0.3311 -0.0171 14 U   H C5    
664 C C6    . U   B 14 ? 0.6553 0.3118 0.3309 -0.0789 -0.2391 -0.0270 14 U   H C6    
665 P P     . G   B 15 ? 0.3036 0.2339 0.5716 -0.0840 -0.1424 0.0909  15 G   H P     
666 O OP1   . G   B 15 ? 0.3541 0.2442 0.6126 -0.1180 -0.0452 0.0615  15 G   H OP1   
667 O OP2   . G   B 15 ? 0.3035 0.1727 0.7135 -0.0594 -0.0084 -0.1142 15 G   H OP2   
668 O "O5'" . G   B 15 ? 0.2689 0.2442 0.4686 -0.1274 -0.1135 0.2175  15 G   H "O5'" 
669 C "C5'" . G   B 15 ? 0.2884 0.3892 0.3782 -0.1032 -0.0910 0.2214  15 G   H "C5'" 
670 C "C4'" . G   B 15 ? 0.2700 0.4002 0.3351 -0.1012 -0.1172 0.1692  15 G   H "C4'" 
671 O "O4'" . G   B 15 ? 0.2104 0.4459 0.3004 -0.0683 -0.1380 0.1327  15 G   H "O4'" 
672 C "C3'" . G   B 15 ? 0.1683 0.4014 0.3076 -0.0418 -0.0997 0.1196  15 G   H "C3'" 
673 O "O3'" . G   B 15 ? 0.2034 0.4644 0.3494 -0.0900 -0.0608 0.0659  15 G   H "O3'" 
674 C "C2'" . G   B 15 ? 0.1472 0.4460 0.2720 -0.0151 -0.0891 0.1139  15 G   H "C2'" 
675 O "O2'" . G   B 15 ? 0.2069 0.1698 0.2461 -0.0585 -0.0567 0.1696  15 G   H "O2'" 
676 C "C1'" . G   B 15 ? 0.2159 0.4043 0.3261 -0.0508 -0.1217 0.1084  15 G   H "C1'" 
677 N N9    . G   B 15 ? 0.2101 0.4315 0.3562 -0.0494 -0.1238 0.1377  15 G   H N9    
678 C C8    . G   B 15 ? 0.2148 0.3896 0.6693 -0.0101 -0.0162 0.0277  15 G   H C8    
679 N N7    . G   B 15 ? 0.2239 0.4741 0.6587 -0.0375 0.0088  0.0714  15 G   H N7    
680 C C5    . G   B 15 ? 0.2547 0.4462 0.5005 -0.0608 -0.0002 0.0832  15 G   H C5    
681 C C6    . G   B 15 ? 0.2645 0.4357 0.4926 -0.0815 0.0282  0.0325  15 G   H C6    
682 O O6    . G   B 15 ? 0.2758 0.5620 0.4907 -0.1650 -0.0985 0.1004  15 G   H O6    
683 N N1    . G   B 15 ? 0.2968 0.3139 0.5219 -0.0511 0.0782  -0.0903 15 G   H N1    
684 C C2    . G   B 15 ? 0.2846 0.2847 0.4990 -0.0194 0.0936  -0.0346 15 G   H C2    
685 N N2    . G   B 15 ? 0.3064 0.2660 0.5637 0.0074  0.2383  0.0313  15 G   H N2    
686 N N3    . G   B 15 ? 0.2724 0.3805 0.3052 -0.0228 -0.0210 0.0982  15 G   H N3    
687 C C4    . G   B 15 ? 0.2396 0.4281 0.3482 -0.0478 -0.0595 0.1310  15 G   H C4    
688 P P     . C   B 16 ? 0.3093 0.4016 0.3555 -0.0847 -0.0447 0.0627  16 C   H P     
689 O OP1   . C   B 16 ? 0.2869 0.4079 0.4972 -0.0584 -0.0313 -0.0154 16 C   H OP1   
690 O OP2   . C   B 16 ? 0.3109 0.2572 0.3283 -0.0322 -0.0194 0.0595  16 C   H OP2   
691 O "O5'" . C   B 16 ? 0.2104 0.4333 0.3525 -0.0479 0.0171  0.0703  16 C   H "O5'" 
692 C "C5'" . C   B 16 ? 0.1812 0.4408 0.4214 -0.0998 0.0341  0.0571  16 C   H "C5'" 
693 C "C4'" . C   B 16 ? 0.1580 0.4393 0.3948 -0.0610 -0.0063 0.0330  16 C   H "C4'" 
694 O "O4'" . C   B 16 ? 0.2236 0.4564 0.4226 -0.0996 0.0188  0.0046  16 C   H "O4'" 
695 C "C3'" . C   B 16 ? 0.1976 0.3730 0.4121 -0.0783 0.0061  0.0341  16 C   H "C3'" 
696 O "O3'" . C   B 16 ? 0.2459 0.2671 0.3725 -0.0967 -0.0261 0.1236  16 C   H "O3'" 
697 C "C2'" . C   B 16 ? 0.2391 0.3787 0.4205 -0.0639 0.0480  -0.0133 16 C   H "C2'" 
698 O "O2'" . C   B 16 ? 0.2195 0.3413 0.4605 -0.0782 0.0650  -0.0430 16 C   H "O2'" 
699 C "C1'" . C   B 16 ? 0.2909 0.4364 0.4099 -0.0750 0.0577  -0.0103 16 C   H "C1'" 
700 N N1    . C   B 16 ? 0.3363 0.5182 0.2998 -0.1538 0.0579  0.0192  16 C   H N1    
701 C C2    . C   B 16 ? 0.4657 0.4721 0.4226 -0.1878 0.0914  -0.0438 16 C   H C2    
702 O O2    . C   B 16 ? 0.5412 0.6833 0.3833 -0.2813 0.0259  0.3116  16 C   H O2    
703 N N3    . C   B 16 ? 0.5243 0.5112 0.3555 -0.2800 0.0173  -0.0951 16 C   H N3    
704 C C4    . C   B 16 ? 0.4551 0.5775 0.3442 -0.3067 -0.0123 -0.0891 16 C   H C4    
705 N N4    . C   B 16 ? 0.4690 0.5630 0.5360 -0.3421 0.0516  -0.1466 16 C   H N4    
706 C C5    . C   B 16 ? 0.3274 0.5413 0.3910 -0.2712 -0.0563 -0.0990 16 C   H C5    
707 C C6    . C   B 16 ? 0.2871 0.6183 0.2418 -0.2061 -0.0234 0.0330  16 C   H C6    
708 P P     . U   B 17 ? 0.2813 0.2485 0.3845 -0.0531 -0.0273 0.0901  17 U   H P     
709 O OP1   . U   B 17 ? 0.2710 0.3388 0.3436 -0.1206 -0.0070 0.1440  17 U   H OP1   
710 O OP2   . U   B 17 ? 0.3521 0.2563 0.3526 -0.0084 -0.0599 0.0551  17 U   H OP2   
711 O "O5'" . U   B 17 ? 0.2666 0.3104 0.3064 -0.0857 -0.0711 0.1391  17 U   H "O5'" 
712 C "C5'" . U   B 17 ? 0.2263 0.3633 0.2799 -0.0635 -0.0266 0.1508  17 U   H "C5'" 
713 C "C4'" . U   B 17 ? 0.2249 0.3595 0.2713 -0.0418 0.0348  0.1743  17 U   H "C4'" 
714 O "O4'" . U   B 17 ? 0.3081 0.2819 0.2792 -0.0321 0.0727  0.1046  17 U   H "O4'" 
715 C "C3'" . U   B 17 ? 0.2542 0.2210 0.2868 0.0261  0.0631  0.1168  17 U   H "C3'" 
716 O "O3'" . U   B 17 ? 0.3084 0.2972 0.2856 0.0721  0.0540  0.0803  17 U   H "O3'" 
717 C "C2'" . U   B 17 ? 0.2196 0.2161 0.3297 0.0234  0.0905  0.1190  17 U   H "C2'" 
718 O "O2'" . U   B 17 ? 0.1743 0.2134 0.3997 0.0076  0.0426  0.0840  17 U   H "O2'" 
719 C "C1'" . U   B 17 ? 0.2609 0.2832 0.3285 -0.0170 0.0644  0.0801  17 U   H "C1'" 
720 N N1    . U   B 17 ? 0.2937 0.3505 0.2984 0.0316  0.0463  0.0303  17 U   H N1    
721 C C2    . U   B 17 ? 0.2706 0.3764 0.3380 0.0439  0.0326  -0.0699 17 U   H C2    
722 O O2    . U   B 17 ? 0.1554 0.3143 0.6269 0.0285  -0.0249 -0.1170 17 U   H O2    
723 N N3    . U   B 17 ? 0.2945 0.4462 0.2604 0.0559  0.0431  -0.0214 17 U   H N3    
724 C C4    . U   B 17 ? 0.3507 0.4449 0.3310 0.0690  0.0248  -0.0126 17 U   H C4    
725 O O4    . U   B 17 ? 0.3203 0.5176 0.3435 0.0537  0.0679  0.0894  17 U   H O4    
726 C C5    . U   B 17 ? 0.3391 0.4699 0.2417 0.0649  0.0347  0.0877  17 U   H C5    
727 C C6    . U   B 17 ? 0.3340 0.4379 0.2216 0.0526  0.0617  0.1291  17 U   H C6    
728 P P     . G   B 18 ? 0.2857 0.2502 0.3469 0.0910  0.0050  0.0235  18 G   H P     
729 O OP1   . G   B 18 ? 0.3458 0.2981 0.3053 0.1141  -0.0046 0.0543  18 G   H OP1   
730 O OP2   . G   B 18 ? 0.2994 0.3735 0.3744 0.1349  0.0100  0.1027  18 G   H OP2   
731 O "O5'" . G   B 18 ? 0.2670 0.3941 0.3729 0.0870  0.0629  0.0999  18 G   H "O5'" 
732 C "C5'" . G   B 18 ? 0.2682 0.3771 0.4047 0.0257  0.0453  0.1225  18 G   H "C5'" 
733 C "C4'" . G   B 18 ? 0.2474 0.4233 0.5278 0.0213  -0.0020 0.0929  18 G   H "C4'" 
734 O "O4'" . G   B 18 ? 0.2176 0.4452 0.4905 0.0035  0.0224  0.1398  18 G   H "O4'" 
735 C "C3'" . G   B 18 ? 0.2171 0.5932 0.5111 0.0178  -0.0212 0.0509  18 G   H "C3'" 
736 O "O3'" . G   B 18 ? 0.2470 0.7478 0.5051 -0.2045 0.0131  0.0380  18 G   H "O3'" 
737 C "C2'" . G   B 18 ? 0.2686 0.5364 0.3678 -0.0410 0.0170  0.1550  18 G   H "C2'" 
738 O "O2'" . G   B 18 ? 0.3372 0.5730 0.3746 0.0089  -0.0111 0.1940  18 G   H "O2'" 
739 C "C1'" . G   B 18 ? 0.2182 0.4975 0.3990 -0.0014 0.0526  0.1553  18 G   H "C1'" 
740 N N9    . G   B 18 ? 0.1931 0.4683 0.3383 0.0458  0.1078  0.1074  18 G   H N9    
741 C C8    . G   B 18 ? 0.2056 0.5199 0.3377 0.0405  0.1533  0.1543  18 G   H C8    
742 N N7    . G   B 18 ? 0.2200 0.4154 0.4850 0.1217  0.1486  0.1072  18 G   H N7    
743 C C5    . G   B 18 ? 0.2153 0.3218 0.4798 0.1706  0.1194  0.0105  18 G   H C5    
744 C C6    . G   B 18 ? 0.2666 0.3613 0.4096 0.1476  0.0933  0.0195  18 G   H C6    
745 O O6    . G   B 18 ? 0.3273 0.5105 0.4544 0.1428  0.0978  0.1476  18 G   H O6    
746 N N1    . G   B 18 ? 0.3105 0.3732 0.4661 0.0985  0.0280  -0.0105 18 G   H N1    
747 C C2    . G   B 18 ? 0.2200 0.3564 0.5555 0.0938  0.0471  0.0108  18 G   H C2    
748 N N2    . G   B 18 ? 0.3045 0.2440 1.0082 0.0655  -0.1450 -0.0150 18 G   H N2    
749 N N3    . G   B 18 ? 0.1812 0.5564 0.3102 0.0355  0.1351  0.1023  18 G   H N3    
750 C C4    . G   B 18 ? 0.2148 0.4349 0.3685 0.0707  0.0810  0.0691  18 G   H C4    
751 O O     . HOH C .  ? 0.1877 0.1853 0.2154 0.0421  0.0550  0.1181  19 HOH G O     
752 O O     . HOH C .  ? 0.6934 0.6901 0.6827 0.0001  0.0001  -0.0059 20 HOH G O     
753 O O     . HOH C .  ? 0.4720 0.4527 0.4094 0.0005  0.0008  -0.0348 21 HOH G O     
754 O O     . HOH C .  ? 0.4586 0.3522 0.4892 0.0539  0.0608  -0.0097 22 HOH G O     
755 O O     . HOH C .  ? 0.3546 0.6344 0.5979 -0.0222 -0.0161 -0.1191 23 HOH G O     
756 O O     . HOH C .  ? 0.4728 0.3939 0.5774 -0.0316 -0.0366 0.0233  24 HOH G O     
757 O O     . HOH C .  ? 0.8260 0.7602 0.8292 -0.0483 -0.0174 -0.0117 25 HOH G O     
758 O O     . HOH C .  ? 0.5079 0.2711 0.5832 0.1155  -0.0126 0.0515  26 HOH G O     
759 O O     . HOH C .  ? 0.6060 0.3721 0.7039 -0.0683 -0.0165 0.0124  27 HOH G O     
760 O O     . HOH C .  ? 0.5752 0.7276 0.6107 0.0830  0.0156  0.0275  28 HOH G O     
761 O O     . HOH C .  ? 0.5446 0.7116 0.5308 -0.0098 0.0146  0.0670  29 HOH G O     
762 O O     . HOH C .  ? 0.5270 0.5622 0.5181 -0.0722 0.1161  0.0350  30 HOH G O     
763 O O     . HOH C .  ? 0.3037 0.2377 0.4926 -0.0025 0.0687  0.1604  31 HOH G O     
764 O O     . HOH C .  ? 0.2664 0.4127 0.3241 0.0044  -0.0555 0.1348  32 HOH G O     
765 O O     . HOH C .  ? 0.1755 0.2037 0.4815 0.0720  -0.0258 -0.0282 33 HOH G O     
766 O O     . HOH C .  ? 0.6390 0.4184 0.8255 0.0452  0.0441  -0.0591 34 HOH G O     
767 O O     . HOH C .  ? 0.3591 0.2005 0.5239 0.0480  -0.0349 0.1965  35 HOH G O     
768 O O     . HOH C .  ? 0.6504 0.7358 0.5844 0.0098  -0.0454 0.0358  36 HOH G O     
769 O O     . HOH C .  ? 0.5432 0.6022 0.3898 -0.0130 0.1210  0.1529  37 HOH G O     
770 O O     . HOH C .  ? 0.4575 0.4551 0.4497 0.0001  0.0001  -0.0043 38 HOH G O     
771 O O     . HOH C .  ? 0.0579 0.1153 0.2440 -0.0013 -0.0024 0.1034  39 HOH G O     
772 O O     . HOH C .  ? 0.3448 0.3617 0.3996 -0.0004 -0.0007 0.0304  40 HOH G O     
773 O O     . HOH C .  ? 0.4552 0.4837 0.5403 -0.1113 -0.0100 0.0889  49 HOH G O     
774 O O     . HOH D .  ? 0.1640 0.2712 0.3324 0.0479  0.0556  0.1524  19 HOH H O     
775 O O     . HOH D .  ? 1.0530 1.0529 1.0527 0.0000  0.0000  -0.0002 20 HOH H O     
776 O O     . HOH D .  ? 0.7427 0.6737 0.7554 0.0769  0.0240  0.0833  21 HOH H O     
777 O O     . HOH D .  ? 0.3651 0.5564 0.5705 0.0555  -0.0786 0.0510  22 HOH H O     
778 O O     . HOH D .  ? 0.2710 0.2412 0.3090 -0.0772 -0.0053 0.0520  23 HOH H O     
779 O O     . HOH D .  ? 0.2148 0.2423 0.3358 -0.0372 -0.0687 0.0643  24 HOH H O     
780 O O     . HOH D .  ? 0.2241 0.2041 0.3756 -0.0197 -0.0085 0.1045  25 HOH H O     
781 O O     . HOH D .  ? 0.6062 0.7168 0.5054 0.0180  -0.0102 0.1974  26 HOH H O     
782 O O     . HOH D .  ? 0.3787 0.5431 0.4863 -0.0118 -0.0525 0.0167  27 HOH H O     
783 O O     . HOH D .  ? 0.4315 0.4315 0.4315 0.0000  0.0000  0.0000  28 HOH H O     
784 O O     . HOH D .  ? 0.4633 0.4731 0.4666 -0.0635 0.0888  0.0620  30 HOH H O     
785 O O     . HOH D .  ? 0.2276 0.1516 0.5836 0.0382  -0.0668 -0.0512 32 HOH H O     
786 O O     . HOH D .  ? 0.4946 0.6821 0.4547 0.0256  -0.0613 0.0137  33 HOH H O     
787 O O     . HOH D .  ? 0.3176 0.6383 0.4962 0.1133  -0.1150 0.0137  34 HOH H O     
788 O O     . HOH D .  ? 0.6459 0.6160 0.6843 -0.0588 -0.0303 -0.1196 35 HOH H O     
789 O O     . HOH D .  ? 0.3556 0.3131 0.4847 0.0502  -0.0429 0.0272  38 HOH H O     
790 O O     . HOH D .  ? 0.6349 0.5645 0.6473 -0.0034 -0.0415 0.0835  40 HOH H O     
791 O O     . HOH D .  ? 0.3289 0.4744 0.5710 -0.1882 0.0318  0.1408  41 HOH H O     
792 O O     . HOH D .  ? 0.2806 0.4397 0.3935 -0.0562 0.0749  -0.1691 42 HOH H O     
793 O O     . HOH D .  ? 0.4932 0.2239 0.6452 0.0123  0.0051  -0.0279 43 HOH H O     
794 O O     . HOH D .  ? 0.4254 0.3977 0.5912 0.1388  -0.0009 0.1223  44 HOH H O     
795 O O     . HOH D .  ? 0.4693 0.6872 0.3922 -0.0842 0.0537  0.1669  45 HOH H O     
796 O O     . HOH D .  ? 0.3714 0.4637 0.5469 0.0373  0.1456  -0.1782 46 HOH H O     
797 O O     . HOH D .  ? 0.4909 0.7064 0.4743 -0.0661 -0.1056 0.0342  47 HOH H O     
798 O O     . HOH D .  ? 0.4141 0.6637 0.4971 0.0472  0.0733  -0.0292 48 HOH H O     
799 O O     . HOH D .  ? 0.5080 0.4169 0.5644 -0.1117 0.0238  0.0125  50 HOH H O     
800 O O     . HOH D .  ? 0.8720 0.7129 0.9401 0.0309  0.0165  -0.1446 51 HOH H O     
801 O O     . HOH D .  ? 0.4854 0.5586 0.5647 -0.1188 -0.0597 0.0534  52 HOH H O     
802 O O     . HOH D .  ? 0.5607 0.6930 0.5028 -0.0475 0.1363  0.0704  53 HOH H O     
# 
